data_4I8C
#
_entry.id   4I8C
#
_cell.length_a   158.630
_cell.length_b   158.630
_cell.length_c   135.820
_cell.angle_alpha   90.00
_cell.angle_beta   90.00
_cell.angle_gamma   120.00
#
_symmetry.space_group_name_H-M   'P 62'
#
loop_
_entity.id
_entity.type
_entity.pdbx_description
1 polymer 'Nickel-binding periplasmic protein'
2 non-polymer HISTIDINE
3 non-polymer 'NICKEL (II) ION'
4 non-polymer 'ACETATE ION'
5 non-polymer GLYCEROL
6 non-polymer 'CHLORIDE ION'
7 non-polymer 'SULFATE ION'
8 water water
#
_entity_poly.entity_id   1
_entity_poly.type   'polypeptide(L)'
_entity_poly.pdbx_seq_one_letter_code
;AAPDEITTAWPVNVGPLNPHLYTPNQMFAQSMVYEPLVKYQADGSVIPWLAKSWTHSEDGKTWTFTLRDDVKFSNGEPFD
AEAAAENFRAVLDNRQRHAWLELANQIVDVKALSKTELQITLKSAYYPFLQELALPRPFRFIAPSQFKNHETMNGIKAPI
GTGPWILQESKLNQYDVFVRNENYWGEKPAIKKITFNVIPDPTTRAVAFETGDIDLLYGNEGLLPLDTFARFSQNPAYHT
QLSQPIETVMLALNTAKAPTNELAVREALNYAVNKKSLIDNALYGTQQVADTLFAPSVPYANLGLKPSQYDPQKAKALLE
KAGWTLPAGKDIREKNGQPLRIELSFIGTDALSKSMAEIIQADMRQIGADVSLIGEEESSIYARQRDGRFGMIFHRTWGA
PYDPHAFLSSMRVPSHADFQAQQGLADKPLIDKEIGEVLATHDETQRQALYRDILTRLHDEAVYLPISYISMMVVSKPEL
GNIPYAPIATEIPFEQIKPVKP
;
_entity_poly.pdbx_strand_id   A,B,C
#
# COMPACT_ATOMS: atom_id res chain seq x y z
N ALA A 2 13.65 39.72 4.97
CA ALA A 2 14.21 39.01 3.81
C ALA A 2 13.87 37.51 3.86
N PRO A 3 13.75 36.87 2.68
CA PRO A 3 13.41 35.43 2.62
C PRO A 3 14.54 34.51 3.14
N ASP A 4 15.79 34.94 2.99
CA ASP A 4 16.92 34.12 3.38
C ASP A 4 17.32 34.36 4.84
N GLU A 5 16.44 35.04 5.58
CA GLU A 5 16.60 35.22 7.01
C GLU A 5 15.44 34.53 7.74
N ILE A 6 15.70 33.92 8.89
CA ILE A 6 14.61 33.30 9.65
C ILE A 6 14.65 33.69 11.11
N THR A 7 13.46 33.74 11.71
CA THR A 7 13.39 33.97 13.13
C THR A 7 12.86 32.71 13.83
N THR A 8 13.51 32.36 14.93
CA THR A 8 13.09 31.21 15.73
C THR A 8 13.05 31.55 17.23
N ALA A 9 12.98 30.53 18.08
CA ALA A 9 12.95 30.78 19.52
C ALA A 9 13.68 29.71 20.29
N TRP A 10 14.03 30.05 21.53
CA TRP A 10 14.70 29.15 22.47
C TRP A 10 14.40 29.72 23.83
N PRO A 11 14.30 28.86 24.84
CA PRO A 11 13.86 29.36 26.16
C PRO A 11 14.93 30.16 26.91
N VAL A 12 16.20 29.94 26.57
CA VAL A 12 17.31 30.68 27.17
C VAL A 12 18.25 31.18 26.07
N ASN A 13 19.10 32.15 26.40
CA ASN A 13 20.21 32.53 25.53
C ASN A 13 21.13 31.35 25.28
N VAL A 14 21.84 31.36 24.15
CA VAL A 14 22.71 30.25 23.76
C VAL A 14 23.91 30.04 24.69
N GLY A 15 24.27 31.08 25.45
CA GLY A 15 25.43 31.02 26.34
C GLY A 15 26.72 31.47 25.68
N PRO A 16 27.85 31.41 26.42
CA PRO A 16 29.17 31.88 25.93
C PRO A 16 29.72 31.12 24.73
N LEU A 17 29.18 29.93 24.45
CA LEU A 17 29.66 29.09 23.33
C LEU A 17 31.15 28.75 23.47
N ASN A 18 31.54 28.47 24.71
CA ASN A 18 32.78 27.75 24.97
C ASN A 18 32.60 26.34 24.42
N PRO A 19 33.48 25.91 23.52
CA PRO A 19 33.31 24.58 22.93
C PRO A 19 33.67 23.43 23.89
N HIS A 20 34.23 23.76 25.04
CA HIS A 20 34.82 22.74 25.91
C HIS A 20 34.17 22.76 27.28
N LEU A 21 33.09 23.52 27.40
CA LEU A 21 32.30 23.47 28.62
C LEU A 21 30.83 23.07 28.35
N TYR A 22 30.08 22.95 29.43
CA TYR A 22 28.71 22.46 29.38
C TYR A 22 27.76 23.60 29.78
N THR A 23 26.93 23.40 30.80
CA THR A 23 26.05 24.45 31.30
C THR A 23 26.80 25.76 31.53
N PRO A 24 26.28 26.90 31.01
CA PRO A 24 24.97 27.06 30.38
C PRO A 24 25.04 27.14 28.85
N ASN A 25 26.08 26.58 28.25
CA ASN A 25 26.14 26.50 26.79
C ASN A 25 25.11 25.53 26.22
N GLN A 26 24.41 25.94 25.18
CA GLN A 26 23.44 25.07 24.51
C GLN A 26 24.11 24.26 23.41
N MET A 27 23.91 22.95 23.42
CA MET A 27 24.63 22.08 22.50
C MET A 27 24.36 22.39 21.02
N PHE A 28 23.12 22.71 20.66
CA PHE A 28 22.83 22.92 19.23
C PHE A 28 23.64 24.12 18.72
N ALA A 29 23.79 25.13 19.59
CA ALA A 29 24.51 26.36 19.25
C ALA A 29 26.02 26.09 19.13
N GLN A 30 26.55 25.33 20.08
CA GLN A 30 27.92 24.84 19.97
C GLN A 30 28.13 24.12 18.64
N SER A 31 27.15 23.34 18.21
CA SER A 31 27.32 22.58 16.96
C SER A 31 27.17 23.40 15.68
N MET A 32 26.56 24.58 15.79
CA MET A 32 26.44 25.51 14.66
C MET A 32 27.77 26.24 14.35
N VAL A 33 28.50 26.59 15.42
CA VAL A 33 29.74 27.35 15.37
C VAL A 33 31.00 26.44 15.26
N TYR A 34 31.06 25.40 16.08
CA TYR A 34 32.23 24.53 16.09
C TYR A 34 32.04 23.20 15.39
N GLU A 35 33.14 22.65 14.89
CA GLU A 35 33.11 21.44 14.09
C GLU A 35 34.02 20.34 14.68
N PRO A 36 33.71 19.07 14.33
CA PRO A 36 34.47 17.87 14.74
C PRO A 36 35.43 17.42 13.65
N LEU A 37 36.33 16.47 13.97
CA LEU A 37 37.22 15.91 12.96
C LEU A 37 36.45 15.01 12.00
N VAL A 38 35.54 14.19 12.54
CA VAL A 38 34.67 13.35 11.72
C VAL A 38 33.22 13.65 12.06
N LYS A 39 32.32 13.51 11.09
CA LYS A 39 30.91 13.86 11.29
CA LYS A 39 30.91 13.86 11.29
C LYS A 39 29.98 12.64 11.34
N TYR A 40 29.17 12.59 12.40
CA TYR A 40 28.25 11.48 12.64
C TYR A 40 27.16 11.39 11.56
N GLN A 41 26.77 10.17 11.21
CA GLN A 41 25.81 9.92 10.14
C GLN A 41 24.58 9.14 10.62
N ALA A 42 23.46 9.29 9.88
CA ALA A 42 22.19 8.67 10.25
C ALA A 42 22.27 7.15 10.34
N ASP A 43 23.10 6.55 9.48
CA ASP A 43 23.28 5.10 9.45
C ASP A 43 24.17 4.60 10.59
N GLY A 44 24.73 5.52 11.36
CA GLY A 44 25.55 5.15 12.51
C GLY A 44 27.04 5.23 12.30
N SER A 45 27.47 5.66 11.12
CA SER A 45 28.91 5.80 10.86
C SER A 45 29.39 7.24 11.05
N VAL A 46 30.65 7.46 10.73
CA VAL A 46 31.17 8.83 10.61
C VAL A 46 31.76 8.98 9.21
N ILE A 47 31.89 10.22 8.76
CA ILE A 47 32.52 10.55 7.50
C ILE A 47 33.62 11.55 7.78
N PRO A 48 34.59 11.68 6.84
CA PRO A 48 35.62 12.71 7.02
C PRO A 48 34.99 14.09 7.07
N TRP A 49 35.44 14.90 8.02
CA TRP A 49 35.01 16.28 8.14
C TRP A 49 36.25 17.21 8.11
N LEU A 50 36.62 17.75 9.27
CA LEU A 50 37.85 18.54 9.36
C LEU A 50 39.09 17.69 9.06
N ALA A 51 38.97 16.39 9.28
CA ALA A 51 40.00 15.44 8.89
C ALA A 51 39.59 14.86 7.54
N LYS A 52 40.44 15.01 6.54
CA LYS A 52 40.17 14.47 5.21
C LYS A 52 40.25 12.94 5.19
N SER A 53 41.26 12.41 5.87
CA SER A 53 41.50 10.98 5.95
C SER A 53 42.32 10.71 7.19
N TRP A 54 42.49 9.43 7.50
CA TRP A 54 43.29 9.07 8.66
C TRP A 54 43.85 7.66 8.50
N THR A 55 44.85 7.36 9.32
CA THR A 55 45.41 6.01 9.40
C THR A 55 45.60 5.67 10.87
N HIS A 56 45.65 4.38 11.18
CA HIS A 56 45.83 3.96 12.56
C HIS A 56 46.90 2.90 12.68
N SER A 57 47.62 2.93 13.81
CA SER A 57 48.66 1.94 14.08
C SER A 57 48.08 0.53 14.18
N GLU A 58 48.97 -0.43 13.98
CA GLU A 58 48.63 -1.84 13.99
C GLU A 58 47.90 -2.23 15.27
N ASP A 59 48.41 -1.73 16.40
CA ASP A 59 47.79 -1.99 17.70
C ASP A 59 46.58 -1.09 17.97
N GLY A 60 46.26 -0.26 16.98
CA GLY A 60 45.10 0.62 17.04
C GLY A 60 45.13 1.69 18.12
N LYS A 61 46.30 1.94 18.70
CA LYS A 61 46.39 2.95 19.76
C LYS A 61 46.84 4.34 19.28
N THR A 62 47.49 4.37 18.13
CA THR A 62 48.01 5.64 17.61
C THR A 62 47.38 5.98 16.28
N TRP A 63 46.78 7.16 16.24
CA TRP A 63 46.00 7.57 15.08
C TRP A 63 46.58 8.83 14.49
N THR A 64 46.75 8.82 13.18
CA THR A 64 47.26 10.01 12.52
C THR A 64 46.25 10.54 11.50
N PHE A 65 45.71 11.72 11.79
CA PHE A 65 44.68 12.32 10.94
C PHE A 65 45.30 13.31 9.94
N THR A 66 44.92 13.19 8.66
CA THR A 66 45.27 14.22 7.69
C THR A 66 44.14 15.25 7.59
N LEU A 67 44.40 16.46 8.10
CA LEU A 67 43.42 17.55 8.10
C LEU A 67 43.27 18.21 6.74
N ARG A 68 42.19 18.95 6.56
CA ARG A 68 42.03 19.80 5.38
C ARG A 68 42.96 21.01 5.49
N ASP A 69 43.38 21.53 4.34
CA ASP A 69 44.36 22.61 4.27
C ASP A 69 43.72 23.94 3.90
N ASP A 70 42.44 23.90 3.55
CA ASP A 70 41.72 25.07 3.09
C ASP A 70 40.78 25.59 4.15
N VAL A 71 41.01 25.20 5.40
CA VAL A 71 40.08 25.55 6.46
C VAL A 71 40.58 26.73 7.30
N LYS A 72 39.76 27.79 7.34
CA LYS A 72 40.04 28.92 8.20
C LYS A 72 38.97 29.03 9.26
N PHE A 73 39.36 29.44 10.45
CA PHE A 73 38.38 29.91 11.42
C PHE A 73 37.64 31.10 10.82
N SER A 74 36.52 31.49 11.43
CA SER A 74 35.67 32.54 10.87
C SER A 74 36.36 33.91 10.90
N ASN A 75 37.36 34.05 11.78
CA ASN A 75 38.13 35.28 11.90
C ASN A 75 39.35 35.35 10.97
N GLY A 76 39.45 34.41 10.03
CA GLY A 76 40.53 34.40 9.07
C GLY A 76 41.74 33.53 9.43
N GLU A 77 42.05 33.45 10.73
CA GLU A 77 43.16 32.64 11.22
C GLU A 77 43.03 31.20 10.73
N PRO A 78 44.16 30.51 10.52
CA PRO A 78 44.09 29.19 9.88
C PRO A 78 43.84 28.04 10.86
N PHE A 79 43.05 27.06 10.42
CA PHE A 79 42.89 25.82 11.17
C PHE A 79 43.94 24.80 10.69
N ASP A 80 44.82 24.41 11.62
CA ASP A 80 45.88 23.46 11.35
C ASP A 80 46.07 22.50 12.52
N ALA A 81 46.95 21.52 12.35
CA ALA A 81 47.20 20.51 13.37
C ALA A 81 47.56 21.12 14.72
N GLU A 82 48.34 22.20 14.71
CA GLU A 82 48.78 22.82 15.95
C GLU A 82 47.61 23.44 16.69
N ALA A 83 46.66 24.00 15.93
CA ALA A 83 45.41 24.52 16.48
C ALA A 83 44.62 23.39 17.15
N ALA A 84 44.42 22.31 16.40
CA ALA A 84 43.75 21.12 16.90
C ALA A 84 44.41 20.64 18.19
N ALA A 85 45.72 20.48 18.13
CA ALA A 85 46.48 19.96 19.26
C ALA A 85 46.26 20.84 20.48
N GLU A 86 46.17 22.14 20.26
CA GLU A 86 45.98 23.06 21.37
C GLU A 86 44.61 22.88 22.01
N ASN A 87 43.60 22.63 21.18
CA ASN A 87 42.24 22.36 21.66
C ASN A 87 42.16 21.12 22.55
N PHE A 88 42.64 19.99 22.03
CA PHE A 88 42.72 18.77 22.82
C PHE A 88 43.43 19.02 24.14
N ARG A 89 44.56 19.74 24.08
CA ARG A 89 45.31 20.06 25.28
C ARG A 89 44.45 20.87 26.25
N ALA A 90 43.76 21.89 25.74
CA ALA A 90 42.93 22.74 26.58
C ALA A 90 41.76 21.96 27.20
N VAL A 91 41.28 20.95 26.48
CA VAL A 91 40.24 20.06 26.98
C VAL A 91 40.75 19.20 28.14
N LEU A 92 41.83 18.47 27.88
CA LEU A 92 42.41 17.53 28.85
C LEU A 92 42.99 18.18 30.11
N ASP A 93 43.22 19.49 30.07
CA ASP A 93 43.58 20.24 31.28
C ASP A 93 42.43 20.23 32.29
N ASN A 94 41.21 19.99 31.77
CA ASN A 94 40.02 19.87 32.59
C ASN A 94 39.44 18.44 32.51
N ARG A 95 40.33 17.47 32.31
CA ARG A 95 39.98 16.07 32.04
C ARG A 95 38.94 15.47 33.00
N GLN A 96 38.98 15.88 34.26
CA GLN A 96 38.08 15.31 35.26
C GLN A 96 36.62 15.67 34.97
N ARG A 97 36.44 16.78 34.27
CA ARG A 97 35.11 17.29 33.94
C ARG A 97 34.50 16.50 32.77
N HIS A 98 35.37 15.88 31.99
CA HIS A 98 34.95 15.17 30.81
C HIS A 98 34.96 13.65 31.04
N ALA A 99 35.12 13.26 32.30
CA ALA A 99 35.37 11.86 32.66
C ALA A 99 34.15 10.96 32.35
N TRP A 100 32.99 11.59 32.21
CA TRP A 100 31.76 10.92 31.79
C TRP A 100 31.94 10.29 30.40
N LEU A 101 32.75 10.92 29.56
CA LEU A 101 32.98 10.41 28.22
C LEU A 101 34.31 9.69 28.26
N GLU A 102 34.31 8.41 27.88
CA GLU A 102 35.51 7.59 28.07
C GLU A 102 36.72 8.01 27.24
N LEU A 103 36.48 8.52 26.04
CA LEU A 103 37.54 9.04 25.19
C LEU A 103 38.44 10.03 25.94
N ALA A 104 37.84 10.82 26.85
CA ALA A 104 38.58 11.78 27.66
C ALA A 104 39.54 11.09 28.61
N ASN A 105 39.19 9.88 29.05
CA ASN A 105 40.07 9.10 29.90
C ASN A 105 41.05 8.23 29.09
N GLN A 106 40.86 8.19 27.77
CA GLN A 106 41.65 7.34 26.86
C GLN A 106 42.81 8.04 26.15
N ILE A 107 42.69 9.35 25.92
CA ILE A 107 43.71 10.11 25.20
C ILE A 107 44.97 10.30 26.04
N VAL A 108 46.06 9.68 25.57
CA VAL A 108 47.36 9.73 26.22
C VAL A 108 48.16 10.94 25.76
N ASP A 109 48.13 11.18 24.45
CA ASP A 109 48.94 12.22 23.85
C ASP A 109 48.40 12.71 22.50
N VAL A 110 48.45 14.03 22.30
CA VAL A 110 48.11 14.66 21.03
C VAL A 110 49.26 15.54 20.53
N LYS A 111 49.86 15.16 19.40
CA LYS A 111 51.00 15.92 18.85
C LYS A 111 50.75 16.40 17.43
N ALA A 112 51.06 17.67 17.20
CA ALA A 112 51.08 18.23 15.84
C ALA A 112 52.36 17.81 15.13
N LEU A 113 52.24 16.95 14.12
CA LEU A 113 53.41 16.49 13.39
C LEU A 113 53.78 17.48 12.31
N SER A 114 52.79 17.82 11.48
CA SER A 114 52.95 18.75 10.36
C SER A 114 51.88 19.84 10.53
N LYS A 115 51.68 20.67 9.50
CA LYS A 115 50.55 21.59 9.49
C LYS A 115 49.27 20.79 9.29
N THR A 116 49.39 19.72 8.50
CA THR A 116 48.26 18.87 8.15
C THR A 116 48.22 17.52 8.87
N GLU A 117 49.22 17.23 9.71
CA GLU A 117 49.31 15.90 10.33
C GLU A 117 49.08 15.95 11.84
N LEU A 118 47.94 15.40 12.28
CA LEU A 118 47.61 15.38 13.71
C LEU A 118 47.68 13.97 14.27
N GLN A 119 48.50 13.81 15.31
CA GLN A 119 48.66 12.49 15.88
C GLN A 119 48.02 12.39 17.27
N ILE A 120 47.14 11.41 17.42
CA ILE A 120 46.51 11.13 18.70
C ILE A 120 46.89 9.74 19.19
N THR A 121 47.21 9.66 20.48
CA THR A 121 47.62 8.41 21.12
C THR A 121 46.67 8.03 22.26
N LEU A 122 46.21 6.78 22.21
CA LEU A 122 45.22 6.28 23.16
C LEU A 122 45.81 5.19 24.03
N LYS A 123 45.24 5.03 25.22
CA LYS A 123 45.63 3.96 26.13
C LYS A 123 45.39 2.58 25.54
N SER A 124 44.47 2.50 24.59
CA SER A 124 44.01 1.20 24.10
C SER A 124 43.49 1.35 22.68
N ALA A 125 43.17 0.23 22.04
CA ALA A 125 42.47 0.31 20.76
C ALA A 125 40.99 0.54 21.10
N TYR A 126 40.61 1.81 21.26
CA TYR A 126 39.27 2.19 21.75
C TYR A 126 38.26 2.33 20.62
N TYR A 127 37.38 1.35 20.46
CA TYR A 127 36.45 1.34 19.30
C TYR A 127 35.46 2.51 19.17
N PRO A 128 34.94 3.06 20.29
CA PRO A 128 34.08 4.25 20.13
C PRO A 128 34.82 5.57 19.79
N PHE A 129 36.12 5.49 19.50
CA PHE A 129 36.99 6.64 19.25
C PHE A 129 36.42 7.68 18.31
N LEU A 130 36.14 7.27 17.07
CA LEU A 130 35.63 8.15 16.04
C LEU A 130 34.26 8.72 16.38
N GLN A 131 33.38 7.87 16.86
CA GLN A 131 32.04 8.29 17.23
C GLN A 131 32.08 9.36 18.30
N GLU A 132 32.94 9.18 19.30
CA GLU A 132 33.02 10.15 20.41
C GLU A 132 33.69 11.47 20.01
N LEU A 133 34.55 11.41 18.99
CA LEU A 133 35.08 12.60 18.36
C LEU A 133 33.99 13.41 17.64
N ALA A 134 32.97 12.71 17.14
CA ALA A 134 31.92 13.34 16.35
C ALA A 134 30.91 14.11 17.23
N LEU A 135 30.93 13.86 18.53
CA LEU A 135 30.00 14.50 19.44
C LEU A 135 30.10 16.02 19.40
N PRO A 136 29.00 16.70 19.76
CA PRO A 136 28.95 18.18 19.89
C PRO A 136 30.06 18.76 20.77
N ARG A 137 30.37 18.07 21.87
CA ARG A 137 31.31 18.60 22.86
C ARG A 137 31.81 17.45 23.72
N PRO A 138 33.08 17.50 24.17
CA PRO A 138 34.00 18.64 24.11
C PRO A 138 35.02 18.73 22.97
N PHE A 139 35.07 17.78 22.03
CA PHE A 139 36.21 17.72 21.11
C PHE A 139 36.07 18.44 19.79
N ARG A 140 35.76 19.72 19.88
CA ARG A 140 35.60 20.59 18.72
C ARG A 140 36.43 21.87 18.90
N PHE A 141 36.57 22.66 17.84
CA PHE A 141 37.74 23.55 17.73
C PHE A 141 37.50 25.06 17.68
N ILE A 142 37.84 25.73 18.78
CA ILE A 142 37.91 27.19 18.82
C ILE A 142 39.32 27.69 18.48
N ALA A 143 39.37 28.88 17.90
CA ALA A 143 40.63 29.52 17.53
C ALA A 143 41.49 29.74 18.77
N PRO A 144 42.70 29.17 18.77
CA PRO A 144 43.63 29.22 19.90
C PRO A 144 43.87 30.66 20.39
N SER A 145 43.75 31.62 19.48
CA SER A 145 43.84 33.03 19.81
C SER A 145 42.75 33.49 20.79
N GLN A 146 41.70 32.68 20.93
CA GLN A 146 40.59 33.07 21.82
C GLN A 146 40.62 32.43 23.20
N PHE A 147 41.72 31.75 23.53
CA PHE A 147 41.94 31.21 24.88
C PHE A 147 42.16 32.38 25.84
N LYS A 148 41.94 32.14 27.13
CA LYS A 148 42.30 33.10 28.16
C LYS A 148 43.39 32.48 29.03
N ASN A 149 44.60 33.02 28.90
CA ASN A 149 45.79 32.49 29.56
C ASN A 149 46.04 31.02 29.21
N HIS A 150 46.01 30.71 27.92
CA HIS A 150 46.30 29.38 27.38
C HIS A 150 45.31 28.27 27.82
N GLU A 151 44.17 28.70 28.34
CA GLU A 151 43.13 27.79 28.79
C GLU A 151 41.77 28.07 28.13
N THR A 152 40.85 27.11 28.25
CA THR A 152 39.47 27.34 27.88
C THR A 152 38.60 27.11 29.10
N MET A 153 39.11 26.29 30.02
CA MET A 153 38.31 25.88 31.18
C MET A 153 37.87 27.04 32.06
N ASN A 154 38.61 28.15 31.97
CA ASN A 154 38.30 29.33 32.79
C ASN A 154 37.60 30.44 31.98
N GLY A 155 37.24 30.12 30.74
CA GLY A 155 36.56 31.08 29.90
C GLY A 155 37.26 31.25 28.57
N ILE A 156 36.54 31.83 27.62
CA ILE A 156 37.13 32.19 26.34
C ILE A 156 36.86 33.66 26.06
N LYS A 157 37.40 34.16 24.96
CA LYS A 157 37.22 35.55 24.59
C LYS A 157 36.06 35.65 23.60
N ALA A 158 36.36 35.39 22.34
CA ALA A 158 35.34 35.40 21.30
C ALA A 158 35.10 33.97 20.78
N PRO A 159 33.83 33.57 20.64
CA PRO A 159 33.50 32.20 20.21
C PRO A 159 33.83 31.94 18.74
N ILE A 160 35.10 31.99 18.35
CA ILE A 160 35.42 31.84 16.93
C ILE A 160 35.63 30.38 16.55
N GLY A 161 34.80 29.90 15.62
CA GLY A 161 34.92 28.53 15.17
C GLY A 161 35.10 28.47 13.67
N THR A 162 35.04 27.26 13.12
CA THR A 162 35.17 27.02 11.69
C THR A 162 33.84 26.68 11.04
N GLY A 163 32.79 26.57 11.87
CA GLY A 163 31.45 26.20 11.41
C GLY A 163 30.72 27.25 10.58
N PRO A 164 29.61 26.85 9.93
CA PRO A 164 28.93 27.68 8.92
C PRO A 164 28.07 28.78 9.52
N TRP A 165 28.13 28.95 10.83
CA TRP A 165 27.39 30.01 11.47
C TRP A 165 28.29 30.80 12.41
N ILE A 166 28.04 32.10 12.51
CA ILE A 166 28.80 32.95 13.42
C ILE A 166 27.88 33.65 14.40
N LEU A 167 28.25 33.64 15.69
CA LEU A 167 27.50 34.36 16.70
C LEU A 167 27.86 35.83 16.59
N GLN A 168 26.92 36.61 16.06
CA GLN A 168 27.16 38.03 15.74
C GLN A 168 26.81 38.92 16.92
N GLU A 169 25.73 38.58 17.59
CA GLU A 169 25.23 39.44 18.64
C GLU A 169 24.43 38.61 19.60
N SER A 170 24.49 38.98 20.87
CA SER A 170 23.81 38.24 21.92
C SER A 170 23.39 39.22 23.00
N LYS A 171 22.08 39.26 23.29
CA LYS A 171 21.57 40.17 24.32
C LYS A 171 20.79 39.39 25.37
N LEU A 172 21.25 39.48 26.62
CA LEU A 172 20.73 38.68 27.72
C LEU A 172 19.21 38.79 27.86
N ASN A 173 18.55 37.65 28.01
CA ASN A 173 17.09 37.55 28.09
C ASN A 173 16.30 38.14 26.91
N GLN A 174 16.96 38.35 25.78
CA GLN A 174 16.25 38.91 24.63
C GLN A 174 16.44 38.15 23.33
N TYR A 175 17.68 38.01 22.87
CA TYR A 175 17.91 37.34 21.60
C TYR A 175 19.36 36.95 21.41
N ASP A 176 19.59 36.05 20.46
CA ASP A 176 20.92 35.72 19.98
C ASP A 176 20.79 35.75 18.46
N VAL A 177 21.85 36.17 17.77
CA VAL A 177 21.77 36.33 16.33
C VAL A 177 22.96 35.64 15.67
N PHE A 178 22.65 34.82 14.67
CA PHE A 178 23.66 34.07 13.94
C PHE A 178 23.61 34.46 12.47
N VAL A 179 24.76 34.75 11.90
CA VAL A 179 24.84 35.05 10.49
C VAL A 179 25.63 33.93 9.83
N ARG A 180 25.38 33.71 8.55
CA ARG A 180 26.14 32.72 7.82
C ARG A 180 27.61 33.12 7.74
N ASN A 181 28.52 32.17 7.97
CA ASN A 181 29.95 32.44 7.76
C ASN A 181 30.30 32.34 6.29
N GLU A 182 30.59 33.50 5.68
CA GLU A 182 30.80 33.58 4.23
C GLU A 182 32.14 32.98 3.79
N ASN A 183 33.01 32.71 4.77
CA ASN A 183 34.29 32.07 4.50
C ASN A 183 34.36 30.64 5.02
N TYR A 184 33.22 29.94 4.95
CA TYR A 184 33.12 28.55 5.41
C TYR A 184 33.70 27.64 4.33
N TRP A 185 34.48 26.65 4.77
CA TRP A 185 35.16 25.75 3.85
C TRP A 185 34.22 24.81 3.08
N GLY A 186 33.04 24.54 3.62
CA GLY A 186 32.15 23.57 3.03
C GLY A 186 31.01 24.23 2.29
N GLU A 187 30.00 23.44 1.93
CA GLU A 187 28.83 23.96 1.21
C GLU A 187 28.13 25.03 2.06
N LYS A 188 27.61 26.05 1.39
CA LYS A 188 27.02 27.22 2.06
C LYS A 188 25.53 27.02 2.35
N PRO A 189 25.09 27.35 3.58
CA PRO A 189 23.66 27.26 3.92
C PRO A 189 22.85 28.31 3.15
N ALA A 190 21.66 27.94 2.67
CA ALA A 190 20.80 28.91 1.96
C ALA A 190 20.39 30.07 2.87
N ILE A 191 20.40 29.85 4.17
CA ILE A 191 19.98 30.87 5.12
C ILE A 191 21.18 31.72 5.55
N LYS A 192 20.96 33.05 5.58
CA LYS A 192 22.04 33.99 5.83
C LYS A 192 22.01 34.47 7.25
N LYS A 193 20.84 34.41 7.85
CA LYS A 193 20.64 34.97 9.19
C LYS A 193 19.61 34.16 9.99
N ILE A 194 19.93 33.94 11.25
CA ILE A 194 19.04 33.24 12.17
C ILE A 194 18.97 33.98 13.49
N THR A 195 17.76 34.42 13.85
CA THR A 195 17.57 35.17 15.09
C THR A 195 16.81 34.31 16.08
N PHE A 196 17.45 34.03 17.21
CA PHE A 196 16.82 33.25 18.26
C PHE A 196 16.21 34.21 19.27
N ASN A 197 14.89 34.27 19.32
CA ASN A 197 14.23 35.05 20.37
C ASN A 197 14.15 34.27 21.67
N VAL A 198 14.64 34.89 22.75
CA VAL A 198 14.63 34.19 24.03
C VAL A 198 13.26 34.32 24.66
N ILE A 199 12.50 33.22 24.60
CA ILE A 199 11.12 33.18 25.09
C ILE A 199 10.98 31.97 26.01
N PRO A 200 11.09 32.19 27.33
CA PRO A 200 11.12 31.05 28.26
C PRO A 200 9.78 30.29 28.38
N ASP A 201 8.65 30.98 28.24
CA ASP A 201 7.34 30.35 28.45
C ASP A 201 6.78 29.64 27.19
N PRO A 202 6.35 28.37 27.38
CA PRO A 202 5.82 27.57 26.26
C PRO A 202 4.60 28.21 25.59
N THR A 203 3.70 28.74 26.40
CA THR A 203 2.50 29.39 25.89
C THR A 203 2.83 30.67 25.09
N THR A 204 3.83 31.42 25.57
CA THR A 204 4.27 32.62 24.86
C THR A 204 4.90 32.27 23.52
N ARG A 205 5.58 31.12 23.48
CA ARG A 205 6.21 30.64 22.25
C ARG A 205 5.13 30.32 21.20
N ALA A 206 4.02 29.72 21.67
CA ALA A 206 2.86 29.44 20.82
C ALA A 206 2.28 30.74 20.26
N VAL A 207 2.13 31.74 21.12
CA VAL A 207 1.52 33.00 20.71
C VAL A 207 2.38 33.71 19.71
N ALA A 208 3.69 33.74 20.00
CA ALA A 208 4.65 34.33 19.08
C ALA A 208 4.57 33.67 17.70
N PHE A 209 4.40 32.36 17.65
CA PHE A 209 4.28 31.73 16.34
C PHE A 209 3.02 32.24 15.62
N GLU A 210 1.92 32.32 16.35
CA GLU A 210 0.66 32.77 15.75
C GLU A 210 0.69 34.18 15.16
N THR A 211 1.56 35.05 15.70
CA THR A 211 1.69 36.43 15.21
C THR A 211 2.29 36.51 13.82
N GLY A 212 2.92 35.43 13.36
CA GLY A 212 3.61 35.43 12.09
C GLY A 212 5.09 35.72 12.19
N ASP A 213 5.55 36.13 13.38
CA ASP A 213 6.93 36.59 13.58
C ASP A 213 7.98 35.48 13.68
N ILE A 214 7.52 34.25 13.83
CA ILE A 214 8.40 33.12 14.07
C ILE A 214 8.27 32.16 12.91
N ASP A 215 9.39 31.88 12.24
CA ASP A 215 9.37 30.99 11.08
C ASP A 215 9.40 29.53 11.48
N LEU A 216 10.01 29.24 12.63
CA LEU A 216 10.38 27.87 13.01
C LEU A 216 10.49 27.67 14.53
N LEU A 217 9.76 26.68 15.04
CA LEU A 217 10.00 26.13 16.39
C LEU A 217 10.47 24.69 16.24
N TYR A 218 11.56 24.38 16.93
CA TYR A 218 12.21 23.07 16.84
C TYR A 218 12.72 22.72 18.22
N GLY A 219 12.36 21.54 18.71
CA GLY A 219 12.82 21.12 20.02
C GLY A 219 12.09 19.92 20.55
N ASN A 220 12.27 19.65 21.85
CA ASN A 220 11.68 18.46 22.43
C ASN A 220 10.23 18.70 22.90
N GLU A 221 9.68 17.77 23.68
CA GLU A 221 8.27 17.78 24.06
C GLU A 221 7.86 18.97 24.92
N GLY A 222 8.82 19.72 25.47
CA GLY A 222 8.49 20.95 26.19
C GLY A 222 8.33 22.18 25.29
N LEU A 223 8.57 22.03 23.99
CA LEU A 223 8.55 23.18 23.07
C LEU A 223 7.29 24.07 23.16
N LEU A 224 6.12 23.47 23.05
CA LEU A 224 4.84 24.18 23.12
C LEU A 224 3.94 23.37 24.03
N PRO A 225 2.87 23.99 24.58
CA PRO A 225 1.90 23.14 25.27
C PRO A 225 1.39 22.14 24.24
N LEU A 226 1.14 20.90 24.65
CA LEU A 226 0.89 19.85 23.68
C LEU A 226 -0.53 19.87 23.12
N ASP A 227 -1.47 20.41 23.87
CA ASP A 227 -2.83 20.56 23.32
C ASP A 227 -2.81 21.65 22.22
N THR A 228 -1.97 22.66 22.39
CA THR A 228 -1.86 23.71 21.38
C THR A 228 -1.21 23.16 20.12
N PHE A 229 -0.16 22.38 20.30
CA PHE A 229 0.52 21.73 19.17
C PHE A 229 -0.45 20.87 18.37
N ALA A 230 -1.25 20.08 19.08
CA ALA A 230 -2.24 19.25 18.43
C ALA A 230 -3.20 20.14 17.63
N ARG A 231 -3.59 21.24 18.25
CA ARG A 231 -4.45 22.17 17.53
C ARG A 231 -3.75 22.69 16.28
N PHE A 232 -2.48 23.06 16.44
CA PHE A 232 -1.70 23.57 15.33
C PHE A 232 -1.61 22.56 14.20
N SER A 233 -1.57 21.27 14.55
CA SER A 233 -1.39 20.24 13.52
C SER A 233 -2.61 20.15 12.61
N GLN A 234 -3.73 20.69 13.11
CA GLN A 234 -4.99 20.66 12.37
C GLN A 234 -5.14 21.91 11.50
N ASN A 235 -4.17 22.81 11.61
CA ASN A 235 -4.22 24.09 10.92
C ASN A 235 -3.45 24.13 9.57
N PRO A 236 -4.20 24.13 8.45
CA PRO A 236 -3.62 24.14 7.08
C PRO A 236 -2.74 25.33 6.81
N ALA A 237 -2.78 26.37 7.64
CA ALA A 237 -1.92 27.51 7.44
C ALA A 237 -0.56 27.26 8.09
N TYR A 238 -0.50 26.21 8.91
CA TYR A 238 0.72 25.88 9.64
C TYR A 238 1.32 24.57 9.17
N HIS A 239 2.57 24.33 9.53
CA HIS A 239 3.18 23.00 9.37
C HIS A 239 3.62 22.49 10.74
N THR A 240 3.34 21.21 11.01
CA THR A 240 3.79 20.55 12.23
C THR A 240 4.41 19.17 11.91
N GLN A 241 5.30 18.73 12.79
CA GLN A 241 5.95 17.43 12.70
C GLN A 241 6.17 16.88 14.11
N LEU A 242 6.08 15.57 14.25
CA LEU A 242 6.38 14.94 15.52
C LEU A 242 7.19 13.70 15.22
N SER A 243 8.49 13.73 15.48
CA SER A 243 9.39 12.63 15.11
C SER A 243 9.04 11.36 15.86
N GLN A 244 9.72 10.27 15.48
CA GLN A 244 9.67 9.06 16.29
C GLN A 244 10.46 9.30 17.58
N PRO A 245 10.18 8.51 18.63
CA PRO A 245 10.81 8.73 19.94
C PRO A 245 12.34 8.77 19.83
N ILE A 246 12.96 9.65 20.60
CA ILE A 246 14.40 9.81 20.54
C ILE A 246 15.05 9.45 21.88
N GLU A 247 14.29 9.56 22.97
CA GLU A 247 14.88 9.28 24.27
C GLU A 247 13.83 9.00 25.36
N THR A 248 14.31 8.51 26.50
CA THR A 248 13.45 8.07 27.60
C THR A 248 13.39 9.18 28.65
N VAL A 249 12.22 9.39 29.21
CA VAL A 249 12.04 10.27 30.35
C VAL A 249 11.64 9.39 31.52
N MET A 250 12.38 9.49 32.62
CA MET A 250 12.06 8.70 33.81
C MET A 250 12.39 9.41 35.09
N LEU A 251 12.08 8.76 36.19
CA LEU A 251 12.62 9.16 37.48
C LEU A 251 13.85 8.32 37.76
N ALA A 252 14.85 8.92 38.39
CA ALA A 252 15.91 8.15 39.01
C ALA A 252 15.56 8.03 40.49
N LEU A 253 15.57 6.81 40.99
CA LEU A 253 15.34 6.54 42.40
C LEU A 253 16.67 6.39 43.14
N ASN A 254 16.78 6.99 44.33
CA ASN A 254 18.06 7.00 45.05
C ASN A 254 18.22 5.78 45.94
N THR A 255 18.98 4.81 45.44
CA THR A 255 19.16 3.54 46.15
C THR A 255 19.97 3.68 47.44
N ALA A 256 20.64 4.81 47.62
CA ALA A 256 21.44 5.01 48.83
C ALA A 256 20.75 5.91 49.87
N LYS A 257 19.53 6.36 49.59
CA LYS A 257 18.83 7.22 50.55
C LYS A 257 17.48 6.62 50.94
N ALA A 258 17.21 6.55 52.24
CA ALA A 258 15.94 6.06 52.76
C ALA A 258 14.80 6.95 52.30
N PRO A 259 13.63 6.36 51.99
CA PRO A 259 13.36 4.91 51.99
C PRO A 259 13.58 4.27 50.62
N THR A 260 13.94 5.07 49.62
CA THR A 260 14.18 4.52 48.28
C THR A 260 15.36 3.54 48.26
N ASN A 261 16.00 3.32 49.41
CA ASN A 261 17.11 2.36 49.50
C ASN A 261 16.64 0.93 49.63
N GLU A 262 15.35 0.75 49.90
CA GLU A 262 14.77 -0.59 49.97
C GLU A 262 14.23 -0.98 48.60
N LEU A 263 14.66 -2.16 48.11
CA LEU A 263 14.22 -2.65 46.80
C LEU A 263 12.71 -2.66 46.72
N ALA A 264 12.08 -3.11 47.79
CA ALA A 264 10.63 -3.29 47.82
C ALA A 264 9.87 -1.95 47.68
N VAL A 265 10.46 -0.87 48.21
CA VAL A 265 9.87 0.45 48.03
C VAL A 265 9.97 0.86 46.57
N ARG A 266 11.15 0.67 45.97
CA ARG A 266 11.36 1.02 44.56
C ARG A 266 10.44 0.24 43.60
N GLU A 267 10.26 -1.06 43.85
CA GLU A 267 9.32 -1.86 43.10
C GLU A 267 7.88 -1.38 43.29
N ALA A 268 7.53 -1.09 44.54
CA ALA A 268 6.18 -0.63 44.85
C ALA A 268 5.92 0.67 44.09
N LEU A 269 6.92 1.55 44.05
CA LEU A 269 6.78 2.82 43.33
C LEU A 269 6.57 2.57 41.84
N ASN A 270 7.29 1.59 41.32
CA ASN A 270 7.14 1.25 39.91
C ASN A 270 5.75 0.73 39.56
N TYR A 271 5.08 0.12 40.54
CA TYR A 271 3.74 -0.43 40.34
C TYR A 271 2.61 0.60 40.54
N ALA A 272 2.92 1.72 41.19
CA ALA A 272 1.86 2.63 41.64
C ALA A 272 1.40 3.62 40.58
N VAL A 273 2.25 3.88 39.59
CA VAL A 273 1.96 4.93 38.63
C VAL A 273 1.24 4.41 37.40
N ASN A 274 0.13 5.06 37.07
CA ASN A 274 -0.63 4.77 35.85
C ASN A 274 -0.06 5.62 34.70
N LYS A 275 0.91 5.05 33.99
CA LYS A 275 1.69 5.78 32.98
C LYS A 275 0.84 6.23 31.81
N LYS A 276 -0.03 5.35 31.36
CA LYS A 276 -0.91 5.67 30.25
C LYS A 276 -1.74 6.90 30.62
N SER A 277 -2.38 6.85 31.79
CA SER A 277 -3.17 7.97 32.26
C SER A 277 -2.32 9.23 32.40
N LEU A 278 -1.09 9.07 32.90
CA LEU A 278 -0.15 10.18 33.01
C LEU A 278 0.13 10.75 31.61
N ILE A 279 0.52 9.87 30.69
CA ILE A 279 0.83 10.33 29.33
C ILE A 279 -0.36 11.00 28.62
N ASP A 280 -1.55 10.40 28.69
CA ASP A 280 -2.76 10.98 28.07
C ASP A 280 -3.05 12.37 28.61
N ASN A 281 -2.78 12.57 29.90
CA ASN A 281 -3.16 13.78 30.57
C ASN A 281 -2.10 14.88 30.53
N ALA A 282 -0.85 14.52 30.81
CA ALA A 282 0.25 15.49 30.84
C ALA A 282 0.90 15.69 29.47
N LEU A 283 0.91 14.62 28.67
CA LEU A 283 1.58 14.65 27.38
C LEU A 283 0.58 14.58 26.25
N TYR A 284 -0.70 14.73 26.59
CA TYR A 284 -1.76 14.85 25.60
C TYR A 284 -1.80 13.64 24.65
N GLY A 285 -1.42 12.47 25.14
CA GLY A 285 -1.42 11.26 24.32
C GLY A 285 -0.42 11.25 23.17
N THR A 286 0.44 12.27 23.11
CA THR A 286 1.39 12.44 22.00
C THR A 286 2.66 11.59 22.08
N GLN A 287 2.92 10.97 23.23
CA GLN A 287 4.13 10.16 23.37
C GLN A 287 3.74 8.73 23.78
N GLN A 288 4.70 7.83 23.96
CA GLN A 288 4.41 6.42 24.27
C GLN A 288 4.85 6.05 25.69
N VAL A 289 4.36 4.90 26.20
CA VAL A 289 4.69 4.46 27.56
C VAL A 289 6.06 3.76 27.62
N ALA A 290 6.94 4.20 28.52
CA ALA A 290 8.25 3.56 28.67
C ALA A 290 8.29 2.51 29.79
N ASP A 291 8.70 1.28 29.46
CA ASP A 291 8.80 0.24 30.49
C ASP A 291 10.22 0.03 31.03
N THR A 292 11.22 0.43 30.26
CA THR A 292 12.61 0.13 30.55
C THR A 292 13.44 1.38 30.35
N LEU A 293 14.61 1.44 30.98
CA LEU A 293 15.52 2.57 30.79
C LEU A 293 15.71 2.94 29.33
N PHE A 294 15.98 1.95 28.49
CA PHE A 294 16.07 2.16 27.06
C PHE A 294 14.93 1.44 26.38
N ALA A 295 14.41 2.05 25.31
CA ALA A 295 13.43 1.38 24.46
C ALA A 295 14.08 0.17 23.76
N PRO A 296 13.25 -0.81 23.37
CA PRO A 296 13.74 -2.02 22.68
C PRO A 296 14.29 -1.73 21.29
N SER A 297 14.03 -0.54 20.77
CA SER A 297 14.58 -0.13 19.49
C SER A 297 16.03 0.37 19.61
N VAL A 298 16.51 0.59 20.84
CA VAL A 298 17.89 0.99 21.05
C VAL A 298 18.81 -0.23 20.88
N PRO A 299 19.91 -0.04 20.13
CA PRO A 299 20.85 -1.15 19.91
C PRO A 299 21.23 -1.80 21.23
N TYR A 300 21.33 -3.12 21.22
CA TYR A 300 21.66 -3.92 22.39
C TYR A 300 20.55 -3.98 23.47
N ALA A 301 19.47 -3.20 23.35
CA ALA A 301 18.49 -3.15 24.45
C ALA A 301 17.21 -3.98 24.24
N ASN A 302 17.13 -4.75 23.15
CA ASN A 302 15.97 -5.61 22.98
C ASN A 302 16.14 -6.89 23.81
N LEU A 303 15.80 -6.83 25.09
CA LEU A 303 16.19 -7.88 26.03
C LEU A 303 15.00 -8.64 26.66
N GLY A 304 13.78 -8.26 26.28
CA GLY A 304 12.59 -8.89 26.84
C GLY A 304 12.48 -8.68 28.34
N LEU A 305 12.95 -7.53 28.82
CA LEU A 305 12.82 -7.15 30.23
C LEU A 305 11.34 -7.09 30.61
N LYS A 306 11.02 -7.51 31.84
CA LYS A 306 9.62 -7.59 32.29
C LYS A 306 9.02 -6.22 32.62
N PRO A 307 7.91 -5.86 31.98
CA PRO A 307 7.29 -4.54 32.25
C PRO A 307 6.64 -4.52 33.63
N SER A 308 6.69 -3.39 34.33
CA SER A 308 5.88 -3.22 35.53
C SER A 308 4.56 -2.57 35.15
N GLN A 309 3.46 -3.29 35.26
CA GLN A 309 2.17 -2.67 34.98
C GLN A 309 1.64 -1.94 36.22
N TYR A 310 0.72 -1.00 36.00
CA TYR A 310 -0.01 -0.33 37.05
C TYR A 310 -0.74 -1.38 37.89
N ASP A 311 -0.32 -1.51 39.15
CA ASP A 311 -0.91 -2.51 40.05
C ASP A 311 -0.78 -2.08 41.53
N PRO A 312 -1.63 -1.13 41.95
CA PRO A 312 -1.59 -0.59 43.32
C PRO A 312 -1.74 -1.66 44.39
N GLN A 313 -2.48 -2.72 44.08
N GLN A 313 -2.48 -2.72 44.05
CA GLN A 313 -2.60 -3.82 45.04
CA GLN A 313 -2.65 -3.87 44.94
C GLN A 313 -1.26 -4.53 45.25
C GLN A 313 -1.31 -4.55 45.23
N LYS A 314 -0.56 -4.81 44.16
CA LYS A 314 0.76 -5.41 44.26
C LYS A 314 1.69 -4.50 45.03
N ALA A 315 1.68 -3.23 44.65
CA ALA A 315 2.48 -2.21 45.30
C ALA A 315 2.27 -2.18 46.82
N LYS A 316 1.01 -2.19 47.25
CA LYS A 316 0.73 -2.07 48.69
C LYS A 316 1.09 -3.39 49.41
N ALA A 317 1.04 -4.50 48.68
CA ALA A 317 1.42 -5.80 49.22
C ALA A 317 2.94 -5.90 49.43
N LEU A 318 3.70 -5.40 48.46
CA LEU A 318 5.15 -5.30 48.57
C LEU A 318 5.58 -4.51 49.81
N LEU A 319 4.96 -3.35 49.98
CA LEU A 319 5.23 -2.46 51.11
C LEU A 319 4.89 -3.14 52.44
N GLU A 320 3.73 -3.79 52.50
CA GLU A 320 3.30 -4.50 53.71
C GLU A 320 4.34 -5.52 54.17
N LYS A 321 4.75 -6.38 53.23
CA LYS A 321 5.77 -7.40 53.50
C LYS A 321 7.07 -6.76 53.98
N ALA A 322 7.39 -5.59 53.41
CA ALA A 322 8.61 -4.86 53.76
C ALA A 322 8.49 -4.15 55.11
N GLY A 323 7.32 -4.26 55.74
CA GLY A 323 7.12 -3.67 57.05
C GLY A 323 6.57 -2.26 57.12
N TRP A 324 6.09 -1.73 55.98
CA TRP A 324 5.50 -0.40 55.94
C TRP A 324 4.00 -0.53 56.10
N THR A 325 3.49 -0.25 57.30
CA THR A 325 2.07 -0.47 57.59
C THR A 325 1.30 0.84 57.83
N LEU A 326 -0.02 0.77 57.69
CA LEU A 326 -0.87 1.91 57.99
C LEU A 326 -1.20 1.97 59.48
N PRO A 327 -0.72 3.03 60.16
CA PRO A 327 -1.11 3.27 61.56
C PRO A 327 -2.57 3.75 61.64
N ALA A 328 -3.20 3.53 62.78
CA ALA A 328 -4.58 3.98 62.98
C ALA A 328 -4.65 5.50 62.80
N GLY A 329 -5.62 5.96 62.02
CA GLY A 329 -5.86 7.38 61.82
C GLY A 329 -5.03 8.05 60.73
N LYS A 330 -4.14 7.30 60.11
CA LYS A 330 -3.34 7.89 59.03
C LYS A 330 -3.48 7.12 57.72
N ASP A 331 -3.17 7.80 56.61
CA ASP A 331 -3.16 7.17 55.29
C ASP A 331 -1.73 7.04 54.70
N ILE A 332 -0.72 7.49 55.46
CA ILE A 332 0.70 7.33 55.09
C ILE A 332 1.32 6.20 55.91
N ARG A 333 2.06 5.30 55.24
CA ARG A 333 2.66 4.14 55.91
C ARG A 333 3.80 4.48 56.88
N GLU A 334 4.01 3.60 57.86
CA GLU A 334 5.04 3.79 58.89
C GLU A 334 5.86 2.53 59.08
N LYS A 335 7.16 2.73 59.28
CA LYS A 335 8.08 1.64 59.60
C LYS A 335 9.09 2.17 60.62
N ASN A 336 9.14 1.55 61.80
CA ASN A 336 9.96 2.04 62.91
C ASN A 336 9.61 3.48 63.27
N GLY A 337 8.31 3.78 63.29
CA GLY A 337 7.84 5.10 63.65
C GLY A 337 8.11 6.16 62.60
N GLN A 338 8.70 5.74 61.49
CA GLN A 338 9.00 6.66 60.40
C GLN A 338 8.00 6.56 59.26
N PRO A 339 7.40 7.70 58.89
CA PRO A 339 6.46 7.79 57.78
C PRO A 339 7.15 7.57 56.42
N LEU A 340 6.46 6.91 55.49
CA LEU A 340 7.01 6.66 54.16
C LEU A 340 7.05 7.93 53.34
N ARG A 341 8.03 8.80 53.60
CA ARG A 341 8.16 10.06 52.87
C ARG A 341 9.26 10.00 51.82
N ILE A 342 8.96 10.52 50.64
CA ILE A 342 9.95 10.55 49.57
C ILE A 342 9.95 11.95 48.96
N GLU A 343 11.13 12.44 48.66
CA GLU A 343 11.24 13.79 48.16
C GLU A 343 11.48 13.75 46.64
N LEU A 344 10.58 14.39 45.89
CA LEU A 344 10.69 14.42 44.44
C LEU A 344 11.15 15.80 43.98
N SER A 345 12.35 15.87 43.42
CA SER A 345 12.88 17.16 43.00
C SER A 345 12.84 17.32 41.50
N PHE A 346 12.51 18.54 41.08
CA PHE A 346 12.29 18.83 39.67
C PHE A 346 12.51 20.31 39.45
N ILE A 347 12.63 20.71 38.19
CA ILE A 347 12.79 22.13 37.87
C ILE A 347 11.45 22.86 38.01
N GLY A 348 11.33 23.69 39.05
CA GLY A 348 10.08 24.36 39.37
C GLY A 348 9.46 25.19 38.25
N THR A 349 10.30 25.63 37.30
CA THR A 349 9.83 26.46 36.20
C THR A 349 9.43 25.63 34.99
N ASP A 350 9.63 24.32 35.07
CA ASP A 350 9.25 23.44 33.97
C ASP A 350 7.80 22.97 34.15
N ALA A 351 6.94 23.35 33.21
CA ALA A 351 5.52 23.06 33.31
C ALA A 351 5.25 21.56 33.29
N LEU A 352 5.93 20.85 32.41
CA LEU A 352 5.70 19.41 32.24
C LEU A 352 6.12 18.60 33.46
N SER A 353 7.31 18.89 33.98
CA SER A 353 7.78 18.21 35.17
C SER A 353 6.82 18.46 36.32
N LYS A 354 6.44 19.73 36.52
CA LYS A 354 5.56 20.07 37.64
C LYS A 354 4.25 19.31 37.55
N SER A 355 3.71 19.28 36.34
CA SER A 355 2.47 18.56 36.06
C SER A 355 2.61 17.05 36.26
N MET A 356 3.68 16.46 35.76
CA MET A 356 3.93 15.05 35.98
C MET A 356 4.13 14.74 37.47
N ALA A 357 4.92 15.59 38.15
CA ALA A 357 5.16 15.41 39.59
C ALA A 357 3.85 15.39 40.40
N GLU A 358 2.92 16.28 40.07
CA GLU A 358 1.63 16.31 40.77
C GLU A 358 0.86 15.02 40.58
N ILE A 359 0.85 14.54 39.33
CA ILE A 359 0.21 13.28 39.03
C ILE A 359 0.87 12.17 39.82
N ILE A 360 2.19 12.12 39.74
CA ILE A 360 2.94 11.04 40.39
C ILE A 360 2.68 11.06 41.87
N GLN A 361 2.71 12.24 42.48
CA GLN A 361 2.45 12.37 43.92
C GLN A 361 1.09 11.82 44.32
N ALA A 362 0.07 12.13 43.51
CA ALA A 362 -1.29 11.62 43.77
C ALA A 362 -1.31 10.10 43.64
N ASP A 363 -0.61 9.57 42.63
CA ASP A 363 -0.53 8.12 42.44
C ASP A 363 0.09 7.43 43.65
N MET A 364 1.19 7.97 44.17
CA MET A 364 1.89 7.31 45.27
C MET A 364 1.11 7.41 46.56
N ARG A 365 0.31 8.47 46.72
CA ARG A 365 -0.48 8.56 47.94
C ARG A 365 -1.47 7.41 48.07
N GLN A 366 -1.87 6.86 46.94
CA GLN A 366 -2.80 5.73 46.96
C GLN A 366 -2.17 4.44 47.48
N ILE A 367 -0.84 4.40 47.56
CA ILE A 367 -0.17 3.26 48.19
C ILE A 367 0.39 3.57 49.58
N GLY A 368 0.07 4.75 50.10
CA GLY A 368 0.51 5.14 51.43
C GLY A 368 1.90 5.77 51.46
N ALA A 369 2.36 6.28 50.31
CA ALA A 369 3.65 6.95 50.23
C ALA A 369 3.42 8.45 50.19
N ASP A 370 4.12 9.18 51.05
CA ASP A 370 3.98 10.64 51.03
C ASP A 370 5.10 11.32 50.24
N VAL A 371 4.76 11.76 49.03
CA VAL A 371 5.74 12.40 48.17
C VAL A 371 5.68 13.90 48.30
N SER A 372 6.82 14.50 48.64
CA SER A 372 6.94 15.94 48.74
C SER A 372 7.58 16.54 47.51
N LEU A 373 6.89 17.50 46.90
CA LEU A 373 7.38 18.12 45.69
C LEU A 373 8.32 19.28 46.03
N ILE A 374 9.53 19.24 45.47
CA ILE A 374 10.52 20.31 45.64
C ILE A 374 10.91 20.83 44.27
N GLY A 375 10.25 21.89 43.82
CA GLY A 375 10.55 22.50 42.54
C GLY A 375 11.56 23.59 42.76
N GLU A 376 12.69 23.50 42.05
CA GLU A 376 13.78 24.44 42.27
C GLU A 376 14.38 24.91 40.97
N GLU A 377 15.29 25.86 41.06
N GLU A 377 15.32 25.84 41.09
CA GLU A 377 15.99 26.38 39.89
CA GLU A 377 16.04 26.38 39.95
C GLU A 377 16.85 25.30 39.27
C GLU A 377 16.83 25.26 39.27
N GLU A 378 17.06 25.40 37.96
CA GLU A 378 17.79 24.39 37.19
C GLU A 378 19.14 24.02 37.79
N SER A 379 19.91 25.03 38.23
CA SER A 379 21.25 24.81 38.75
C SER A 379 21.20 24.02 40.06
N SER A 380 20.18 24.30 40.88
CA SER A 380 20.04 23.57 42.12
C SER A 380 19.71 22.09 41.85
N ILE A 381 18.89 21.84 40.83
CA ILE A 381 18.55 20.47 40.46
C ILE A 381 19.78 19.68 39.99
N TYR A 382 20.60 20.31 39.15
CA TYR A 382 21.82 19.68 38.65
C TYR A 382 22.76 19.36 39.80
N ALA A 383 22.83 20.28 40.75
CA ALA A 383 23.63 20.09 41.96
C ALA A 383 23.21 18.86 42.77
N ARG A 384 21.90 18.70 42.99
CA ARG A 384 21.36 17.51 43.64
C ARG A 384 21.65 16.22 42.86
N GLN A 385 21.64 16.29 41.53
CA GLN A 385 21.93 15.11 40.71
C GLN A 385 23.35 14.57 40.97
N ARG A 386 24.30 15.48 41.13
CA ARG A 386 25.69 15.09 41.27
C ARG A 386 26.09 14.74 42.70
N ASP A 387 25.44 15.35 43.68
CA ASP A 387 25.79 15.05 45.07
C ASP A 387 24.84 14.06 45.75
N GLY A 388 23.77 13.68 45.06
CA GLY A 388 22.86 12.68 45.58
C GLY A 388 21.83 13.18 46.57
N ARG A 389 21.54 14.47 46.53
CA ARG A 389 20.56 14.98 47.50
C ARG A 389 19.14 14.93 46.95
N PHE A 390 18.65 13.71 46.72
CA PHE A 390 17.28 13.53 46.19
C PHE A 390 16.70 12.18 46.59
N GLY A 391 15.37 12.12 46.66
CA GLY A 391 14.69 10.84 46.82
C GLY A 391 14.41 10.29 45.43
N MET A 392 13.77 11.14 44.62
CA MET A 392 13.44 10.82 43.24
C MET A 392 13.70 12.09 42.45
N ILE A 393 14.12 11.96 41.20
CA ILE A 393 14.46 13.13 40.42
C ILE A 393 14.17 12.88 38.95
N PHE A 394 13.53 13.82 38.28
CA PHE A 394 13.33 13.68 36.85
C PHE A 394 14.68 13.55 36.13
N HIS A 395 14.71 12.75 35.08
CA HIS A 395 15.95 12.42 34.43
C HIS A 395 15.56 11.92 33.07
N ARG A 396 16.47 12.01 32.09
CA ARG A 396 16.17 11.48 30.77
C ARG A 396 17.41 10.83 30.15
N THR A 397 17.28 10.02 29.10
CA THR A 397 18.47 9.56 28.35
C THR A 397 18.88 10.61 27.31
N TRP A 398 19.89 10.33 26.48
CA TRP A 398 20.49 11.40 25.69
C TRP A 398 20.25 11.37 24.19
N GLY A 399 19.66 10.28 23.70
CA GLY A 399 19.36 10.12 22.27
C GLY A 399 20.56 9.61 21.47
N ALA A 400 20.39 9.40 20.17
CA ALA A 400 21.52 9.00 19.33
C ALA A 400 22.55 10.14 19.26
N PRO A 401 23.86 9.79 19.31
CA PRO A 401 24.39 8.43 19.46
C PRO A 401 24.88 8.11 20.87
N TYR A 402 24.48 8.91 21.86
CA TYR A 402 24.92 8.62 23.22
C TYR A 402 24.34 7.31 23.77
N ASP A 403 23.13 6.96 23.29
CA ASP A 403 22.40 5.81 23.83
C ASP A 403 22.71 4.53 23.04
N PRO A 404 23.13 3.46 23.74
CA PRO A 404 23.31 3.38 25.20
C PRO A 404 24.73 3.60 25.71
N HIS A 405 25.73 3.57 24.84
CA HIS A 405 27.12 3.42 25.30
C HIS A 405 27.68 4.60 26.13
N ALA A 406 27.47 5.83 25.65
CA ALA A 406 27.99 7.01 26.36
C ALA A 406 27.18 7.27 27.63
N PHE A 407 25.88 7.06 27.54
CA PHE A 407 25.04 7.10 28.72
C PHE A 407 25.43 6.08 29.80
N LEU A 408 25.75 4.83 29.44
CA LEU A 408 26.23 3.89 30.47
C LEU A 408 27.57 4.33 31.05
N SER A 409 28.47 4.74 30.18
CA SER A 409 29.79 5.21 30.60
C SER A 409 29.69 6.27 31.68
N SER A 410 28.75 7.20 31.50
CA SER A 410 28.63 8.33 32.40
C SER A 410 28.14 7.91 33.77
N MET A 411 27.58 6.71 33.87
CA MET A 411 27.07 6.21 35.16
C MET A 411 28.19 6.00 36.17
N ARG A 412 29.41 5.82 35.65
CA ARG A 412 30.57 5.48 36.49
C ARG A 412 31.12 6.66 37.33
N VAL A 413 30.74 7.89 36.98
CA VAL A 413 31.16 9.09 37.73
C VAL A 413 29.95 9.97 37.99
N PRO A 414 30.03 10.85 38.99
CA PRO A 414 28.93 11.84 39.13
C PRO A 414 28.85 12.79 37.92
N SER A 415 27.93 12.49 37.02
CA SER A 415 27.74 13.29 35.81
C SER A 415 26.33 13.86 35.84
N HIS A 416 25.37 13.03 35.45
CA HIS A 416 23.97 13.29 35.75
C HIS A 416 23.61 12.49 37.02
N ALA A 417 22.33 12.13 37.18
CA ALA A 417 21.86 11.54 38.43
C ALA A 417 22.34 10.11 38.67
N ASP A 418 22.72 9.45 37.58
CA ASP A 418 22.81 8.00 37.54
C ASP A 418 23.78 7.37 38.55
N PHE A 419 25.01 7.87 38.57
CA PHE A 419 25.99 7.43 39.54
C PHE A 419 25.42 7.47 40.97
N GLN A 420 24.93 8.62 41.36
CA GLN A 420 24.41 8.78 42.70
C GLN A 420 23.23 7.86 42.97
N ALA A 421 22.30 7.77 42.02
CA ALA A 421 21.12 6.92 42.16
C ALA A 421 21.49 5.45 42.36
N GLN A 422 22.62 5.05 41.78
CA GLN A 422 23.07 3.65 41.84
C GLN A 422 23.97 3.31 43.02
N GLN A 423 24.35 4.30 43.83
CA GLN A 423 25.26 4.07 44.97
C GLN A 423 24.86 2.95 45.93
N GLY A 424 23.59 2.91 46.32
CA GLY A 424 23.11 1.89 47.24
C GLY A 424 23.08 0.44 46.76
N LEU A 425 23.37 0.19 45.48
CA LEU A 425 23.33 -1.18 44.96
C LEU A 425 24.57 -1.99 45.33
N ALA A 426 24.36 -3.14 45.97
CA ALA A 426 25.45 -4.09 46.24
C ALA A 426 26.28 -4.40 45.00
N ASP A 427 25.63 -4.50 43.85
CA ASP A 427 26.35 -4.90 42.64
C ASP A 427 26.82 -3.71 41.79
N LYS A 428 26.76 -2.51 42.37
CA LYS A 428 27.27 -1.29 41.74
C LYS A 428 28.73 -1.38 41.24
N PRO A 429 29.66 -1.91 42.08
CA PRO A 429 31.04 -2.02 41.57
C PRO A 429 31.15 -2.96 40.38
N LEU A 430 30.35 -4.03 40.34
CA LEU A 430 30.34 -4.97 39.22
C LEU A 430 29.80 -4.32 37.96
N ILE A 431 28.72 -3.53 38.15
CA ILE A 431 28.06 -2.84 37.06
C ILE A 431 29.05 -1.88 36.42
N ASP A 432 29.72 -1.06 37.24
CA ASP A 432 30.76 -0.13 36.74
C ASP A 432 31.90 -0.87 36.02
N LYS A 433 32.23 -2.05 36.53
CA LYS A 433 33.28 -2.84 35.93
C LYS A 433 32.85 -3.32 34.55
N GLU A 434 31.61 -3.79 34.45
CA GLU A 434 31.11 -4.33 33.19
C GLU A 434 30.86 -3.24 32.16
N ILE A 435 30.45 -2.06 32.63
CA ILE A 435 30.38 -0.88 31.74
C ILE A 435 31.73 -0.63 31.09
N GLY A 436 32.79 -0.65 31.91
CA GLY A 436 34.14 -0.48 31.40
C GLY A 436 34.44 -1.54 30.35
N GLU A 437 34.03 -2.78 30.63
CA GLU A 437 34.30 -3.88 29.72
C GLU A 437 33.51 -3.76 28.43
N VAL A 438 32.28 -3.23 28.52
CA VAL A 438 31.49 -3.08 27.29
C VAL A 438 32.14 -2.06 26.35
N LEU A 439 32.82 -1.07 26.92
CA LEU A 439 33.51 -0.04 26.14
C LEU A 439 34.84 -0.54 25.59
N ALA A 440 35.34 -1.63 26.16
CA ALA A 440 36.67 -2.17 25.78
C ALA A 440 36.61 -3.31 24.75
N THR A 441 35.62 -4.20 24.87
CA THR A 441 35.60 -5.39 24.04
C THR A 441 35.35 -5.10 22.56
N HIS A 442 36.04 -5.84 21.70
CA HIS A 442 35.83 -5.74 20.25
C HIS A 442 34.95 -6.86 19.72
N ASP A 443 34.51 -7.74 20.63
CA ASP A 443 33.66 -8.88 20.27
C ASP A 443 32.19 -8.53 20.48
N GLU A 444 31.43 -8.56 19.39
CA GLU A 444 30.02 -8.22 19.45
C GLU A 444 29.25 -9.14 20.40
N THR A 445 29.61 -10.42 20.42
CA THR A 445 28.89 -11.36 21.25
C THR A 445 29.08 -11.06 22.73
N GLN A 446 30.28 -10.65 23.12
CA GLN A 446 30.55 -10.30 24.51
C GLN A 446 29.85 -9.01 24.90
N ARG A 447 29.77 -8.12 23.92
CA ARG A 447 29.11 -6.82 24.10
C ARG A 447 27.61 -6.99 24.29
N GLN A 448 27.01 -7.90 23.53
CA GLN A 448 25.60 -8.22 23.69
C GLN A 448 25.32 -8.70 25.11
N ALA A 449 26.14 -9.64 25.59
CA ALA A 449 26.00 -10.17 26.96
C ALA A 449 26.20 -9.12 28.05
N LEU A 450 27.21 -8.26 27.89
CA LEU A 450 27.50 -7.26 28.92
C LEU A 450 26.35 -6.26 29.02
N TYR A 451 25.83 -5.86 27.86
CA TYR A 451 24.66 -4.99 27.85
C TYR A 451 23.45 -5.65 28.51
N ARG A 452 23.23 -6.94 28.22
CA ARG A 452 22.10 -7.62 28.83
C ARG A 452 22.27 -7.66 30.33
N ASP A 453 23.47 -8.00 30.79
CA ASP A 453 23.69 -8.10 32.23
C ASP A 453 23.53 -6.76 32.95
N ILE A 454 24.22 -5.73 32.42
CA ILE A 454 24.10 -4.37 32.99
C ILE A 454 22.64 -3.89 33.01
N LEU A 455 21.98 -3.91 31.85
CA LEU A 455 20.62 -3.37 31.75
C LEU A 455 19.62 -4.19 32.58
N THR A 456 19.83 -5.50 32.67
CA THR A 456 18.96 -6.39 33.46
C THR A 456 19.08 -6.13 34.96
N ARG A 457 20.29 -5.87 35.45
CA ARG A 457 20.47 -5.55 36.86
C ARG A 457 19.74 -4.26 37.20
N LEU A 458 20.04 -3.23 36.41
CA LEU A 458 19.47 -1.90 36.59
C LEU A 458 17.93 -1.96 36.61
N HIS A 459 17.39 -2.80 35.73
CA HIS A 459 15.95 -2.99 35.62
C HIS A 459 15.40 -3.75 36.81
N ASP A 460 16.04 -4.87 37.14
CA ASP A 460 15.52 -5.74 38.18
C ASP A 460 15.70 -5.12 39.57
N GLU A 461 16.67 -4.22 39.69
CA GLU A 461 16.91 -3.56 40.96
C GLU A 461 16.15 -2.26 41.08
N ALA A 462 15.29 -1.99 40.10
CA ALA A 462 14.33 -0.86 40.12
C ALA A 462 14.99 0.47 40.43
N VAL A 463 16.13 0.70 39.80
CA VAL A 463 16.83 1.94 39.94
C VAL A 463 15.99 3.06 39.35
N TYR A 464 15.32 2.77 38.24
CA TYR A 464 14.56 3.81 37.56
C TYR A 464 13.05 3.59 37.61
N LEU A 465 12.30 4.66 37.33
CA LEU A 465 10.85 4.56 37.10
C LEU A 465 10.56 5.16 35.71
N PRO A 466 10.68 4.32 34.65
CA PRO A 466 10.51 4.82 33.28
C PRO A 466 9.10 5.35 33.12
N ILE A 467 8.98 6.53 32.49
CA ILE A 467 7.66 7.12 32.30
C ILE A 467 7.27 7.04 30.83
N SER A 468 8.05 7.69 29.97
CA SER A 468 7.68 7.80 28.57
C SER A 468 8.87 7.87 27.62
N TYR A 469 8.59 7.70 26.32
CA TYR A 469 9.61 7.92 25.31
C TYR A 469 9.22 9.13 24.48
N ILE A 470 10.07 10.17 24.49
CA ILE A 470 9.67 11.47 23.95
C ILE A 470 10.17 11.74 22.52
N SER A 471 9.53 12.68 21.82
CA SER A 471 9.87 12.97 20.43
C SER A 471 10.40 14.39 20.24
N MET A 472 10.99 14.65 19.07
CA MET A 472 11.23 16.02 18.64
C MET A 472 9.93 16.53 18.03
N MET A 473 9.69 17.83 18.18
CA MET A 473 8.58 18.46 17.48
C MET A 473 8.97 19.69 16.68
N VAL A 474 8.25 19.91 15.58
CA VAL A 474 8.47 21.05 14.73
C VAL A 474 7.16 21.81 14.49
N VAL A 475 7.19 23.12 14.62
CA VAL A 475 6.11 23.97 14.12
C VAL A 475 6.74 25.02 13.21
N SER A 476 6.25 25.13 11.98
CA SER A 476 6.96 25.91 10.96
C SER A 476 6.00 26.54 9.95
N LYS A 477 6.45 27.59 9.27
CA LYS A 477 5.68 28.11 8.13
C LYS A 477 5.78 27.11 6.99
N PRO A 478 4.66 26.90 6.26
CA PRO A 478 4.66 25.89 5.20
C PRO A 478 5.68 26.19 4.12
N GLU A 479 6.00 27.46 3.91
CA GLU A 479 6.98 27.87 2.91
C GLU A 479 8.37 27.29 3.13
N LEU A 480 8.71 26.89 4.37
CA LEU A 480 10.02 26.25 4.66
C LEU A 480 10.05 24.75 4.28
N GLY A 481 8.89 24.21 3.94
CA GLY A 481 8.80 22.81 3.56
C GLY A 481 9.02 21.84 4.72
N ASN A 482 9.41 20.62 4.38
CA ASN A 482 9.69 19.58 5.37
C ASN A 482 11.01 19.86 6.11
N ILE A 483 10.97 19.87 7.44
CA ILE A 483 12.16 20.21 8.23
C ILE A 483 12.86 18.91 8.65
N PRO A 484 14.15 18.79 8.34
CA PRO A 484 14.75 17.47 8.62
C PRO A 484 15.24 17.35 10.04
N TYR A 485 15.64 16.16 10.42
CA TYR A 485 16.24 15.98 11.74
C TYR A 485 17.71 15.62 11.58
N ALA A 486 18.53 16.12 12.49
CA ALA A 486 19.94 15.78 12.52
C ALA A 486 20.16 14.40 13.18
N PRO A 487 21.17 13.65 12.69
CA PRO A 487 21.58 12.36 13.23
C PRO A 487 21.92 12.43 14.74
N ILE A 488 22.50 13.54 15.17
CA ILE A 488 22.70 13.77 16.58
C ILE A 488 21.45 14.50 17.11
N ALA A 489 20.74 13.86 18.02
CA ALA A 489 19.47 14.38 18.55
C ALA A 489 19.56 15.77 19.19
N THR A 490 20.74 16.13 19.70
CA THR A 490 20.95 17.44 20.34
C THR A 490 21.25 18.57 19.34
N GLU A 491 21.47 18.23 18.07
CA GLU A 491 21.74 19.22 17.02
C GLU A 491 20.50 19.61 16.20
N ILE A 492 20.48 20.84 15.70
CA ILE A 492 19.43 21.34 14.79
C ILE A 492 20.06 21.70 13.45
N PRO A 493 19.57 21.07 12.36
CA PRO A 493 20.14 21.13 10.99
C PRO A 493 19.72 22.38 10.19
N PHE A 494 20.01 23.55 10.74
CA PHE A 494 19.67 24.82 10.10
C PHE A 494 20.24 24.93 8.68
N GLU A 495 21.46 24.44 8.52
CA GLU A 495 22.16 24.47 7.23
C GLU A 495 21.42 23.72 6.12
N GLN A 496 20.42 22.93 6.49
CA GLN A 496 19.67 22.17 5.51
C GLN A 496 18.31 22.78 5.20
N ILE A 497 17.95 23.87 5.87
CA ILE A 497 16.66 24.52 5.61
C ILE A 497 16.73 25.42 4.37
N LYS A 498 15.77 25.25 3.46
CA LYS A 498 15.76 26.01 2.22
C LYS A 498 14.48 26.83 2.06
N PRO A 499 14.56 28.15 2.31
CA PRO A 499 13.41 29.04 2.14
C PRO A 499 12.98 29.19 0.68
N VAL A 500 11.91 29.94 0.43
CA VAL A 500 11.46 30.22 -0.94
C VAL A 500 11.78 31.66 -1.32
N PRO B 3 32.54 -19.12 9.05
CA PRO B 3 31.91 -17.88 9.55
C PRO B 3 31.41 -16.99 8.41
N ASP B 4 31.82 -17.31 7.18
CA ASP B 4 31.51 -16.48 6.03
C ASP B 4 30.38 -17.08 5.17
N GLU B 5 29.66 -18.05 5.73
CA GLU B 5 28.48 -18.60 5.07
C GLU B 5 27.31 -18.57 6.04
N ILE B 6 26.18 -18.04 5.61
CA ILE B 6 24.99 -18.01 6.47
C ILE B 6 23.76 -18.66 5.81
N THR B 7 22.86 -19.20 6.65
CA THR B 7 21.57 -19.69 6.17
C THR B 7 20.43 -18.92 6.86
N THR B 8 19.42 -18.58 6.07
CA THR B 8 18.26 -17.85 6.58
C THR B 8 17.03 -18.46 5.93
N ALA B 9 15.89 -17.78 6.04
CA ALA B 9 14.64 -18.37 5.57
C ALA B 9 13.69 -17.32 5.05
N TRP B 10 12.79 -17.74 4.19
CA TRP B 10 11.85 -16.84 3.59
C TRP B 10 10.64 -17.67 3.24
N PRO B 11 9.46 -17.06 3.24
CA PRO B 11 8.25 -17.85 3.02
C PRO B 11 8.10 -18.35 1.58
N VAL B 12 8.80 -17.73 0.64
CA VAL B 12 8.66 -18.12 -0.76
C VAL B 12 10.02 -18.10 -1.41
N ASN B 13 10.15 -18.68 -2.61
CA ASN B 13 11.40 -18.57 -3.37
C ASN B 13 11.62 -17.13 -3.79
N VAL B 14 12.85 -16.79 -4.15
CA VAL B 14 13.17 -15.43 -4.60
C VAL B 14 12.53 -15.09 -5.96
N GLY B 15 12.21 -16.11 -6.76
CA GLY B 15 11.60 -15.88 -8.06
C GLY B 15 12.65 -15.88 -9.17
N PRO B 16 12.22 -15.67 -10.42
CA PRO B 16 13.13 -15.61 -11.59
C PRO B 16 14.21 -14.54 -11.48
N LEU B 17 14.01 -13.56 -10.60
CA LEU B 17 14.86 -12.35 -10.53
C LEU B 17 14.94 -11.59 -11.86
N ASN B 18 13.77 -11.36 -12.45
CA ASN B 18 13.64 -10.38 -13.52
C ASN B 18 13.65 -9.02 -12.84
N PRO B 19 14.58 -8.16 -13.26
CA PRO B 19 14.73 -6.85 -12.61
C PRO B 19 13.58 -5.89 -12.96
N HIS B 20 12.75 -6.29 -13.92
CA HIS B 20 11.78 -5.36 -14.50
C HIS B 20 10.38 -5.86 -14.32
N LEU B 21 10.25 -6.94 -13.56
CA LEU B 21 8.93 -7.43 -13.20
C LEU B 21 8.73 -7.55 -11.67
N TYR B 22 7.51 -7.91 -11.29
CA TYR B 22 7.10 -7.90 -9.89
C TYR B 22 6.88 -9.31 -9.37
N THR B 23 5.79 -9.52 -8.63
CA THR B 23 5.40 -10.86 -8.16
C THR B 23 5.55 -11.85 -9.30
N PRO B 24 6.30 -12.93 -9.09
CA PRO B 24 6.75 -13.39 -7.77
C PRO B 24 8.19 -13.06 -7.45
N ASN B 25 8.74 -12.05 -8.10
CA ASN B 25 10.07 -11.63 -7.73
C ASN B 25 10.03 -11.01 -6.33
N GLN B 26 11.01 -11.35 -5.51
CA GLN B 26 11.15 -10.72 -4.20
C GLN B 26 12.08 -9.50 -4.30
N MET B 27 11.63 -8.34 -3.84
CA MET B 27 12.42 -7.12 -4.00
C MET B 27 13.80 -7.23 -3.39
N PHE B 28 13.91 -7.85 -2.21
CA PHE B 28 15.20 -7.87 -1.49
C PHE B 28 16.26 -8.60 -2.35
N ALA B 29 15.83 -9.66 -3.03
CA ALA B 29 16.76 -10.47 -3.83
C ALA B 29 17.14 -9.71 -5.12
N GLN B 30 16.13 -9.12 -5.77
CA GLN B 30 16.37 -8.18 -6.87
C GLN B 30 17.44 -7.16 -6.47
N SER B 31 17.37 -6.63 -5.25
CA SER B 31 18.34 -5.62 -4.81
C SER B 31 19.71 -6.21 -4.50
N MET B 32 19.75 -7.53 -4.34
CA MET B 32 21.02 -8.23 -4.13
C MET B 32 21.82 -8.39 -5.44
N VAL B 33 21.09 -8.55 -6.55
CA VAL B 33 21.69 -8.81 -7.85
C VAL B 33 21.85 -7.53 -8.69
N TYR B 34 20.79 -6.71 -8.74
CA TYR B 34 20.79 -5.51 -9.58
C TYR B 34 20.94 -4.21 -8.80
N GLU B 35 21.63 -3.27 -9.42
CA GLU B 35 21.96 -1.99 -8.82
C GLU B 35 21.31 -0.82 -9.54
N PRO B 36 21.25 0.34 -8.88
CA PRO B 36 20.68 1.54 -9.49
C PRO B 36 21.74 2.60 -9.83
N LEU B 37 21.32 3.60 -10.61
CA LEU B 37 22.16 4.75 -10.92
C LEU B 37 22.57 5.52 -9.66
N VAL B 38 21.61 5.73 -8.76
CA VAL B 38 21.89 6.45 -7.53
C VAL B 38 21.37 5.66 -6.31
N LYS B 39 22.00 5.83 -5.16
CA LYS B 39 21.67 5.00 -4.01
C LYS B 39 21.02 5.78 -2.89
N TYR B 40 19.86 5.30 -2.46
CA TYR B 40 19.13 5.93 -1.37
C TYR B 40 19.87 5.84 -0.03
N GLN B 41 19.68 6.86 0.80
CA GLN B 41 20.40 6.99 2.04
C GLN B 41 19.43 7.28 3.19
N ALA B 42 19.84 6.87 4.39
CA ALA B 42 18.99 6.99 5.58
C ALA B 42 18.50 8.43 5.79
N ASP B 43 19.35 9.41 5.46
CA ASP B 43 18.98 10.81 5.62
C ASP B 43 18.02 11.31 4.52
N GLY B 44 17.68 10.45 3.57
CA GLY B 44 16.73 10.85 2.54
C GLY B 44 17.35 11.35 1.24
N SER B 45 18.66 11.53 1.22
CA SER B 45 19.33 11.92 -0.02
C SER B 45 19.69 10.69 -0.84
N VAL B 46 20.27 10.94 -2.03
CA VAL B 46 20.90 9.86 -2.77
C VAL B 46 22.40 10.10 -2.83
N ILE B 47 23.13 9.03 -3.12
CA ILE B 47 24.54 9.17 -3.43
C ILE B 47 24.78 8.58 -4.80
N PRO B 48 25.88 9.03 -5.44
CA PRO B 48 26.23 8.42 -6.72
C PRO B 48 26.49 6.93 -6.52
N TRP B 49 26.11 6.12 -7.50
CA TRP B 49 26.37 4.69 -7.47
C TRP B 49 26.91 4.30 -8.85
N LEU B 50 26.09 3.64 -9.66
CA LEU B 50 26.51 3.29 -11.02
C LEU B 50 26.80 4.56 -11.83
N ALA B 51 26.06 5.64 -11.53
CA ALA B 51 26.34 6.93 -12.12
C ALA B 51 27.29 7.69 -11.19
N LYS B 52 28.46 8.08 -11.71
CA LYS B 52 29.50 8.75 -10.91
C LYS B 52 29.11 10.20 -10.64
N SER B 53 28.45 10.83 -11.61
CA SER B 53 27.94 12.20 -11.45
C SER B 53 26.88 12.47 -12.50
N TRP B 54 26.32 13.67 -12.47
CA TRP B 54 25.26 14.03 -13.41
C TRP B 54 25.09 15.52 -13.48
N THR B 55 24.52 16.00 -14.58
CA THR B 55 24.12 17.41 -14.70
C THR B 55 22.72 17.45 -15.28
N HIS B 56 22.02 18.56 -15.08
CA HIS B 56 20.71 18.74 -15.68
C HIS B 56 20.59 20.11 -16.33
N SER B 57 19.79 20.17 -17.39
CA SER B 57 19.50 21.40 -18.11
C SER B 57 18.78 22.40 -17.21
N GLU B 58 18.78 23.67 -17.62
CA GLU B 58 18.16 24.75 -16.86
C GLU B 58 16.70 24.45 -16.47
N ASP B 59 15.93 23.96 -17.44
CA ASP B 59 14.53 23.65 -17.21
C ASP B 59 14.33 22.35 -16.41
N GLY B 60 15.46 21.72 -16.04
CA GLY B 60 15.42 20.51 -15.22
C GLY B 60 14.77 19.29 -15.87
N LYS B 61 14.62 19.30 -17.18
CA LYS B 61 13.99 18.17 -17.87
C LYS B 61 14.99 17.24 -18.53
N THR B 62 16.18 17.74 -18.83
CA THR B 62 17.19 16.89 -19.47
C THR B 62 18.35 16.63 -18.51
N TRP B 63 18.64 15.35 -18.29
CA TRP B 63 19.65 14.92 -17.32
C TRP B 63 20.72 14.09 -17.99
N THR B 64 21.97 14.35 -17.62
CA THR B 64 23.08 13.62 -18.22
C THR B 64 23.96 13.00 -17.17
N PHE B 65 23.86 11.68 -17.07
CA PHE B 65 24.58 10.91 -16.08
C PHE B 65 25.91 10.43 -16.65
N THR B 66 26.99 10.65 -15.89
CA THR B 66 28.29 10.08 -16.23
C THR B 66 28.47 8.76 -15.49
N LEU B 67 28.32 7.64 -16.19
CA LEU B 67 28.45 6.32 -15.59
C LEU B 67 29.90 6.01 -15.21
N ARG B 68 30.07 5.03 -14.31
CA ARG B 68 31.40 4.50 -13.97
C ARG B 68 31.93 3.70 -15.17
N ASP B 69 33.25 3.56 -15.24
CA ASP B 69 33.86 2.86 -16.38
C ASP B 69 34.42 1.49 -15.98
N ASP B 70 34.50 1.25 -14.67
CA ASP B 70 35.10 0.02 -14.17
C ASP B 70 34.07 -1.01 -13.74
N VAL B 71 32.86 -0.93 -14.29
CA VAL B 71 31.81 -1.83 -13.82
C VAL B 71 31.46 -2.91 -14.80
N LYS B 72 31.66 -4.15 -14.36
CA LYS B 72 31.34 -5.31 -15.17
C LYS B 72 30.16 -6.05 -14.56
N PHE B 73 29.29 -6.58 -15.41
CA PHE B 73 28.27 -7.51 -14.93
C PHE B 73 29.00 -8.73 -14.34
N SER B 74 28.28 -9.57 -13.61
CA SER B 74 28.91 -10.73 -12.97
C SER B 74 29.47 -11.72 -14.01
N ASN B 75 28.93 -11.67 -15.23
CA ASN B 75 29.36 -12.57 -16.30
C ASN B 75 30.52 -12.02 -17.16
N GLY B 76 31.12 -10.91 -16.75
CA GLY B 76 32.25 -10.36 -17.47
C GLY B 76 31.92 -9.22 -18.43
N GLU B 77 30.76 -9.30 -19.07
CA GLU B 77 30.29 -8.25 -19.97
C GLU B 77 30.29 -6.90 -19.27
N PRO B 78 30.53 -5.80 -20.03
CA PRO B 78 30.73 -4.51 -19.36
C PRO B 78 29.43 -3.73 -19.18
N PHE B 79 29.39 -2.91 -18.13
CA PHE B 79 28.26 -2.00 -17.93
C PHE B 79 28.64 -0.62 -18.47
N ASP B 80 27.81 -0.12 -19.39
CA ASP B 80 28.05 1.14 -20.08
C ASP B 80 26.72 1.78 -20.40
N ALA B 81 26.77 3.02 -20.88
CA ALA B 81 25.56 3.77 -21.24
C ALA B 81 24.60 3.00 -22.16
N GLU B 82 25.14 2.25 -23.12
CA GLU B 82 24.31 1.51 -24.05
C GLU B 82 23.53 0.41 -23.31
N ALA B 83 24.24 -0.30 -22.43
CA ALA B 83 23.61 -1.29 -21.55
C ALA B 83 22.47 -0.63 -20.77
N ALA B 84 22.80 0.47 -20.10
CA ALA B 84 21.84 1.27 -19.36
C ALA B 84 20.64 1.64 -20.22
N ALA B 85 20.92 2.22 -21.40
CA ALA B 85 19.86 2.72 -22.27
C ALA B 85 18.91 1.59 -22.67
N GLU B 86 19.47 0.43 -22.95
CA GLU B 86 18.69 -0.74 -23.34
C GLU B 86 17.75 -1.16 -22.23
N ASN B 87 18.22 -1.11 -20.98
CA ASN B 87 17.40 -1.50 -19.85
C ASN B 87 16.17 -0.60 -19.75
N PHE B 88 16.38 0.72 -19.82
CA PHE B 88 15.27 1.67 -19.86
C PHE B 88 14.27 1.39 -20.97
N ARG B 89 14.78 1.03 -22.14
CA ARG B 89 13.91 0.70 -23.27
C ARG B 89 13.06 -0.53 -22.93
N ALA B 90 13.74 -1.59 -22.46
CA ALA B 90 13.07 -2.84 -22.09
C ALA B 90 11.94 -2.63 -21.06
N VAL B 91 12.22 -1.80 -20.04
CA VAL B 91 11.23 -1.37 -19.05
C VAL B 91 10.05 -0.63 -19.68
N LEU B 92 10.34 0.54 -20.25
CA LEU B 92 9.32 1.41 -20.85
C LEU B 92 8.56 0.78 -22.01
N ASP B 93 9.11 -0.31 -22.58
CA ASP B 93 8.36 -1.14 -23.53
C ASP B 93 7.11 -1.74 -22.87
N ASN B 94 7.17 -1.86 -21.55
CA ASN B 94 6.06 -2.38 -20.75
C ASN B 94 5.56 -1.28 -19.80
N ARG B 95 5.74 -0.03 -20.23
CA ARG B 95 5.46 1.16 -19.42
C ARG B 95 4.18 1.12 -18.55
N GLN B 96 3.10 0.58 -19.08
CA GLN B 96 1.85 0.57 -18.33
C GLN B 96 1.97 -0.22 -17.00
N ARG B 97 2.74 -1.31 -17.02
CA ARG B 97 2.95 -2.12 -15.82
C ARG B 97 3.63 -1.33 -14.70
N HIS B 98 4.29 -0.22 -15.07
CA HIS B 98 5.08 0.56 -14.14
C HIS B 98 4.40 1.87 -13.79
N ALA B 99 3.16 2.02 -14.24
CA ALA B 99 2.44 3.29 -14.15
C ALA B 99 2.13 3.71 -12.72
N TRP B 100 2.20 2.77 -11.78
CA TRP B 100 2.07 3.05 -10.35
C TRP B 100 3.15 4.06 -9.92
N LEU B 101 4.31 3.97 -10.59
CA LEU B 101 5.47 4.80 -10.26
C LEU B 101 5.57 5.95 -11.27
N GLU B 102 5.40 7.19 -10.81
CA GLU B 102 5.24 8.31 -11.73
C GLU B 102 6.44 8.58 -12.66
N LEU B 103 7.65 8.17 -12.24
CA LEU B 103 8.84 8.31 -13.10
C LEU B 103 8.68 7.59 -14.43
N ALA B 104 8.08 6.39 -14.39
CA ALA B 104 7.80 5.59 -15.57
C ALA B 104 6.95 6.34 -16.60
N ASN B 105 6.07 7.22 -16.12
CA ASN B 105 5.19 8.01 -16.97
C ASN B 105 5.86 9.31 -17.41
N GLN B 106 7.02 9.62 -16.81
CA GLN B 106 7.71 10.88 -17.05
C GLN B 106 8.83 10.77 -18.09
N ILE B 107 9.47 9.61 -18.16
CA ILE B 107 10.59 9.46 -19.06
C ILE B 107 10.12 9.48 -20.53
N VAL B 108 10.67 10.43 -21.29
CA VAL B 108 10.32 10.63 -22.70
C VAL B 108 11.29 9.88 -23.57
N ASP B 109 12.57 9.97 -23.23
CA ASP B 109 13.62 9.38 -24.04
C ASP B 109 14.87 9.04 -23.21
N VAL B 110 15.55 7.95 -23.57
CA VAL B 110 16.84 7.59 -22.96
C VAL B 110 17.88 7.24 -24.03
N LYS B 111 18.97 8.01 -24.10
CA LYS B 111 19.97 7.79 -25.16
C LYS B 111 21.39 7.68 -24.61
N ALA B 112 22.14 6.73 -25.15
CA ALA B 112 23.57 6.60 -24.87
C ALA B 112 24.39 7.57 -25.74
N LEU B 113 25.06 8.53 -25.10
CA LEU B 113 25.85 9.53 -25.80
C LEU B 113 27.27 9.03 -26.05
N SER B 114 27.90 8.51 -25.01
CA SER B 114 29.25 7.94 -25.05
C SER B 114 29.20 6.51 -24.54
N LYS B 115 30.33 6.01 -24.09
CA LYS B 115 30.33 4.80 -23.30
C LYS B 115 29.91 5.17 -21.88
N THR B 116 30.32 6.37 -21.44
CA THR B 116 30.07 6.82 -20.07
C THR B 116 28.96 7.86 -19.95
N GLU B 117 28.34 8.23 -21.06
CA GLU B 117 27.36 9.31 -21.04
C GLU B 117 25.94 8.84 -21.32
N LEU B 118 25.07 8.98 -20.33
CA LEU B 118 23.69 8.55 -20.48
C LEU B 118 22.76 9.73 -20.28
N GLN B 119 21.91 9.96 -21.27
CA GLN B 119 21.01 11.10 -21.26
C GLN B 119 19.55 10.67 -21.12
N ILE B 120 18.91 11.15 -20.06
CA ILE B 120 17.49 10.88 -19.82
C ILE B 120 16.71 12.17 -19.96
N THR B 121 15.59 12.09 -20.67
CA THR B 121 14.72 13.25 -20.89
C THR B 121 13.33 13.01 -20.31
N LEU B 122 12.87 13.96 -19.50
CA LEU B 122 11.57 13.84 -18.83
C LEU B 122 10.53 14.80 -19.40
N LYS B 123 9.26 14.45 -19.29
CA LYS B 123 8.16 15.35 -19.64
C LYS B 123 8.20 16.69 -18.89
N SER B 124 8.73 16.69 -17.67
CA SER B 124 8.72 17.88 -16.81
C SER B 124 9.88 17.82 -15.83
N ALA B 125 10.14 18.91 -15.12
CA ALA B 125 11.16 18.88 -14.07
C ALA B 125 10.63 18.14 -12.83
N TYR B 126 10.75 16.82 -12.87
CA TYR B 126 10.14 15.91 -11.92
C TYR B 126 11.00 15.75 -10.69
N TYR B 127 10.59 16.35 -9.58
CA TYR B 127 11.41 16.37 -8.37
C TYR B 127 11.78 15.00 -7.75
N PRO B 128 10.84 14.01 -7.75
CA PRO B 128 11.24 12.74 -7.12
C PRO B 128 12.16 11.88 -7.99
N PHE B 129 12.62 12.42 -9.12
CA PHE B 129 13.40 11.70 -10.14
C PHE B 129 14.46 10.73 -9.60
N LEU B 130 15.48 11.28 -8.94
CA LEU B 130 16.59 10.48 -8.44
C LEU B 130 16.15 9.40 -7.45
N GLN B 131 15.22 9.75 -6.56
CA GLN B 131 14.74 8.82 -5.56
C GLN B 131 14.14 7.60 -6.22
N GLU B 132 13.28 7.86 -7.20
CA GLU B 132 12.55 6.79 -7.84
C GLU B 132 13.50 5.96 -8.72
N LEU B 133 14.65 6.53 -9.07
CA LEU B 133 15.72 5.77 -9.73
C LEU B 133 16.42 4.82 -8.74
N ALA B 134 16.44 5.22 -7.47
CA ALA B 134 17.12 4.45 -6.44
C ALA B 134 16.34 3.20 -5.99
N LEU B 135 15.08 3.10 -6.40
CA LEU B 135 14.21 2.02 -5.94
C LEU B 135 14.76 0.66 -6.39
N PRO B 136 14.39 -0.42 -5.66
CA PRO B 136 14.79 -1.78 -6.04
C PRO B 136 14.38 -2.14 -7.47
N ARG B 137 13.26 -1.61 -7.94
CA ARG B 137 12.69 -1.98 -9.24
C ARG B 137 11.69 -0.89 -9.65
N PRO B 138 11.52 -0.65 -10.96
CA PRO B 138 12.09 -1.38 -12.10
C PRO B 138 13.39 -0.83 -12.72
N PHE B 139 13.90 0.31 -12.26
CA PHE B 139 15.01 0.94 -12.99
C PHE B 139 16.40 0.47 -12.60
N ARG B 140 16.58 -0.86 -12.63
CA ARG B 140 17.89 -1.47 -12.39
C ARG B 140 18.32 -2.33 -13.60
N PHE B 141 19.60 -2.72 -13.64
CA PHE B 141 20.23 -3.14 -14.90
C PHE B 141 20.69 -4.60 -15.01
N ILE B 142 20.01 -5.33 -15.88
CA ILE B 142 20.47 -6.67 -16.24
C ILE B 142 21.29 -6.59 -17.53
N ALA B 143 22.32 -7.44 -17.63
CA ALA B 143 23.09 -7.63 -18.86
C ALA B 143 22.19 -7.80 -20.07
N PRO B 144 22.29 -6.87 -21.03
CA PRO B 144 21.44 -6.86 -22.22
C PRO B 144 21.46 -8.19 -22.97
N SER B 145 22.59 -8.90 -22.90
CA SER B 145 22.70 -10.23 -23.50
C SER B 145 21.65 -11.23 -22.96
N GLN B 146 21.12 -10.93 -21.77
CA GLN B 146 20.15 -11.81 -21.13
C GLN B 146 18.71 -11.49 -21.50
N PHE B 147 18.52 -10.51 -22.39
CA PHE B 147 17.20 -10.21 -22.91
C PHE B 147 16.71 -11.38 -23.75
N LYS B 148 15.40 -11.53 -23.82
CA LYS B 148 14.77 -12.54 -24.68
C LYS B 148 14.11 -11.82 -25.85
N ASN B 149 14.74 -11.93 -27.03
CA ASN B 149 14.26 -11.23 -28.23
C ASN B 149 14.23 -9.72 -27.97
N HIS B 150 15.32 -9.22 -27.39
CA HIS B 150 15.51 -7.79 -27.13
C HIS B 150 14.48 -7.19 -26.18
N GLU B 151 13.88 -8.03 -25.33
CA GLU B 151 12.92 -7.56 -24.33
C GLU B 151 13.20 -8.18 -22.96
N THR B 152 12.54 -7.67 -21.92
CA THR B 152 12.60 -8.31 -20.61
C THR B 152 11.20 -8.62 -20.14
N MET B 153 10.23 -7.89 -20.70
CA MET B 153 8.84 -8.03 -20.29
C MET B 153 8.24 -9.41 -20.52
N ASN B 154 8.91 -10.25 -21.29
CA ASN B 154 8.38 -11.59 -21.58
C ASN B 154 9.28 -12.67 -21.00
N GLY B 155 10.13 -12.26 -20.08
CA GLY B 155 11.07 -13.18 -19.48
C GLY B 155 12.48 -12.76 -19.80
N ILE B 156 13.42 -13.34 -19.05
CA ILE B 156 14.85 -13.13 -19.27
C ILE B 156 15.55 -14.49 -19.34
N LYS B 157 16.84 -14.48 -19.62
CA LYS B 157 17.60 -15.72 -19.64
C LYS B 157 18.17 -15.97 -18.25
N ALA B 158 19.33 -15.42 -17.98
CA ALA B 158 19.96 -15.56 -16.68
C ALA B 158 20.00 -14.20 -15.95
N PRO B 159 19.67 -14.20 -14.65
CA PRO B 159 19.60 -12.95 -13.89
C PRO B 159 20.96 -12.33 -13.64
N ILE B 160 21.61 -11.83 -14.70
CA ILE B 160 22.95 -11.26 -14.57
C ILE B 160 22.90 -9.76 -14.28
N GLY B 161 23.42 -9.36 -13.11
CA GLY B 161 23.47 -7.97 -12.71
C GLY B 161 24.88 -7.53 -12.36
N THR B 162 25.01 -6.33 -11.80
CA THR B 162 26.31 -5.80 -11.40
C THR B 162 26.49 -5.89 -9.90
N GLY B 163 25.46 -6.36 -9.20
CA GLY B 163 25.45 -6.34 -7.74
C GLY B 163 26.44 -7.28 -7.07
N PRO B 164 26.59 -7.15 -5.75
CA PRO B 164 27.54 -7.95 -4.97
C PRO B 164 27.12 -9.41 -4.75
N TRP B 165 25.93 -9.79 -5.20
CA TRP B 165 25.46 -11.16 -5.01
C TRP B 165 25.05 -11.79 -6.33
N ILE B 166 25.28 -13.09 -6.48
CA ILE B 166 24.89 -13.81 -7.70
C ILE B 166 24.01 -15.02 -7.38
N LEU B 167 22.90 -15.15 -8.08
CA LEU B 167 22.03 -16.31 -7.91
C LEU B 167 22.70 -17.54 -8.50
N GLN B 168 23.21 -18.41 -7.62
CA GLN B 168 23.93 -19.61 -8.03
C GLN B 168 23.00 -20.79 -8.30
N GLU B 169 21.91 -20.86 -7.55
CA GLU B 169 21.02 -22.02 -7.61
C GLU B 169 19.68 -21.67 -7.00
N SER B 170 18.63 -22.27 -7.54
CA SER B 170 17.29 -21.98 -7.10
C SER B 170 16.45 -23.24 -7.28
N LYS B 171 15.87 -23.76 -6.20
CA LYS B 171 15.01 -24.95 -6.27
C LYS B 171 13.65 -24.68 -5.66
N LEU B 172 12.60 -24.79 -6.49
CA LEU B 172 11.26 -24.39 -6.11
C LEU B 172 10.76 -25.06 -4.84
N ASN B 173 10.22 -24.24 -3.94
CA ASN B 173 9.71 -24.67 -2.63
C ASN B 173 10.75 -25.30 -1.73
N GLN B 174 12.02 -25.01 -1.98
CA GLN B 174 13.11 -25.58 -1.20
C GLN B 174 14.10 -24.52 -0.75
N TYR B 175 14.86 -23.99 -1.70
CA TYR B 175 15.87 -23.01 -1.38
C TYR B 175 16.38 -22.21 -2.57
N ASP B 176 17.18 -21.18 -2.26
CA ASP B 176 17.83 -20.35 -3.24
C ASP B 176 19.20 -20.08 -2.64
N VAL B 177 20.24 -20.08 -3.46
CA VAL B 177 21.59 -19.88 -2.94
C VAL B 177 22.27 -18.74 -3.70
N PHE B 178 22.91 -17.85 -2.96
CA PHE B 178 23.59 -16.73 -3.57
C PHE B 178 25.04 -16.86 -3.19
N VAL B 179 25.94 -16.49 -4.10
CA VAL B 179 27.35 -16.41 -3.73
C VAL B 179 27.83 -15.02 -3.98
N ARG B 180 28.87 -14.64 -3.26
CA ARG B 180 29.48 -13.34 -3.43
C ARG B 180 30.09 -13.21 -4.83
N ASN B 181 29.81 -12.09 -5.48
CA ASN B 181 30.39 -11.73 -6.77
C ASN B 181 31.81 -11.24 -6.55
N GLU B 182 32.79 -12.07 -6.93
CA GLU B 182 34.19 -11.77 -6.61
C GLU B 182 34.77 -10.67 -7.51
N ASN B 183 34.05 -10.33 -8.57
CA ASN B 183 34.44 -9.23 -9.45
C ASN B 183 33.51 -8.06 -9.30
N TYR B 184 33.11 -7.78 -8.05
CA TYR B 184 32.19 -6.68 -7.77
C TYR B 184 32.96 -5.38 -7.83
N TRP B 185 32.35 -4.37 -8.45
CA TRP B 185 33.06 -3.13 -8.65
C TRP B 185 33.33 -2.38 -7.35
N GLY B 186 32.51 -2.63 -6.32
CA GLY B 186 32.61 -1.90 -5.07
C GLY B 186 33.24 -2.66 -3.93
N GLU B 187 32.93 -2.25 -2.70
CA GLU B 187 33.51 -2.88 -1.51
C GLU B 187 33.03 -4.32 -1.34
N LYS B 188 33.90 -5.18 -0.81
CA LYS B 188 33.61 -6.61 -0.75
C LYS B 188 32.89 -7.07 0.52
N PRO B 189 31.75 -7.77 0.35
CA PRO B 189 31.00 -8.34 1.47
C PRO B 189 31.86 -9.37 2.23
N ALA B 190 31.75 -9.34 3.55
CA ALA B 190 32.46 -10.32 4.39
C ALA B 190 31.91 -11.73 4.15
N ILE B 191 30.64 -11.81 3.78
CA ILE B 191 29.96 -13.07 3.59
C ILE B 191 30.09 -13.54 2.16
N LYS B 192 30.31 -14.85 1.98
CA LYS B 192 30.61 -15.40 0.68
C LYS B 192 29.43 -16.18 0.11
N LYS B 193 28.59 -16.72 0.99
CA LYS B 193 27.47 -17.55 0.55
C LYS B 193 26.26 -17.35 1.47
N ILE B 194 25.08 -17.23 0.87
CA ILE B 194 23.85 -17.06 1.62
C ILE B 194 22.85 -18.04 1.09
N THR B 195 22.28 -18.85 1.97
CA THR B 195 21.29 -19.83 1.56
C THR B 195 19.93 -19.47 2.17
N PHE B 196 18.93 -19.30 1.31
CA PHE B 196 17.56 -19.03 1.77
C PHE B 196 16.73 -20.31 1.76
N ASN B 197 16.43 -20.87 2.93
CA ASN B 197 15.53 -22.02 2.99
C ASN B 197 14.09 -21.54 2.78
N VAL B 198 13.34 -22.22 1.93
CA VAL B 198 11.96 -21.81 1.70
C VAL B 198 11.08 -22.47 2.75
N ILE B 199 10.58 -21.69 3.70
CA ILE B 199 9.80 -22.21 4.80
C ILE B 199 8.58 -21.34 4.97
N PRO B 200 7.47 -21.77 4.39
CA PRO B 200 6.26 -20.93 4.39
C PRO B 200 5.53 -20.80 5.75
N ASP B 201 5.67 -21.76 6.64
CA ASP B 201 4.93 -21.69 7.92
C ASP B 201 5.74 -20.93 8.98
N PRO B 202 5.09 -19.93 9.63
CA PRO B 202 5.76 -19.12 10.66
C PRO B 202 6.37 -19.96 11.79
N THR B 203 5.61 -20.94 12.30
CA THR B 203 6.12 -21.82 13.37
C THR B 203 7.36 -22.63 12.96
N THR B 204 7.31 -23.20 11.77
CA THR B 204 8.42 -23.98 11.25
C THR B 204 9.67 -23.08 11.13
N ARG B 205 9.46 -21.79 10.82
CA ARG B 205 10.57 -20.86 10.73
C ARG B 205 11.19 -20.68 12.11
N ALA B 206 10.33 -20.60 13.14
CA ALA B 206 10.77 -20.55 14.54
C ALA B 206 11.61 -21.76 14.94
N VAL B 207 11.07 -22.94 14.67
CA VAL B 207 11.77 -24.18 14.95
C VAL B 207 13.11 -24.26 14.21
N ALA B 208 13.12 -23.77 12.98
CA ALA B 208 14.34 -23.76 12.16
C ALA B 208 15.43 -22.94 12.83
N PHE B 209 15.06 -21.81 13.43
CA PHE B 209 16.05 -21.01 14.14
C PHE B 209 16.45 -21.67 15.49
N GLU B 210 15.45 -22.19 16.20
CA GLU B 210 15.69 -22.85 17.49
C GLU B 210 16.69 -24.02 17.38
N THR B 211 16.55 -24.81 16.31
CA THR B 211 17.47 -25.93 16.05
C THR B 211 18.89 -25.48 15.66
N GLY B 212 19.04 -24.21 15.28
CA GLY B 212 20.33 -23.72 14.85
C GLY B 212 20.53 -23.90 13.37
N ASP B 213 19.50 -24.40 12.67
CA ASP B 213 19.59 -24.58 11.23
C ASP B 213 19.77 -23.29 10.45
N ILE B 214 19.16 -22.20 10.92
CA ILE B 214 19.35 -20.92 10.25
C ILE B 214 20.03 -19.97 11.22
N ASP B 215 20.71 -18.95 10.69
CA ASP B 215 21.55 -18.07 11.49
C ASP B 215 20.86 -16.74 11.73
N LEU B 216 19.86 -16.46 10.89
CA LEU B 216 19.31 -15.12 10.73
C LEU B 216 17.87 -15.17 10.23
N LEU B 217 17.03 -14.34 10.85
CA LEU B 217 15.73 -14.01 10.30
C LEU B 217 15.67 -12.50 10.31
N TYR B 218 15.28 -11.92 9.18
CA TYR B 218 15.23 -10.48 9.02
C TYR B 218 13.99 -10.22 8.19
N GLY B 219 13.03 -9.51 8.77
CA GLY B 219 11.79 -9.16 8.09
C GLY B 219 10.86 -8.34 8.96
N ASN B 220 9.69 -8.00 8.41
CA ASN B 220 8.65 -7.31 9.16
C ASN B 220 8.13 -8.21 10.26
N GLU B 221 7.48 -7.61 11.26
CA GLU B 221 6.79 -8.40 12.26
C GLU B 221 5.72 -9.23 11.56
N GLY B 222 5.64 -10.50 11.93
CA GLY B 222 4.82 -11.46 11.22
C GLY B 222 5.66 -12.58 10.63
N LEU B 223 6.97 -12.31 10.49
CA LEU B 223 7.91 -13.31 9.99
C LEU B 223 8.02 -14.45 11.00
N LEU B 224 7.86 -14.10 12.28
CA LEU B 224 7.80 -15.08 13.36
C LEU B 224 6.53 -14.84 14.12
N PRO B 225 5.98 -15.90 14.73
CA PRO B 225 4.81 -15.66 15.61
C PRO B 225 5.25 -14.73 16.74
N LEU B 226 4.41 -13.77 17.10
CA LEU B 226 4.88 -12.71 18.01
C LEU B 226 5.24 -13.17 19.44
N ASP B 227 4.62 -14.24 19.91
CA ASP B 227 4.94 -14.73 21.26
C ASP B 227 6.30 -15.40 21.28
N THR B 228 6.63 -16.06 20.18
CA THR B 228 7.90 -16.73 20.04
C THR B 228 9.04 -15.70 20.03
N PHE B 229 8.88 -14.66 19.21
CA PHE B 229 9.88 -13.60 19.18
C PHE B 229 10.10 -12.96 20.55
N ALA B 230 9.03 -12.79 21.32
CA ALA B 230 9.16 -12.25 22.67
C ALA B 230 10.00 -13.19 23.53
N ARG B 231 9.74 -14.49 23.42
CA ARG B 231 10.53 -15.49 24.13
C ARG B 231 12.00 -15.39 23.73
N PHE B 232 12.24 -15.25 22.42
CA PHE B 232 13.59 -15.21 21.86
C PHE B 232 14.36 -14.05 22.44
N SER B 233 13.70 -12.92 22.63
CA SER B 233 14.40 -11.72 23.07
C SER B 233 14.84 -11.85 24.54
N GLN B 234 14.29 -12.84 25.24
CA GLN B 234 14.71 -13.12 26.61
C GLN B 234 15.77 -14.20 26.66
N ASN B 235 16.05 -14.81 25.52
CA ASN B 235 17.03 -15.87 25.47
C ASN B 235 18.46 -15.36 25.36
N PRO B 236 19.26 -15.57 26.41
CA PRO B 236 20.63 -15.03 26.36
C PRO B 236 21.49 -15.66 25.26
N ALA B 237 21.11 -16.82 24.75
CA ALA B 237 21.86 -17.45 23.64
C ALA B 237 21.52 -16.84 22.27
N TYR B 238 20.45 -16.05 22.20
CA TYR B 238 20.03 -15.47 20.94
C TYR B 238 20.32 -13.97 20.92
N HIS B 239 20.31 -13.40 19.72
CA HIS B 239 20.30 -11.94 19.60
C HIS B 239 19.00 -11.54 18.88
N THR B 240 18.30 -10.55 19.42
CA THR B 240 17.09 -10.00 18.76
C THR B 240 17.17 -8.49 18.66
N GLN B 241 16.50 -7.95 17.66
CA GLN B 241 16.35 -6.51 17.51
C GLN B 241 14.95 -6.21 17.01
N LEU B 242 14.48 -5.00 17.29
CA LEU B 242 13.17 -4.57 16.80
C LEU B 242 13.32 -3.10 16.47
N SER B 243 13.22 -2.76 15.19
CA SER B 243 13.45 -1.37 14.77
C SER B 243 12.33 -0.46 15.25
N GLN B 244 12.49 0.83 15.03
CA GLN B 244 11.35 1.73 15.21
C GLN B 244 10.38 1.47 14.06
N PRO B 245 9.10 1.81 14.26
CA PRO B 245 8.05 1.51 13.26
C PRO B 245 8.42 1.97 11.86
N ILE B 246 8.17 1.12 10.87
CA ILE B 246 8.51 1.45 9.48
C ILE B 246 7.27 1.63 8.60
N GLU B 247 6.13 1.09 9.03
CA GLU B 247 4.96 0.97 8.16
C GLU B 247 3.69 0.89 8.97
N THR B 248 2.58 1.28 8.36
CA THR B 248 1.27 1.02 8.94
C THR B 248 0.78 -0.36 8.49
N VAL B 249 0.21 -1.13 9.42
CA VAL B 249 -0.60 -2.29 9.03
C VAL B 249 -2.09 -1.93 9.19
N MET B 250 -2.92 -2.41 8.27
CA MET B 250 -4.33 -2.03 8.22
C MET B 250 -5.14 -2.93 7.28
N LEU B 251 -6.45 -2.73 7.32
CA LEU B 251 -7.34 -3.30 6.32
C LEU B 251 -7.71 -2.23 5.28
N ALA B 252 -7.67 -2.61 4.01
CA ALA B 252 -8.32 -1.85 2.95
C ALA B 252 -9.77 -2.32 2.89
N LEU B 253 -10.70 -1.42 3.13
CA LEU B 253 -12.12 -1.77 3.06
C LEU B 253 -12.65 -1.44 1.64
N ASN B 254 -13.18 -2.44 0.93
CA ASN B 254 -13.63 -2.26 -0.46
C ASN B 254 -14.86 -1.36 -0.59
N THR B 255 -14.64 -0.09 -0.91
CA THR B 255 -15.76 0.84 -1.05
C THR B 255 -16.60 0.55 -2.31
N ALA B 256 -16.10 -0.34 -3.16
CA ALA B 256 -16.82 -0.70 -4.37
C ALA B 256 -17.80 -1.87 -4.13
N LYS B 257 -17.47 -2.76 -3.20
CA LYS B 257 -18.24 -3.99 -3.02
C LYS B 257 -19.10 -3.91 -1.79
N ALA B 258 -20.32 -4.43 -1.87
CA ALA B 258 -21.18 -4.46 -0.70
C ALA B 258 -20.66 -5.55 0.24
N PRO B 259 -20.87 -5.39 1.56
CA PRO B 259 -21.50 -4.24 2.24
C PRO B 259 -20.53 -3.15 2.62
N THR B 260 -19.25 -3.35 2.34
CA THR B 260 -18.24 -2.36 2.72
C THR B 260 -18.35 -1.08 1.90
N ASN B 261 -19.23 -1.08 0.92
CA ASN B 261 -19.48 0.13 0.13
C ASN B 261 -20.31 1.20 0.85
N GLU B 262 -20.94 0.83 1.96
CA GLU B 262 -21.66 1.80 2.80
C GLU B 262 -20.72 2.46 3.80
N LEU B 263 -20.75 3.79 3.87
CA LEU B 263 -19.89 4.51 4.80
C LEU B 263 -20.15 4.09 6.25
N ALA B 264 -21.42 3.89 6.57
CA ALA B 264 -21.81 3.57 7.91
C ALA B 264 -21.21 2.23 8.34
N VAL B 265 -21.16 1.26 7.42
CA VAL B 265 -20.59 -0.06 7.71
C VAL B 265 -19.08 0.05 7.94
N ARG B 266 -18.39 0.79 7.05
CA ARG B 266 -16.97 1.07 7.19
C ARG B 266 -16.69 1.80 8.52
N GLU B 267 -17.55 2.75 8.88
CA GLU B 267 -17.38 3.46 10.14
C GLU B 267 -17.64 2.56 11.35
N ALA B 268 -18.62 1.67 11.20
CA ALA B 268 -18.93 0.73 12.27
C ALA B 268 -17.76 -0.21 12.51
N LEU B 269 -17.14 -0.71 11.43
CA LEU B 269 -16.01 -1.62 11.51
C LEU B 269 -14.86 -0.95 12.27
N ASN B 270 -14.61 0.32 11.95
CA ASN B 270 -13.57 1.11 12.62
C ASN B 270 -13.85 1.32 14.11
N TYR B 271 -15.10 1.22 14.53
CA TYR B 271 -15.47 1.40 15.92
C TYR B 271 -15.50 0.07 16.69
N ALA B 272 -15.51 -1.05 15.98
CA ALA B 272 -15.75 -2.36 16.60
C ALA B 272 -14.48 -3.08 17.04
N VAL B 273 -13.34 -2.60 16.57
CA VAL B 273 -12.09 -3.26 16.89
C VAL B 273 -11.42 -2.62 18.08
N ASN B 274 -11.18 -3.42 19.12
CA ASN B 274 -10.40 -3.01 20.28
C ASN B 274 -8.93 -3.17 19.92
N LYS B 275 -8.30 -2.05 19.59
CA LYS B 275 -6.96 -2.07 19.04
C LYS B 275 -5.92 -2.30 20.15
N LYS B 276 -6.13 -1.65 21.30
CA LYS B 276 -5.32 -1.84 22.49
C LYS B 276 -5.27 -3.32 22.83
N SER B 277 -6.45 -3.91 23.00
CA SER B 277 -6.59 -5.33 23.25
C SER B 277 -5.94 -6.13 22.13
N LEU B 278 -6.19 -5.73 20.90
CA LEU B 278 -5.64 -6.49 19.77
C LEU B 278 -4.12 -6.47 19.84
N ILE B 279 -3.56 -5.28 20.06
CA ILE B 279 -2.11 -5.11 20.16
C ILE B 279 -1.53 -5.92 21.31
N ASP B 280 -2.13 -5.82 22.49
CA ASP B 280 -1.67 -6.59 23.66
C ASP B 280 -1.71 -8.08 23.38
N ASN B 281 -2.72 -8.52 22.64
CA ASN B 281 -2.91 -9.94 22.39
C ASN B 281 -2.17 -10.51 21.18
N ALA B 282 -1.88 -9.67 20.19
CA ALA B 282 -1.29 -10.13 18.95
C ALA B 282 0.13 -9.60 18.72
N LEU B 283 0.39 -8.39 19.20
CA LEU B 283 1.71 -7.77 19.08
C LEU B 283 2.43 -7.79 20.43
N TYR B 284 1.71 -8.21 21.46
CA TYR B 284 2.27 -8.37 22.80
C TYR B 284 2.85 -7.07 23.37
N GLY B 285 2.10 -5.98 23.21
CA GLY B 285 2.43 -4.69 23.79
C GLY B 285 3.61 -3.96 23.18
N THR B 286 4.12 -4.46 22.05
CA THR B 286 5.32 -3.87 21.44
C THR B 286 5.07 -2.56 20.67
N GLN B 287 3.88 -2.41 20.07
CA GLN B 287 3.62 -1.31 19.12
C GLN B 287 2.51 -0.37 19.57
N GLN B 288 2.35 0.73 18.85
CA GLN B 288 1.29 1.69 19.12
C GLN B 288 0.04 1.46 18.27
N VAL B 289 -1.07 2.05 18.70
CA VAL B 289 -2.31 2.04 17.94
C VAL B 289 -2.21 3.00 16.76
N ALA B 290 -2.53 2.49 15.57
CA ALA B 290 -2.60 3.35 14.38
C ALA B 290 -3.99 3.96 14.24
N ASP B 291 -4.07 5.28 14.12
CA ASP B 291 -5.34 5.95 13.87
C ASP B 291 -5.54 6.29 12.40
N THR B 292 -4.43 6.44 11.68
CA THR B 292 -4.48 6.97 10.32
C THR B 292 -3.65 6.15 9.38
N LEU B 293 -3.95 6.27 8.08
CA LEU B 293 -3.19 5.62 7.01
C LEU B 293 -1.69 5.69 7.24
N PHE B 294 -1.21 6.90 7.48
CA PHE B 294 0.20 7.13 7.76
C PHE B 294 0.35 7.60 9.20
N ALA B 295 1.47 7.23 9.81
CA ALA B 295 1.82 7.65 11.15
C ALA B 295 2.06 9.14 11.18
N PRO B 296 1.84 9.78 12.35
CA PRO B 296 2.11 11.21 12.51
C PRO B 296 3.57 11.55 12.20
N SER B 297 4.45 10.55 12.25
CA SER B 297 5.88 10.81 11.99
C SER B 297 6.22 10.80 10.50
N VAL B 298 5.31 10.32 9.65
CA VAL B 298 5.54 10.32 8.22
C VAL B 298 5.59 11.77 7.73
N PRO B 299 6.49 12.07 6.79
CA PRO B 299 6.51 13.44 6.27
C PRO B 299 5.18 13.85 5.64
N TYR B 300 4.77 15.11 5.91
CA TYR B 300 3.52 15.68 5.41
C TYR B 300 2.26 15.13 6.10
N ALA B 301 2.41 14.17 7.02
CA ALA B 301 1.23 13.46 7.49
C ALA B 301 0.81 13.79 8.93
N ASN B 302 1.50 14.72 9.56
CA ASN B 302 1.09 15.18 10.89
C ASN B 302 -0.08 16.17 10.76
N LEU B 303 -1.29 15.64 10.72
CA LEU B 303 -2.45 16.42 10.33
C LEU B 303 -3.52 16.52 11.44
N GLY B 304 -3.32 15.79 12.53
CA GLY B 304 -4.24 15.86 13.66
C GLY B 304 -5.59 15.28 13.34
N LEU B 305 -5.59 14.27 12.47
CA LEU B 305 -6.82 13.61 12.05
C LEU B 305 -7.47 12.93 13.21
N LYS B 306 -8.80 12.98 13.24
CA LYS B 306 -9.58 12.43 14.35
C LYS B 306 -9.32 10.94 14.56
N PRO B 307 -8.95 10.55 15.79
CA PRO B 307 -8.72 9.12 16.08
C PRO B 307 -10.04 8.39 16.18
N SER B 308 -10.06 7.10 15.88
CA SER B 308 -11.30 6.35 16.10
C SER B 308 -11.23 5.67 17.47
N GLN B 309 -12.28 5.85 18.26
CA GLN B 309 -12.38 5.22 19.57
C GLN B 309 -12.84 3.78 19.41
N TYR B 310 -12.71 2.99 20.47
CA TYR B 310 -13.36 1.69 20.51
C TYR B 310 -14.73 1.92 21.12
N ASP B 311 -15.78 1.60 20.38
CA ASP B 311 -17.14 1.92 20.80
C ASP B 311 -18.15 1.00 20.12
N PRO B 312 -18.28 -0.23 20.64
CA PRO B 312 -19.15 -1.24 20.04
C PRO B 312 -20.59 -0.79 20.00
N GLN B 313 -20.99 0.04 20.95
CA GLN B 313 -22.36 0.52 20.98
C GLN B 313 -22.62 1.45 19.80
N LYS B 314 -21.67 2.34 19.53
CA LYS B 314 -21.75 3.21 18.36
C LYS B 314 -21.78 2.39 17.06
N ALA B 315 -20.95 1.35 16.99
CA ALA B 315 -20.91 0.52 15.79
C ALA B 315 -22.27 -0.12 15.54
N LYS B 316 -22.91 -0.59 16.61
CA LYS B 316 -24.22 -1.24 16.51
C LYS B 316 -25.28 -0.21 16.09
N ALA B 317 -25.15 1.02 16.61
CA ALA B 317 -26.09 2.07 16.27
C ALA B 317 -26.02 2.37 14.77
N LEU B 318 -24.79 2.57 14.27
CA LEU B 318 -24.56 2.80 12.84
C LEU B 318 -25.19 1.73 11.96
N LEU B 319 -24.89 0.47 12.25
CA LEU B 319 -25.45 -0.64 11.47
C LEU B 319 -26.97 -0.66 11.46
N GLU B 320 -27.54 -0.41 12.63
CA GLU B 320 -28.98 -0.40 12.84
C GLU B 320 -29.61 0.68 11.94
N LYS B 321 -29.08 1.89 12.00
CA LYS B 321 -29.59 2.98 11.16
C LYS B 321 -29.44 2.70 9.66
N ALA B 322 -28.39 1.99 9.27
CA ALA B 322 -28.16 1.68 7.88
C ALA B 322 -29.02 0.51 7.38
N GLY B 323 -29.90 0.01 8.25
CA GLY B 323 -30.82 -1.06 7.87
C GLY B 323 -30.31 -2.47 8.13
N TRP B 324 -29.23 -2.57 8.89
CA TRP B 324 -28.73 -3.89 9.28
C TRP B 324 -29.20 -4.17 10.70
N THR B 325 -30.25 -4.96 10.83
CA THR B 325 -30.88 -5.18 12.12
C THR B 325 -30.78 -6.63 12.56
N LEU B 326 -31.05 -6.89 13.84
CA LEU B 326 -30.96 -8.23 14.37
C LEU B 326 -32.32 -8.89 14.36
N PRO B 327 -32.46 -9.99 13.60
CA PRO B 327 -33.67 -10.83 13.70
C PRO B 327 -33.73 -11.51 15.07
N ALA B 328 -34.94 -11.86 15.52
CA ALA B 328 -35.12 -12.45 16.85
C ALA B 328 -34.38 -13.78 17.01
N GLY B 329 -33.57 -13.87 18.07
CA GLY B 329 -32.86 -15.09 18.40
C GLY B 329 -31.59 -15.33 17.59
N LYS B 330 -31.24 -14.40 16.72
CA LYS B 330 -30.05 -14.51 15.88
C LYS B 330 -28.98 -13.45 16.20
N ASP B 331 -27.73 -13.77 15.90
CA ASP B 331 -26.64 -12.87 16.26
C ASP B 331 -26.11 -12.04 15.08
N ILE B 332 -26.38 -12.50 13.87
CA ILE B 332 -25.90 -11.81 12.66
C ILE B 332 -26.96 -10.87 12.08
N ARG B 333 -26.57 -9.64 11.78
CA ARG B 333 -27.52 -8.65 11.26
C ARG B 333 -27.99 -8.96 9.83
N GLU B 334 -29.17 -8.45 9.50
CA GLU B 334 -29.77 -8.68 8.20
C GLU B 334 -30.31 -7.40 7.60
N LYS B 335 -30.20 -7.29 6.29
CA LYS B 335 -30.84 -6.22 5.53
C LYS B 335 -31.59 -6.87 4.38
N ASN B 336 -32.90 -6.66 4.32
CA ASN B 336 -33.71 -7.28 3.28
C ASN B 336 -33.50 -8.77 3.20
N GLY B 337 -33.29 -9.39 4.37
CA GLY B 337 -33.04 -10.82 4.44
C GLY B 337 -31.64 -11.24 4.01
N GLN B 338 -30.75 -10.28 3.82
CA GLN B 338 -29.35 -10.64 3.56
C GLN B 338 -28.52 -10.50 4.84
N PRO B 339 -27.80 -11.57 5.24
CA PRO B 339 -26.90 -11.50 6.40
C PRO B 339 -25.71 -10.55 6.18
N LEU B 340 -25.37 -9.78 7.21
CA LEU B 340 -24.16 -8.94 7.15
C LEU B 340 -22.92 -9.84 7.09
N ARG B 341 -22.45 -10.13 5.89
CA ARG B 341 -21.30 -11.00 5.67
C ARG B 341 -20.21 -10.25 4.93
N ILE B 342 -18.97 -10.44 5.37
CA ILE B 342 -17.83 -9.73 4.81
C ILE B 342 -16.68 -10.70 4.72
N GLU B 343 -15.98 -10.67 3.61
CA GLU B 343 -14.84 -11.56 3.48
C GLU B 343 -13.53 -10.84 3.83
N LEU B 344 -12.66 -11.52 4.56
CA LEU B 344 -11.39 -10.94 5.04
C LEU B 344 -10.27 -11.82 4.55
N SER B 345 -9.43 -11.26 3.69
CA SER B 345 -8.37 -12.04 3.08
C SER B 345 -7.00 -11.55 3.53
N PHE B 346 -6.03 -12.46 3.54
CA PHE B 346 -4.70 -12.12 4.04
C PHE B 346 -3.69 -13.17 3.60
N ILE B 347 -2.43 -12.76 3.56
CA ILE B 347 -1.34 -13.66 3.16
C ILE B 347 -1.08 -14.67 4.28
N GLY B 348 -1.39 -15.94 3.99
CA GLY B 348 -1.36 -17.01 4.99
C GLY B 348 0.00 -17.33 5.58
N THR B 349 1.08 -16.89 4.93
CA THR B 349 2.40 -17.08 5.51
C THR B 349 2.75 -16.04 6.59
N ASP B 350 1.82 -15.12 6.85
CA ASP B 350 2.07 -14.01 7.76
C ASP B 350 1.39 -14.27 9.11
N ALA B 351 2.21 -14.57 10.12
CA ALA B 351 1.70 -14.87 11.47
C ALA B 351 0.85 -13.73 12.01
N LEU B 352 1.25 -12.50 11.66
CA LEU B 352 0.62 -11.32 12.21
C LEU B 352 -0.75 -11.11 11.58
N SER B 353 -0.85 -11.29 10.27
CA SER B 353 -2.14 -11.14 9.61
C SER B 353 -3.11 -12.20 10.11
N LYS B 354 -2.65 -13.44 10.19
CA LYS B 354 -3.52 -14.50 10.65
C LYS B 354 -3.99 -14.25 12.07
N SER B 355 -3.05 -13.94 12.94
CA SER B 355 -3.33 -13.69 14.35
C SER B 355 -4.31 -12.53 14.55
N MET B 356 -4.08 -11.42 13.85
CA MET B 356 -4.96 -10.26 13.92
C MET B 356 -6.36 -10.55 13.32
N ALA B 357 -6.37 -11.34 12.25
CA ALA B 357 -7.59 -11.66 11.52
C ALA B 357 -8.63 -12.33 12.43
N GLU B 358 -8.18 -13.31 13.23
CA GLU B 358 -9.06 -14.04 14.11
C GLU B 358 -9.61 -13.14 15.18
N ILE B 359 -8.80 -12.22 15.69
CA ILE B 359 -9.31 -11.31 16.70
C ILE B 359 -10.33 -10.38 16.05
N ILE B 360 -10.02 -9.93 14.84
CA ILE B 360 -10.92 -9.03 14.13
C ILE B 360 -12.25 -9.74 13.81
N GLN B 361 -12.15 -11.01 13.44
CA GLN B 361 -13.35 -11.81 13.21
C GLN B 361 -14.25 -11.82 14.45
N ALA B 362 -13.64 -12.03 15.62
CA ALA B 362 -14.38 -12.10 16.87
C ALA B 362 -14.97 -10.77 17.27
N ASP B 363 -14.20 -9.70 17.15
CA ASP B 363 -14.68 -8.36 17.51
C ASP B 363 -15.88 -7.91 16.69
N MET B 364 -15.88 -8.28 15.41
CA MET B 364 -16.93 -7.87 14.52
C MET B 364 -18.19 -8.72 14.71
N ARG B 365 -18.02 -9.97 15.14
CA ARG B 365 -19.16 -10.81 15.44
C ARG B 365 -19.93 -10.26 16.63
N GLN B 366 -19.29 -9.40 17.39
CA GLN B 366 -19.92 -8.78 18.56
C GLN B 366 -20.84 -7.64 18.21
N ILE B 367 -20.74 -7.17 16.96
CA ILE B 367 -21.67 -6.14 16.50
C ILE B 367 -22.56 -6.68 15.37
N GLY B 368 -22.47 -7.98 15.12
CA GLY B 368 -23.39 -8.63 14.19
C GLY B 368 -22.88 -8.83 12.78
N ALA B 369 -21.58 -8.62 12.57
CA ALA B 369 -21.00 -8.89 11.27
C ALA B 369 -20.39 -10.29 11.25
N ASP B 370 -20.76 -11.11 10.27
CA ASP B 370 -20.17 -12.42 10.12
C ASP B 370 -19.02 -12.35 9.12
N VAL B 371 -17.80 -12.41 9.63
CA VAL B 371 -16.62 -12.20 8.81
C VAL B 371 -15.94 -13.53 8.53
N SER B 372 -15.69 -13.81 7.26
CA SER B 372 -15.05 -15.05 6.88
C SER B 372 -13.58 -14.77 6.64
N LEU B 373 -12.72 -15.67 7.07
CA LEU B 373 -11.31 -15.49 6.81
C LEU B 373 -10.90 -16.30 5.60
N ILE B 374 -10.09 -15.70 4.73
CA ILE B 374 -9.49 -16.41 3.62
C ILE B 374 -7.99 -16.12 3.59
N GLY B 375 -7.20 -17.06 4.07
CA GLY B 375 -5.76 -16.94 3.96
C GLY B 375 -5.33 -17.59 2.66
N GLU B 376 -4.50 -16.90 1.87
CA GLU B 376 -4.10 -17.48 0.60
C GLU B 376 -2.65 -17.19 0.35
N GLU B 377 -2.11 -17.84 -0.67
CA GLU B 377 -0.74 -17.62 -1.06
C GLU B 377 -0.56 -16.17 -1.48
N GLU B 378 0.70 -15.76 -1.55
CA GLU B 378 1.08 -14.38 -1.79
C GLU B 378 0.59 -13.86 -3.14
N SER B 379 0.81 -14.65 -4.19
CA SER B 379 0.38 -14.32 -5.55
C SER B 379 -1.14 -14.23 -5.64
N SER B 380 -1.82 -15.06 -4.87
CA SER B 380 -3.28 -15.05 -4.91
C SER B 380 -3.83 -13.75 -4.32
N ILE B 381 -3.16 -13.23 -3.27
CA ILE B 381 -3.61 -12.01 -2.60
C ILE B 381 -3.36 -10.73 -3.43
N TYR B 382 -2.17 -10.63 -4.04
CA TYR B 382 -1.86 -9.48 -4.89
C TYR B 382 -2.77 -9.42 -6.11
N ALA B 383 -3.14 -10.57 -6.64
CA ALA B 383 -4.07 -10.63 -7.74
C ALA B 383 -5.42 -10.06 -7.28
N ARG B 384 -5.85 -10.46 -6.12
CA ARG B 384 -7.10 -10.01 -5.60
C ARG B 384 -7.08 -8.53 -5.36
N GLN B 385 -5.90 -8.02 -5.03
CA GLN B 385 -5.73 -6.58 -4.83
C GLN B 385 -5.86 -5.75 -6.10
N ARG B 386 -5.36 -6.26 -7.23
N ARG B 386 -5.39 -6.30 -7.23
CA ARG B 386 -5.42 -5.50 -8.48
CA ARG B 386 -5.42 -5.57 -8.49
C ARG B 386 -6.81 -5.55 -9.13
C ARG B 386 -6.78 -5.58 -9.14
N ASP B 387 -7.55 -6.62 -8.89
CA ASP B 387 -8.86 -6.76 -9.53
C ASP B 387 -10.05 -6.53 -8.63
N GLY B 388 -9.78 -6.17 -7.38
CA GLY B 388 -10.81 -5.78 -6.45
C GLY B 388 -11.64 -6.95 -5.91
N ARG B 389 -11.09 -8.15 -5.98
CA ARG B 389 -11.79 -9.32 -5.49
C ARG B 389 -11.55 -9.52 -3.99
N PHE B 390 -12.04 -8.59 -3.18
CA PHE B 390 -11.96 -8.67 -1.70
C PHE B 390 -13.06 -7.82 -1.08
N GLY B 391 -13.38 -8.06 0.19
CA GLY B 391 -14.25 -7.19 0.94
C GLY B 391 -13.37 -6.30 1.82
N MET B 392 -12.67 -6.97 2.72
CA MET B 392 -11.65 -6.34 3.53
C MET B 392 -10.38 -7.11 3.28
N ILE B 393 -9.26 -6.40 3.20
CA ILE B 393 -8.00 -7.09 2.92
C ILE B 393 -6.81 -6.49 3.70
N PHE B 394 -5.94 -7.35 4.21
CA PHE B 394 -4.79 -6.89 4.96
C PHE B 394 -3.88 -6.09 4.05
N HIS B 395 -3.44 -4.92 4.52
CA HIS B 395 -2.70 -3.98 3.67
C HIS B 395 -1.64 -3.27 4.51
N ARG B 396 -0.51 -2.92 3.89
CA ARG B 396 0.62 -2.23 4.54
C ARG B 396 1.05 -1.02 3.72
N THR B 397 1.45 0.09 4.37
CA THR B 397 2.21 1.12 3.65
C THR B 397 3.61 0.58 3.37
N TRP B 398 4.42 1.36 2.65
CA TRP B 398 5.62 0.77 2.04
C TRP B 398 6.94 1.13 2.67
N GLY B 399 6.92 2.01 3.68
CA GLY B 399 8.15 2.47 4.29
C GLY B 399 8.96 3.41 3.41
N ALA B 400 10.15 3.77 3.88
CA ALA B 400 11.05 4.64 3.14
C ALA B 400 11.62 3.90 1.93
N PRO B 401 11.77 4.64 0.80
CA PRO B 401 11.34 6.05 0.67
C PRO B 401 9.97 6.20 0.00
N TYR B 402 9.24 5.10 -0.12
CA TYR B 402 7.96 5.12 -0.82
C TYR B 402 6.89 6.03 -0.22
N ASP B 403 6.91 6.14 1.11
CA ASP B 403 5.87 6.79 1.89
C ASP B 403 6.17 8.27 2.12
N PRO B 404 5.20 9.16 1.80
CA PRO B 404 3.87 8.90 1.21
C PRO B 404 3.76 9.06 -0.32
N HIS B 405 4.75 9.67 -0.96
CA HIS B 405 4.56 10.11 -2.35
C HIS B 405 4.31 8.96 -3.35
N ALA B 406 5.13 7.92 -3.29
CA ALA B 406 5.00 6.82 -4.25
C ALA B 406 3.85 5.90 -3.86
N PHE B 407 3.57 5.82 -2.56
CA PHE B 407 2.39 5.08 -2.14
C PHE B 407 1.15 5.77 -2.69
N LEU B 408 1.09 7.09 -2.58
CA LEU B 408 -0.10 7.79 -3.09
C LEU B 408 -0.20 7.67 -4.61
N SER B 409 0.93 7.90 -5.30
CA SER B 409 1.05 7.68 -6.75
C SER B 409 0.35 6.37 -7.19
N SER B 410 0.77 5.26 -6.58
CA SER B 410 0.22 3.94 -6.85
C SER B 410 -1.30 3.82 -6.74
N MET B 411 -1.95 4.77 -6.06
CA MET B 411 -3.40 4.74 -5.88
C MET B 411 -4.19 5.02 -7.19
N ARG B 412 -3.52 5.57 -8.19
CA ARG B 412 -4.22 5.98 -9.40
C ARG B 412 -4.43 4.86 -10.40
N VAL B 413 -3.64 3.81 -10.28
CA VAL B 413 -3.79 2.62 -11.10
C VAL B 413 -3.90 1.41 -10.19
N PRO B 414 -4.43 0.30 -10.73
CA PRO B 414 -4.36 -0.96 -9.96
C PRO B 414 -2.93 -1.32 -9.64
N SER B 415 -2.55 -1.17 -8.37
CA SER B 415 -1.23 -1.58 -7.90
C SER B 415 -1.41 -2.58 -6.75
N HIS B 416 -1.40 -2.08 -5.52
CA HIS B 416 -1.90 -2.90 -4.42
C HIS B 416 -3.39 -2.60 -4.30
N ALA B 417 -3.99 -2.73 -3.11
CA ALA B 417 -5.46 -2.73 -2.99
C ALA B 417 -6.13 -1.38 -3.17
N ASP B 418 -5.34 -0.32 -3.13
CA ASP B 418 -5.89 1.03 -2.97
C ASP B 418 -6.81 1.51 -4.10
N PHE B 419 -6.32 1.45 -5.34
CA PHE B 419 -7.12 1.80 -6.49
C PHE B 419 -8.52 1.15 -6.44
N GLN B 420 -8.54 -0.18 -6.36
CA GLN B 420 -9.80 -0.88 -6.33
C GLN B 420 -10.65 -0.52 -5.12
N ALA B 421 -10.03 -0.38 -3.95
CA ALA B 421 -10.78 -0.09 -2.72
C ALA B 421 -11.39 1.30 -2.73
N GLN B 422 -10.86 2.20 -3.56
CA GLN B 422 -11.34 3.57 -3.60
C GLN B 422 -12.43 3.87 -4.66
N GLN B 423 -12.81 2.83 -5.41
CA GLN B 423 -13.69 2.99 -6.57
C GLN B 423 -15.12 3.44 -6.27
N GLY B 424 -15.59 3.19 -5.04
CA GLY B 424 -16.91 3.63 -4.61
C GLY B 424 -16.95 5.06 -4.09
N LEU B 425 -15.80 5.75 -4.04
CA LEU B 425 -15.75 7.13 -3.54
C LEU B 425 -16.13 8.16 -4.63
N ALA B 426 -17.13 8.99 -4.33
CA ALA B 426 -17.52 10.06 -5.25
C ALA B 426 -16.34 10.94 -5.64
N ASP B 427 -15.41 11.14 -4.72
CA ASP B 427 -14.31 12.08 -4.99
C ASP B 427 -12.99 11.41 -5.39
N LYS B 428 -13.07 10.12 -5.71
CA LYS B 428 -11.90 9.39 -6.22
C LYS B 428 -11.19 10.10 -7.38
N PRO B 429 -11.95 10.62 -8.40
CA PRO B 429 -11.23 11.27 -9.51
C PRO B 429 -10.50 12.53 -9.06
N LEU B 430 -11.13 13.26 -8.14
CA LEU B 430 -10.53 14.48 -7.58
C LEU B 430 -9.28 14.17 -6.76
N ILE B 431 -9.34 13.07 -6.01
CA ILE B 431 -8.23 12.60 -5.20
C ILE B 431 -7.08 12.19 -6.13
N ASP B 432 -7.40 11.43 -7.17
CA ASP B 432 -6.35 11.03 -8.11
C ASP B 432 -5.73 12.25 -8.76
N LYS B 433 -6.57 13.23 -9.07
CA LYS B 433 -6.10 14.46 -9.69
C LYS B 433 -5.17 15.22 -8.73
N GLU B 434 -5.59 15.33 -7.47
CA GLU B 434 -4.76 15.94 -6.45
C GLU B 434 -3.41 15.22 -6.20
N ILE B 435 -3.43 13.89 -6.28
CA ILE B 435 -2.18 13.10 -6.17
C ILE B 435 -1.25 13.44 -7.33
N GLY B 436 -1.83 13.48 -8.53
CA GLY B 436 -1.12 14.00 -9.68
C GLY B 436 -0.57 15.40 -9.44
N GLU B 437 -1.35 16.27 -8.83
CA GLU B 437 -0.85 17.63 -8.56
C GLU B 437 0.26 17.68 -7.50
N VAL B 438 0.19 16.81 -6.49
CA VAL B 438 1.19 16.85 -5.42
C VAL B 438 2.54 16.31 -5.92
N LEU B 439 2.49 15.43 -6.91
CA LEU B 439 3.70 14.92 -7.55
C LEU B 439 4.37 15.95 -8.48
N ALA B 440 3.58 16.93 -8.95
CA ALA B 440 4.08 17.91 -9.92
C ALA B 440 4.58 19.22 -9.28
N THR B 441 3.93 19.63 -8.19
CA THR B 441 4.16 20.97 -7.63
C THR B 441 5.54 21.15 -6.97
N HIS B 442 6.07 22.37 -7.03
CA HIS B 442 7.35 22.68 -6.39
C HIS B 442 7.12 23.70 -5.27
N ASP B 443 5.88 24.15 -5.13
CA ASP B 443 5.47 25.03 -4.06
C ASP B 443 5.22 24.21 -2.79
N GLU B 444 6.10 24.41 -1.80
CA GLU B 444 6.00 23.73 -0.51
C GLU B 444 4.67 23.96 0.22
N THR B 445 4.12 25.17 0.12
CA THR B 445 2.83 25.45 0.74
C THR B 445 1.74 24.58 0.09
N GLN B 446 1.73 24.58 -1.24
CA GLN B 446 0.76 23.82 -2.02
C GLN B 446 0.92 22.31 -1.82
N ARG B 447 2.17 21.86 -1.72
CA ARG B 447 2.43 20.45 -1.49
C ARG B 447 1.76 19.97 -0.20
N GLN B 448 2.00 20.71 0.89
CA GLN B 448 1.41 20.38 2.18
C GLN B 448 -0.09 20.42 2.13
N ALA B 449 -0.62 21.38 1.38
CA ALA B 449 -2.07 21.56 1.26
C ALA B 449 -2.72 20.38 0.56
N LEU B 450 -2.12 19.94 -0.54
CA LEU B 450 -2.64 18.76 -1.26
C LEU B 450 -2.54 17.48 -0.44
N TYR B 451 -1.41 17.28 0.23
CA TYR B 451 -1.26 16.10 1.09
C TYR B 451 -2.33 16.09 2.17
N ARG B 452 -2.54 17.23 2.81
CA ARG B 452 -3.57 17.34 3.83
C ARG B 452 -4.93 16.92 3.29
N ASP B 453 -5.31 17.47 2.13
CA ASP B 453 -6.63 17.20 1.56
C ASP B 453 -6.82 15.74 1.17
N ILE B 454 -5.85 15.17 0.45
CA ILE B 454 -5.93 13.77 0.06
C ILE B 454 -6.10 12.88 1.27
N LEU B 455 -5.19 13.00 2.24
CA LEU B 455 -5.21 12.13 3.41
C LEU B 455 -6.46 12.35 4.24
N THR B 456 -6.91 13.60 4.31
CA THR B 456 -8.12 13.89 5.07
C THR B 456 -9.34 13.22 4.42
N ARG B 457 -9.43 13.30 3.09
CA ARG B 457 -10.56 12.71 2.40
C ARG B 457 -10.59 11.19 2.61
N LEU B 458 -9.44 10.54 2.44
CA LEU B 458 -9.38 9.09 2.58
C LEU B 458 -9.72 8.69 4.01
N HIS B 459 -9.31 9.54 4.95
CA HIS B 459 -9.62 9.31 6.35
C HIS B 459 -11.11 9.46 6.61
N ASP B 460 -11.65 10.62 6.25
CA ASP B 460 -13.05 10.92 6.50
C ASP B 460 -13.97 9.89 5.87
N GLU B 461 -13.57 9.36 4.73
CA GLU B 461 -14.40 8.39 4.03
C GLU B 461 -14.18 6.95 4.47
N ALA B 462 -13.34 6.77 5.49
CA ALA B 462 -13.13 5.47 6.14
C ALA B 462 -12.74 4.34 5.17
N VAL B 463 -11.87 4.65 4.21
CA VAL B 463 -11.40 3.63 3.29
C VAL B 463 -10.61 2.53 4.00
N TYR B 464 -9.83 2.93 5.00
CA TYR B 464 -8.99 1.97 5.70
C TYR B 464 -9.48 1.72 7.11
N LEU B 465 -9.04 0.59 7.66
CA LEU B 465 -9.11 0.32 9.09
C LEU B 465 -7.67 0.17 9.60
N PRO B 466 -7.00 1.30 9.91
CA PRO B 466 -5.61 1.22 10.39
C PRO B 466 -5.58 0.51 11.76
N ILE B 467 -4.59 -0.38 11.92
CA ILE B 467 -4.48 -1.21 13.12
C ILE B 467 -3.26 -0.79 13.97
N SER B 468 -2.06 -0.96 13.43
CA SER B 468 -0.87 -0.63 14.18
C SER B 468 0.30 -0.22 13.26
N TYR B 469 1.34 0.35 13.85
CA TYR B 469 2.56 0.66 13.09
C TYR B 469 3.61 -0.41 13.34
N ILE B 470 3.90 -1.25 12.35
CA ILE B 470 4.82 -2.37 12.55
C ILE B 470 6.31 -2.03 12.37
N SER B 471 7.19 -2.85 12.95
CA SER B 471 8.64 -2.64 12.82
C SER B 471 9.29 -3.80 12.12
N MET B 472 10.57 -3.61 11.78
CA MET B 472 11.42 -4.71 11.30
C MET B 472 11.87 -5.50 12.53
N MET B 473 11.82 -6.82 12.46
CA MET B 473 12.40 -7.64 13.52
C MET B 473 13.60 -8.41 13.01
N VAL B 474 14.54 -8.67 13.92
CA VAL B 474 15.70 -9.47 13.58
C VAL B 474 15.94 -10.49 14.68
N VAL B 475 16.21 -11.74 14.30
CA VAL B 475 16.76 -12.69 15.23
C VAL B 475 17.97 -13.32 14.56
N SER B 476 19.03 -13.49 15.33
CA SER B 476 20.29 -13.96 14.77
C SER B 476 21.17 -14.65 15.83
N LYS B 477 22.10 -15.49 15.36
CA LYS B 477 23.15 -15.98 16.24
C LYS B 477 24.03 -14.79 16.55
N PRO B 478 24.43 -14.64 17.83
CA PRO B 478 25.25 -13.51 18.25
C PRO B 478 26.50 -13.36 17.38
N GLU B 479 27.05 -14.49 16.91
CA GLU B 479 28.26 -14.46 16.08
C GLU B 479 28.11 -13.66 14.77
N LEU B 480 26.88 -13.48 14.27
CA LEU B 480 26.69 -12.66 13.06
C LEU B 480 26.97 -11.18 13.34
N GLY B 481 27.07 -10.84 14.63
CA GLY B 481 27.30 -9.46 15.06
C GLY B 481 26.07 -8.56 14.99
N ASN B 482 26.31 -7.26 14.99
CA ASN B 482 25.26 -6.28 14.82
C ASN B 482 24.61 -6.34 13.44
N ILE B 483 23.28 -6.39 13.41
CA ILE B 483 22.60 -6.41 12.12
C ILE B 483 22.03 -5.03 11.84
N PRO B 484 22.54 -4.38 10.77
CA PRO B 484 22.05 -3.05 10.39
C PRO B 484 20.74 -3.11 9.61
N TYR B 485 20.09 -1.96 9.47
CA TYR B 485 18.88 -1.87 8.68
C TYR B 485 19.17 -1.12 7.37
N ALA B 486 18.61 -1.61 6.29
CA ALA B 486 18.74 -0.93 5.01
C ALA B 486 17.82 0.27 5.02
N PRO B 487 18.30 1.39 4.46
CA PRO B 487 17.47 2.59 4.35
C PRO B 487 16.14 2.32 3.62
N ILE B 488 16.16 1.41 2.64
CA ILE B 488 14.92 1.03 1.94
C ILE B 488 14.33 -0.21 2.62
N ALA B 489 13.11 -0.07 3.15
CA ALA B 489 12.49 -1.09 4.00
C ALA B 489 12.34 -2.47 3.36
N THR B 490 12.21 -2.52 2.04
CA THR B 490 12.08 -3.80 1.34
C THR B 490 13.42 -4.46 0.99
N GLU B 491 14.53 -3.81 1.33
CA GLU B 491 15.87 -4.40 1.13
C GLU B 491 16.45 -4.99 2.43
N ILE B 492 17.39 -5.92 2.29
CA ILE B 492 18.08 -6.53 3.42
C ILE B 492 19.56 -6.37 3.17
N PRO B 493 20.26 -5.68 4.08
CA PRO B 493 21.67 -5.31 3.90
C PRO B 493 22.66 -6.42 4.20
N PHE B 494 22.56 -7.53 3.48
CA PHE B 494 23.49 -8.64 3.68
C PHE B 494 24.97 -8.26 3.54
N GLU B 495 25.26 -7.28 2.68
N GLU B 495 25.26 -7.29 2.68
CA GLU B 495 26.64 -6.91 2.36
CA GLU B 495 26.64 -6.91 2.36
C GLU B 495 27.30 -6.15 3.48
C GLU B 495 27.32 -6.25 3.54
N GLN B 496 26.52 -5.77 4.48
CA GLN B 496 27.05 -5.03 5.63
C GLN B 496 27.28 -5.90 6.84
N ILE B 497 26.71 -7.10 6.84
CA ILE B 497 26.87 -8.03 7.96
C ILE B 497 28.34 -8.46 8.08
N LYS B 498 28.90 -8.34 9.27
CA LYS B 498 30.30 -8.74 9.51
C LYS B 498 30.42 -9.65 10.73
N PRO B 499 30.42 -10.96 10.49
CA PRO B 499 30.54 -11.98 11.54
C PRO B 499 31.83 -11.82 12.36
N VAL B 500 31.84 -12.36 13.59
CA VAL B 500 32.96 -12.20 14.50
C VAL B 500 33.98 -13.34 14.37
N LYS B 501 35.19 -13.13 14.88
CA LYS B 501 36.16 -14.20 15.07
C LYS B 501 37.12 -13.84 16.21
N ASP C 4 -28.53 -16.60 -57.66
CA ASP C 4 -28.73 -17.85 -56.91
C ASP C 4 -27.76 -17.95 -55.73
N GLU C 5 -26.84 -17.01 -55.66
CA GLU C 5 -25.95 -16.88 -54.51
C GLU C 5 -26.13 -15.46 -53.97
N ILE C 6 -26.04 -15.30 -52.64
CA ILE C 6 -26.32 -13.99 -52.05
C ILE C 6 -25.11 -13.33 -51.39
N THR C 7 -25.07 -12.01 -51.51
CA THR C 7 -24.08 -11.19 -50.82
C THR C 7 -24.75 -10.36 -49.74
N THR C 8 -24.17 -10.39 -48.54
CA THR C 8 -24.72 -9.63 -47.42
C THR C 8 -23.58 -8.86 -46.74
N ALA C 9 -23.82 -8.36 -45.54
CA ALA C 9 -22.81 -7.58 -44.83
C ALA C 9 -22.89 -7.79 -43.32
N TRP C 10 -21.79 -7.46 -42.64
CA TRP C 10 -21.69 -7.62 -41.19
C TRP C 10 -20.55 -6.73 -40.71
N PRO C 11 -20.67 -6.16 -39.48
CA PRO C 11 -19.69 -5.19 -39.00
C PRO C 11 -18.32 -5.80 -38.80
N VAL C 12 -18.28 -7.05 -38.34
CA VAL C 12 -17.02 -7.77 -38.11
C VAL C 12 -16.92 -9.10 -38.86
N ASN C 13 -15.69 -9.64 -38.91
CA ASN C 13 -15.43 -10.97 -39.45
C ASN C 13 -16.16 -12.05 -38.64
N VAL C 14 -16.38 -13.21 -39.24
CA VAL C 14 -17.15 -14.25 -38.55
C VAL C 14 -16.35 -14.87 -37.41
N GLY C 15 -15.03 -14.70 -37.46
CA GLY C 15 -14.14 -15.30 -36.49
C GLY C 15 -13.63 -16.66 -36.93
N PRO C 16 -12.99 -17.39 -36.01
CA PRO C 16 -12.38 -18.71 -36.28
C PRO C 16 -13.42 -19.82 -36.45
N LEU C 17 -14.64 -19.54 -36.01
CA LEU C 17 -15.71 -20.55 -35.91
C LEU C 17 -15.35 -21.72 -34.99
N ASN C 18 -14.73 -21.39 -33.86
CA ASN C 18 -14.56 -22.34 -32.79
C ASN C 18 -15.92 -22.54 -32.11
N PRO C 19 -16.46 -23.77 -32.15
CA PRO C 19 -17.82 -24.04 -31.66
C PRO C 19 -17.93 -23.96 -30.16
N HIS C 20 -16.80 -23.88 -29.46
CA HIS C 20 -16.80 -23.96 -28.00
C HIS C 20 -16.26 -22.69 -27.36
N LEU C 21 -15.96 -21.69 -28.17
CA LEU C 21 -15.53 -20.38 -27.67
C LEU C 21 -16.54 -19.27 -28.00
N TYR C 22 -16.23 -18.05 -27.58
CA TYR C 22 -17.15 -16.93 -27.72
C TYR C 22 -16.56 -15.84 -28.60
N THR C 23 -16.41 -14.64 -28.07
CA THR C 23 -15.80 -13.55 -28.82
C THR C 23 -14.42 -14.02 -29.27
N PRO C 24 -14.04 -13.71 -30.52
CA PRO C 24 -14.78 -12.94 -31.51
C PRO C 24 -15.59 -13.82 -32.49
N ASN C 25 -15.95 -15.04 -32.07
CA ASN C 25 -16.86 -15.86 -32.89
C ASN C 25 -18.26 -15.24 -32.90
N GLN C 26 -18.81 -15.05 -34.09
CA GLN C 26 -20.18 -14.56 -34.26
C GLN C 26 -21.15 -15.73 -34.23
N MET C 27 -22.14 -15.67 -33.34
CA MET C 27 -23.05 -16.81 -33.09
C MET C 27 -23.82 -17.31 -34.32
N PHE C 28 -24.26 -16.40 -35.19
CA PHE C 28 -25.03 -16.78 -36.37
C PHE C 28 -24.16 -17.65 -37.26
N ALA C 29 -22.86 -17.33 -37.31
CA ALA C 29 -21.92 -18.04 -38.17
C ALA C 29 -21.65 -19.45 -37.62
N GLN C 30 -21.47 -19.55 -36.31
CA GLN C 30 -21.31 -20.83 -35.65
C GLN C 30 -22.53 -21.74 -35.85
N SER C 31 -23.73 -21.16 -35.81
CA SER C 31 -24.98 -21.91 -35.99
C SER C 31 -25.20 -22.34 -37.44
N MET C 32 -24.45 -21.74 -38.35
CA MET C 32 -24.50 -22.06 -39.77
C MET C 32 -23.69 -23.31 -40.08
N VAL C 33 -22.63 -23.54 -39.30
CA VAL C 33 -21.71 -24.64 -39.54
C VAL C 33 -21.91 -25.79 -38.56
N TYR C 34 -22.15 -25.47 -37.29
CA TYR C 34 -22.30 -26.52 -36.29
C TYR C 34 -23.75 -26.67 -35.86
N GLU C 35 -24.14 -27.91 -35.56
CA GLU C 35 -25.52 -28.25 -35.21
C GLU C 35 -25.59 -28.86 -33.81
N PRO C 36 -26.77 -28.81 -33.16
CA PRO C 36 -26.99 -29.37 -31.82
C PRO C 36 -27.63 -30.75 -31.90
N LEU C 37 -27.78 -31.41 -30.76
CA LEU C 37 -28.45 -32.70 -30.72
C LEU C 37 -29.95 -32.54 -30.92
N VAL C 38 -30.52 -31.52 -30.28
CA VAL C 38 -31.94 -31.20 -30.43
C VAL C 38 -32.09 -29.77 -30.94
N LYS C 39 -33.19 -29.47 -31.61
CA LYS C 39 -33.38 -28.12 -32.18
C LYS C 39 -34.53 -27.35 -31.54
N TYR C 40 -34.29 -26.08 -31.21
CA TYR C 40 -35.30 -25.24 -30.58
C TYR C 40 -36.45 -24.83 -31.53
N GLN C 41 -37.67 -24.81 -30.98
CA GLN C 41 -38.85 -24.43 -31.76
C GLN C 41 -39.52 -23.20 -31.16
N ALA C 42 -40.25 -22.46 -32.01
CA ALA C 42 -40.97 -21.25 -31.58
C ALA C 42 -41.95 -21.49 -30.42
N ASP C 43 -42.52 -22.69 -30.33
CA ASP C 43 -43.48 -22.96 -29.27
C ASP C 43 -42.80 -23.20 -27.91
N GLY C 44 -41.47 -23.13 -27.91
CA GLY C 44 -40.72 -23.31 -26.69
C GLY C 44 -40.21 -24.73 -26.49
N SER C 45 -40.56 -25.63 -27.40
CA SER C 45 -40.12 -27.01 -27.31
C SER C 45 -38.86 -27.27 -28.15
N VAL C 46 -38.37 -28.50 -28.09
CA VAL C 46 -37.33 -28.93 -29.02
C VAL C 46 -37.82 -30.10 -29.88
N ILE C 47 -37.16 -30.27 -31.02
CA ILE C 47 -37.42 -31.42 -31.88
C ILE C 47 -36.11 -32.19 -32.09
N PRO C 48 -36.20 -33.51 -32.31
CA PRO C 48 -34.99 -34.28 -32.60
C PRO C 48 -34.18 -33.69 -33.76
N TRP C 49 -32.86 -33.66 -33.63
CA TRP C 49 -31.98 -33.19 -34.71
C TRP C 49 -30.87 -34.20 -34.97
N LEU C 50 -29.67 -33.93 -34.47
CA LEU C 50 -28.59 -34.93 -34.53
C LEU C 50 -28.94 -36.17 -33.71
N ALA C 51 -29.85 -36.01 -32.75
CA ALA C 51 -30.42 -37.15 -32.03
C ALA C 51 -31.80 -37.46 -32.59
N LYS C 52 -32.00 -38.72 -33.02
CA LYS C 52 -33.29 -39.16 -33.56
C LYS C 52 -34.35 -39.25 -32.47
N SER C 53 -33.95 -39.72 -31.30
CA SER C 53 -34.80 -39.78 -30.12
C SER C 53 -33.95 -40.03 -28.89
N TRP C 54 -34.60 -40.05 -27.73
CA TRP C 54 -33.88 -40.19 -26.46
C TRP C 54 -34.77 -40.72 -25.36
N THR C 55 -34.14 -41.31 -24.35
CA THR C 55 -34.83 -41.71 -23.13
C THR C 55 -34.09 -41.15 -21.91
N HIS C 56 -34.81 -41.03 -20.80
CA HIS C 56 -34.19 -40.57 -19.57
C HIS C 56 -34.48 -41.53 -18.43
N SER C 57 -33.55 -41.64 -17.48
CA SER C 57 -33.75 -42.47 -16.31
C SER C 57 -34.95 -42.00 -15.50
N GLU C 58 -35.36 -42.85 -14.56
CA GLU C 58 -36.54 -42.60 -13.75
C GLU C 58 -36.36 -41.34 -12.90
N ASP C 59 -35.17 -41.18 -12.33
CA ASP C 59 -34.84 -40.00 -11.53
C ASP C 59 -34.54 -38.79 -12.42
N GLY C 60 -34.54 -39.01 -13.73
CA GLY C 60 -34.39 -37.93 -14.69
C GLY C 60 -33.03 -37.28 -14.74
N LYS C 61 -32.01 -37.99 -14.23
CA LYS C 61 -30.64 -37.47 -14.23
C LYS C 61 -29.82 -38.04 -15.38
N THR C 62 -30.12 -39.28 -15.77
CA THR C 62 -29.35 -39.95 -16.82
C THR C 62 -30.13 -40.01 -18.14
N TRP C 63 -29.52 -39.47 -19.18
CA TRP C 63 -30.21 -39.34 -20.46
C TRP C 63 -29.46 -40.09 -21.54
N THR C 64 -30.20 -40.80 -22.39
CA THR C 64 -29.58 -41.59 -23.45
C THR C 64 -30.14 -41.20 -24.81
N PHE C 65 -29.28 -40.63 -25.65
CA PHE C 65 -29.67 -40.14 -26.97
C PHE C 65 -29.28 -41.11 -28.08
N THR C 66 -30.22 -41.44 -28.94
CA THR C 66 -29.86 -42.24 -30.10
C THR C 66 -29.71 -41.33 -31.32
N LEU C 67 -28.46 -41.20 -31.75
CA LEU C 67 -28.09 -40.27 -32.80
C LEU C 67 -28.35 -40.84 -34.18
N ARG C 68 -28.38 -39.98 -35.19
CA ARG C 68 -28.55 -40.42 -36.57
C ARG C 68 -27.33 -41.21 -37.04
N ASP C 69 -27.54 -42.06 -38.03
CA ASP C 69 -26.50 -42.93 -38.52
C ASP C 69 -26.02 -42.46 -39.89
N ASP C 70 -26.69 -41.44 -40.43
CA ASP C 70 -26.39 -40.97 -41.77
C ASP C 70 -25.66 -39.63 -41.81
N VAL C 71 -25.20 -39.17 -40.65
CA VAL C 71 -24.61 -37.83 -40.57
C VAL C 71 -23.09 -37.82 -40.77
N LYS C 72 -22.64 -36.98 -41.68
CA LYS C 72 -21.22 -36.82 -41.98
C LYS C 72 -20.79 -35.37 -41.81
N PHE C 73 -19.63 -35.16 -41.20
CA PHE C 73 -19.01 -33.84 -41.17
C PHE C 73 -18.69 -33.41 -42.60
N SER C 74 -18.40 -32.13 -42.80
CA SER C 74 -18.25 -31.57 -44.14
C SER C 74 -17.01 -32.09 -44.89
N ASN C 75 -16.08 -32.66 -44.14
CA ASN C 75 -14.84 -33.18 -44.73
C ASN C 75 -14.91 -34.67 -45.02
N GLY C 76 -16.11 -35.24 -44.92
CA GLY C 76 -16.29 -36.65 -45.21
C GLY C 76 -16.31 -37.54 -43.98
N GLU C 77 -15.59 -37.13 -42.93
CA GLU C 77 -15.51 -37.92 -41.70
C GLU C 77 -16.86 -38.06 -41.01
N PRO C 78 -17.14 -39.23 -40.42
CA PRO C 78 -18.49 -39.51 -39.94
C PRO C 78 -18.78 -38.91 -38.58
N PHE C 79 -20.05 -38.59 -38.34
CA PHE C 79 -20.51 -38.13 -37.03
C PHE C 79 -21.17 -39.29 -36.28
N ASP C 80 -20.62 -39.60 -35.11
CA ASP C 80 -21.11 -40.69 -34.28
C ASP C 80 -20.97 -40.33 -32.81
N ALA C 81 -21.39 -41.22 -31.93
CA ALA C 81 -21.40 -40.96 -30.49
C ALA C 81 -20.02 -40.63 -29.93
N GLU C 82 -18.99 -41.29 -30.46
CA GLU C 82 -17.61 -41.04 -30.04
C GLU C 82 -17.17 -39.62 -30.40
N ALA C 83 -17.55 -39.16 -31.58
CA ALA C 83 -17.28 -37.78 -32.00
C ALA C 83 -18.00 -36.81 -31.07
N ALA C 84 -19.28 -37.08 -30.82
CA ALA C 84 -20.09 -36.28 -29.91
C ALA C 84 -19.52 -36.23 -28.49
N ALA C 85 -19.17 -37.39 -27.94
CA ALA C 85 -18.59 -37.48 -26.60
C ALA C 85 -17.25 -36.74 -26.50
N GLU C 86 -16.51 -36.71 -27.62
CA GLU C 86 -15.24 -35.99 -27.67
C GLU C 86 -15.46 -34.49 -27.60
N ASN C 87 -16.53 -34.02 -28.25
CA ASN C 87 -16.89 -32.61 -28.20
C ASN C 87 -17.26 -32.16 -26.78
N PHE C 88 -18.12 -32.93 -26.10
CA PHE C 88 -18.53 -32.59 -24.74
C PHE C 88 -17.34 -32.47 -23.80
N ARG C 89 -16.36 -33.35 -24.01
CA ARG C 89 -15.14 -33.34 -23.21
C ARG C 89 -14.34 -32.05 -23.42
N ALA C 90 -14.13 -31.66 -24.68
CA ALA C 90 -13.34 -30.46 -25.00
C ALA C 90 -13.96 -29.16 -24.50
N VAL C 91 -15.29 -29.16 -24.41
CA VAL C 91 -16.06 -28.08 -23.82
C VAL C 91 -15.87 -28.03 -22.31
N LEU C 92 -16.20 -29.14 -21.64
CA LEU C 92 -16.13 -29.20 -20.18
C LEU C 92 -14.69 -29.16 -19.63
N ASP C 93 -13.70 -29.39 -20.48
CA ASP C 93 -12.30 -29.19 -20.08
C ASP C 93 -11.98 -27.70 -19.92
N ASN C 94 -12.94 -26.86 -20.32
CA ASN C 94 -12.88 -25.42 -20.10
C ASN C 94 -14.12 -24.94 -19.35
N ARG C 95 -14.74 -25.86 -18.62
CA ARG C 95 -16.02 -25.66 -17.91
C ARG C 95 -16.20 -24.31 -17.22
N GLN C 96 -15.13 -23.78 -16.64
CA GLN C 96 -15.17 -22.49 -15.96
C GLN C 96 -15.73 -21.39 -16.87
N ARG C 97 -15.32 -21.45 -18.14
CA ARG C 97 -15.73 -20.47 -19.13
C ARG C 97 -17.20 -20.62 -19.52
N HIS C 98 -17.82 -21.76 -19.20
CA HIS C 98 -19.20 -21.99 -19.58
C HIS C 98 -20.16 -21.95 -18.40
N ALA C 99 -19.66 -21.51 -17.24
CA ALA C 99 -20.45 -21.53 -16.01
C ALA C 99 -21.63 -20.56 -16.04
N TRP C 100 -21.61 -19.60 -16.96
CA TRP C 100 -22.76 -18.70 -17.16
C TRP C 100 -23.99 -19.53 -17.49
N LEU C 101 -23.78 -20.62 -18.23
CA LEU C 101 -24.84 -21.58 -18.55
C LEU C 101 -24.85 -22.74 -17.55
N GLU C 102 -25.99 -22.95 -16.91
CA GLU C 102 -26.12 -23.93 -15.82
C GLU C 102 -25.95 -25.39 -16.24
N LEU C 103 -26.21 -25.71 -17.51
CA LEU C 103 -25.99 -27.06 -18.02
C LEU C 103 -24.51 -27.44 -17.95
N ALA C 104 -23.64 -26.47 -18.18
CA ALA C 104 -22.20 -26.73 -18.07
C ALA C 104 -21.83 -27.08 -16.63
N ASN C 105 -22.65 -26.64 -15.67
CA ASN C 105 -22.43 -26.97 -14.26
C ASN C 105 -23.14 -28.25 -13.84
N GLN C 106 -23.96 -28.80 -14.74
CA GLN C 106 -24.83 -29.94 -14.42
C GLN C 106 -24.33 -31.28 -14.97
N ILE C 107 -23.63 -31.22 -16.10
CA ILE C 107 -23.09 -32.43 -16.73
C ILE C 107 -21.94 -33.06 -15.92
N VAL C 108 -22.19 -34.27 -15.42
CA VAL C 108 -21.18 -35.06 -14.69
C VAL C 108 -20.36 -35.97 -15.63
N ASP C 109 -21.04 -36.61 -16.57
CA ASP C 109 -20.38 -37.60 -17.43
C ASP C 109 -21.01 -37.70 -18.83
N VAL C 110 -20.15 -37.72 -19.84
CA VAL C 110 -20.58 -38.00 -21.22
C VAL C 110 -19.86 -39.24 -21.74
N LYS C 111 -20.63 -40.26 -22.11
CA LYS C 111 -20.07 -41.55 -22.50
C LYS C 111 -20.72 -42.10 -23.77
N ALA C 112 -19.89 -42.52 -24.72
CA ALA C 112 -20.36 -43.19 -25.91
C ALA C 112 -20.57 -44.68 -25.62
N LEU C 113 -21.83 -45.11 -25.61
CA LEU C 113 -22.19 -46.50 -25.34
C LEU C 113 -22.05 -47.37 -26.58
N SER C 114 -22.61 -46.89 -27.69
CA SER C 114 -22.57 -47.61 -28.95
C SER C 114 -21.99 -46.68 -30.02
N LYS C 115 -22.17 -47.04 -31.29
CA LYS C 115 -21.79 -46.14 -32.37
C LYS C 115 -22.82 -45.03 -32.44
N THR C 116 -24.07 -45.39 -32.12
CA THR C 116 -25.22 -44.47 -32.21
C THR C 116 -25.84 -44.12 -30.87
N GLU C 117 -25.19 -44.51 -29.78
CA GLU C 117 -25.75 -44.26 -28.46
C GLU C 117 -24.85 -43.33 -27.65
N LEU C 118 -25.42 -42.22 -27.17
CA LEU C 118 -24.71 -41.26 -26.33
C LEU C 118 -25.40 -41.16 -24.96
N GLN C 119 -24.62 -41.27 -23.91
CA GLN C 119 -25.18 -41.21 -22.57
C GLN C 119 -24.67 -39.97 -21.82
N ILE C 120 -25.62 -39.15 -21.39
CA ILE C 120 -25.32 -37.93 -20.65
C ILE C 120 -25.93 -38.00 -19.24
N THR C 121 -25.09 -37.76 -18.24
CA THR C 121 -25.49 -37.84 -16.83
C THR C 121 -25.39 -36.47 -16.15
N LEU C 122 -26.47 -36.06 -15.51
CA LEU C 122 -26.54 -34.74 -14.87
C LEU C 122 -26.57 -34.87 -13.35
N LYS C 123 -26.13 -33.83 -12.66
CA LYS C 123 -26.19 -33.78 -11.20
C LYS C 123 -27.61 -33.92 -10.69
N SER C 124 -28.56 -33.44 -11.50
CA SER C 124 -29.96 -33.41 -11.10
C SER C 124 -30.90 -33.46 -12.29
N ALA C 125 -32.20 -33.59 -12.00
CA ALA C 125 -33.22 -33.48 -13.03
C ALA C 125 -33.38 -32.01 -13.44
N TYR C 126 -32.45 -31.53 -14.26
CA TYR C 126 -32.41 -30.12 -14.71
C TYR C 126 -33.32 -29.89 -15.91
N TYR C 127 -34.43 -29.17 -15.69
CA TYR C 127 -35.46 -28.99 -16.72
C TYR C 127 -35.07 -28.30 -18.04
N PRO C 128 -34.22 -27.24 -18.00
CA PRO C 128 -33.78 -26.65 -19.26
C PRO C 128 -32.76 -27.49 -20.01
N PHE C 129 -32.59 -28.76 -19.64
CA PHE C 129 -31.56 -29.62 -20.24
C PHE C 129 -31.61 -29.63 -21.78
N LEU C 130 -32.79 -29.92 -22.32
CA LEU C 130 -32.96 -29.97 -23.77
C LEU C 130 -32.80 -28.58 -24.42
N GLN C 131 -33.44 -27.57 -23.82
CA GLN C 131 -33.36 -26.19 -24.31
C GLN C 131 -31.93 -25.69 -24.41
N GLU C 132 -31.13 -25.95 -23.37
CA GLU C 132 -29.76 -25.47 -23.30
C GLU C 132 -28.82 -26.25 -24.24
N LEU C 133 -29.24 -27.43 -24.66
CA LEU C 133 -28.49 -28.19 -25.68
C LEU C 133 -28.70 -27.60 -27.06
N ALA C 134 -29.90 -27.08 -27.29
CA ALA C 134 -30.29 -26.49 -28.58
C ALA C 134 -29.55 -25.18 -28.90
N LEU C 135 -28.94 -24.56 -27.88
CA LEU C 135 -28.25 -23.27 -28.01
C LEU C 135 -27.11 -23.31 -29.01
N PRO C 136 -26.80 -22.16 -29.64
CA PRO C 136 -25.75 -22.10 -30.67
C PRO C 136 -24.40 -22.56 -30.17
N ARG C 137 -24.10 -22.27 -28.91
CA ARG C 137 -22.82 -22.63 -28.31
C ARG C 137 -23.02 -22.73 -26.80
N PRO C 138 -22.22 -23.58 -26.11
CA PRO C 138 -21.04 -24.29 -26.62
C PRO C 138 -21.30 -25.74 -27.07
N PHE C 139 -22.48 -26.28 -26.82
CA PHE C 139 -22.72 -27.70 -27.05
C PHE C 139 -23.08 -28.11 -28.48
N ARG C 140 -22.26 -27.70 -29.44
CA ARG C 140 -22.37 -28.18 -30.82
C ARG C 140 -21.05 -28.82 -31.28
N PHE C 141 -21.06 -29.44 -32.46
CA PHE C 141 -20.03 -30.44 -32.75
C PHE C 141 -19.09 -30.16 -33.94
N ILE C 142 -17.81 -30.11 -33.62
CA ILE C 142 -16.76 -30.06 -34.63
C ILE C 142 -16.13 -31.45 -34.72
N ALA C 143 -15.63 -31.79 -35.91
CA ALA C 143 -14.96 -33.07 -36.15
C ALA C 143 -13.71 -33.20 -35.29
N PRO C 144 -13.67 -34.24 -34.43
CA PRO C 144 -12.57 -34.44 -33.48
C PRO C 144 -11.18 -34.41 -34.13
N SER C 145 -11.11 -34.69 -35.43
CA SER C 145 -9.84 -34.62 -36.15
C SER C 145 -9.29 -33.18 -36.20
N GLN C 146 -10.16 -32.21 -35.92
CA GLN C 146 -9.79 -30.81 -36.02
C GLN C 146 -9.49 -30.20 -34.66
N PHE C 147 -9.31 -31.07 -33.66
CA PHE C 147 -8.88 -30.63 -32.33
C PHE C 147 -7.42 -30.27 -32.39
N LYS C 148 -6.97 -29.40 -31.50
CA LYS C 148 -5.54 -29.12 -31.36
C LYS C 148 -5.04 -29.71 -30.05
N ASN C 149 -4.19 -30.73 -30.15
CA ASN C 149 -3.68 -31.45 -28.98
C ASN C 149 -4.82 -32.02 -28.12
N HIS C 150 -5.76 -32.70 -28.78
CA HIS C 150 -6.92 -33.33 -28.14
C HIS C 150 -7.79 -32.36 -27.35
N GLU C 151 -7.76 -31.08 -27.74
CA GLU C 151 -8.57 -30.06 -27.09
C GLU C 151 -9.16 -29.08 -28.12
N THR C 152 -9.96 -28.13 -27.65
CA THR C 152 -10.53 -27.10 -28.50
C THR C 152 -10.27 -25.73 -27.87
N MET C 153 -10.19 -25.71 -26.54
CA MET C 153 -10.04 -24.48 -25.78
C MET C 153 -8.81 -23.64 -26.17
N ASN C 154 -7.84 -24.26 -26.82
CA ASN C 154 -6.61 -23.56 -27.21
C ASN C 154 -6.55 -23.26 -28.70
N GLY C 155 -7.64 -23.56 -29.39
CA GLY C 155 -7.72 -23.36 -30.82
C GLY C 155 -8.27 -24.57 -31.53
N ILE C 156 -8.55 -24.42 -32.83
CA ILE C 156 -8.95 -25.55 -33.67
C ILE C 156 -8.18 -25.48 -34.97
N LYS C 157 -8.37 -26.49 -35.80
CA LYS C 157 -7.70 -26.53 -37.09
C LYS C 157 -8.59 -25.89 -38.15
N ALA C 158 -9.60 -26.64 -38.59
CA ALA C 158 -10.54 -26.14 -39.59
C ALA C 158 -11.99 -26.14 -39.06
N PRO C 159 -12.78 -25.14 -39.48
CA PRO C 159 -14.13 -25.03 -38.95
C PRO C 159 -15.07 -26.10 -39.52
N ILE C 160 -14.76 -27.36 -39.26
CA ILE C 160 -15.46 -28.47 -39.88
C ILE C 160 -16.66 -28.95 -39.07
N GLY C 161 -17.86 -28.75 -39.64
CA GLY C 161 -19.09 -29.11 -38.94
C GLY C 161 -20.02 -29.95 -39.78
N THR C 162 -21.21 -30.21 -39.25
CA THR C 162 -22.19 -31.06 -39.92
C THR C 162 -23.27 -30.24 -40.60
N GLY C 163 -23.21 -28.92 -40.40
CA GLY C 163 -24.26 -28.03 -40.87
C GLY C 163 -24.28 -27.77 -42.37
N PRO C 164 -25.39 -27.22 -42.86
CA PRO C 164 -25.65 -26.97 -44.28
C PRO C 164 -24.72 -25.94 -44.93
N TRP C 165 -23.87 -25.28 -44.14
CA TRP C 165 -22.97 -24.27 -44.68
C TRP C 165 -21.52 -24.58 -44.33
N ILE C 166 -20.61 -24.15 -45.21
CA ILE C 166 -19.19 -24.41 -45.04
C ILE C 166 -18.42 -23.12 -45.24
N LEU C 167 -17.59 -22.76 -44.25
CA LEU C 167 -16.70 -21.62 -44.41
C LEU C 167 -15.64 -21.97 -45.43
N GLN C 168 -15.78 -21.40 -46.63
CA GLN C 168 -14.84 -21.64 -47.72
C GLN C 168 -13.61 -20.75 -47.60
N GLU C 169 -13.84 -19.47 -47.31
CA GLU C 169 -12.76 -18.50 -47.32
C GLU C 169 -12.97 -17.40 -46.28
N SER C 170 -11.88 -16.88 -45.72
CA SER C 170 -11.98 -15.83 -44.72
C SER C 170 -10.81 -14.83 -44.80
N LYS C 171 -11.10 -13.60 -45.20
CA LYS C 171 -10.09 -12.54 -45.29
C LYS C 171 -10.38 -11.43 -44.27
N LEU C 172 -9.43 -11.17 -43.38
CA LEU C 172 -9.58 -10.20 -42.28
C LEU C 172 -9.98 -8.81 -42.75
N ASN C 173 -10.99 -8.24 -42.10
CA ASN C 173 -11.47 -6.89 -42.41
C ASN C 173 -11.97 -6.73 -43.85
N GLN C 174 -12.28 -7.84 -44.50
CA GLN C 174 -12.76 -7.78 -45.87
C GLN C 174 -13.99 -8.63 -46.15
N TYR C 175 -13.87 -9.95 -45.95
CA TYR C 175 -15.00 -10.83 -46.23
C TYR C 175 -14.87 -12.23 -45.67
N ASP C 176 -16.01 -12.88 -45.52
CA ASP C 176 -16.07 -14.29 -45.20
C ASP C 176 -17.03 -14.95 -46.20
N VAL C 177 -16.57 -15.97 -46.92
CA VAL C 177 -17.42 -16.63 -47.92
C VAL C 177 -17.87 -17.99 -47.43
N PHE C 178 -19.17 -18.27 -47.54
CA PHE C 178 -19.70 -19.57 -47.20
C PHE C 178 -20.24 -20.26 -48.43
N VAL C 179 -20.10 -21.58 -48.48
CA VAL C 179 -20.67 -22.37 -49.56
C VAL C 179 -21.57 -23.46 -49.01
N ARG C 180 -22.53 -23.89 -49.82
CA ARG C 180 -23.45 -24.94 -49.41
C ARG C 180 -22.72 -26.26 -49.28
N ASN C 181 -23.05 -27.02 -48.23
CA ASN C 181 -22.52 -28.38 -48.07
C ASN C 181 -23.34 -29.36 -48.90
N GLU C 182 -22.75 -29.88 -49.97
CA GLU C 182 -23.47 -30.75 -50.89
C GLU C 182 -23.68 -32.15 -50.30
N ASN C 183 -22.95 -32.46 -49.24
CA ASN C 183 -23.08 -33.74 -48.53
C ASN C 183 -23.77 -33.55 -47.18
N TYR C 184 -24.75 -32.67 -47.14
CA TYR C 184 -25.51 -32.40 -45.91
C TYR C 184 -26.58 -33.46 -45.70
N TRP C 185 -26.73 -33.91 -44.45
CA TRP C 185 -27.65 -35.00 -44.15
C TRP C 185 -29.14 -34.66 -44.34
N GLY C 186 -29.48 -33.38 -44.21
CA GLY C 186 -30.86 -32.98 -44.29
C GLY C 186 -31.20 -32.22 -45.56
N GLU C 187 -32.25 -31.39 -45.49
CA GLU C 187 -32.72 -30.63 -46.63
C GLU C 187 -31.65 -29.68 -47.18
N LYS C 188 -31.70 -29.46 -48.50
CA LYS C 188 -30.70 -28.63 -49.18
C LYS C 188 -31.18 -27.19 -49.40
N PRO C 189 -30.33 -26.23 -49.05
CA PRO C 189 -30.67 -24.81 -49.25
C PRO C 189 -30.74 -24.45 -50.73
N ALA C 190 -31.69 -23.58 -51.08
CA ALA C 190 -31.74 -23.03 -52.43
C ALA C 190 -30.48 -22.25 -52.75
N ILE C 191 -29.86 -21.67 -51.72
CA ILE C 191 -28.67 -20.85 -51.92
C ILE C 191 -27.41 -21.72 -51.90
N LYS C 192 -26.46 -21.44 -52.78
CA LYS C 192 -25.25 -22.23 -52.86
C LYS C 192 -24.07 -21.50 -52.22
N LYS C 193 -24.09 -20.17 -52.30
CA LYS C 193 -22.98 -19.34 -51.82
C LYS C 193 -23.46 -18.07 -51.10
N ILE C 194 -22.92 -17.83 -49.91
CA ILE C 194 -23.23 -16.61 -49.13
C ILE C 194 -21.97 -15.82 -48.81
N THR C 195 -21.88 -14.59 -49.32
CA THR C 195 -20.70 -13.73 -49.08
C THR C 195 -20.97 -12.60 -48.08
N PHE C 196 -20.27 -12.63 -46.95
CA PHE C 196 -20.37 -11.58 -45.94
C PHE C 196 -19.31 -10.52 -46.14
N ASN C 197 -19.69 -9.37 -46.68
CA ASN C 197 -18.73 -8.26 -46.76
C ASN C 197 -18.56 -7.60 -45.39
N VAL C 198 -17.32 -7.48 -44.92
CA VAL C 198 -17.12 -6.85 -43.61
C VAL C 198 -17.14 -5.32 -43.72
N ILE C 199 -18.28 -4.75 -43.34
CA ILE C 199 -18.51 -3.31 -43.42
C ILE C 199 -18.86 -2.76 -42.03
N PRO C 200 -17.87 -2.15 -41.35
CA PRO C 200 -18.08 -1.71 -39.96
C PRO C 200 -18.97 -0.46 -39.87
N ASP C 201 -18.85 0.47 -40.83
CA ASP C 201 -19.68 1.67 -40.84
C ASP C 201 -21.12 1.47 -41.34
N PRO C 202 -22.12 1.82 -40.50
CA PRO C 202 -23.56 1.65 -40.74
C PRO C 202 -24.06 2.40 -41.99
N THR C 203 -23.53 3.59 -42.26
CA THR C 203 -23.92 4.32 -43.47
C THR C 203 -23.48 3.55 -44.71
N THR C 204 -22.29 2.99 -44.63
CA THR C 204 -21.67 2.31 -45.74
C THR C 204 -22.40 1.01 -46.03
N ARG C 205 -22.91 0.38 -44.98
CA ARG C 205 -23.77 -0.80 -45.12
C ARG C 205 -25.04 -0.41 -45.86
N ALA C 206 -25.55 0.79 -45.60
CA ALA C 206 -26.78 1.24 -46.23
C ALA C 206 -26.56 1.62 -47.71
N VAL C 207 -25.45 2.33 -47.95
CA VAL C 207 -25.02 2.66 -49.31
C VAL C 207 -24.73 1.39 -50.12
N ALA C 208 -24.11 0.41 -49.47
CA ALA C 208 -23.79 -0.86 -50.12
C ALA C 208 -25.06 -1.54 -50.59
N PHE C 209 -26.15 -1.36 -49.84
CA PHE C 209 -27.41 -1.94 -50.23
C PHE C 209 -28.08 -1.15 -51.36
N GLU C 210 -28.00 0.18 -51.29
CA GLU C 210 -28.58 1.06 -52.30
C GLU C 210 -27.96 0.86 -53.67
N THR C 211 -26.64 0.68 -53.70
CA THR C 211 -25.93 0.46 -54.95
C THR C 211 -26.20 -0.92 -55.56
N GLY C 212 -26.75 -1.84 -54.77
CA GLY C 212 -27.08 -3.16 -55.25
C GLY C 212 -26.01 -4.18 -54.95
N ASP C 213 -24.89 -3.71 -54.40
CA ASP C 213 -23.75 -4.60 -54.06
C ASP C 213 -24.06 -5.70 -53.06
N ILE C 214 -25.02 -5.46 -52.16
CA ILE C 214 -25.45 -6.51 -51.24
C ILE C 214 -26.94 -6.80 -51.40
N ASP C 215 -27.30 -8.06 -51.15
CA ASP C 215 -28.63 -8.58 -51.44
C ASP C 215 -29.54 -8.52 -50.21
N LEU C 216 -28.93 -8.61 -49.04
CA LEU C 216 -29.68 -8.82 -47.81
C LEU C 216 -29.00 -8.18 -46.59
N LEU C 217 -29.82 -7.71 -45.66
CA LEU C 217 -29.35 -7.33 -44.34
C LEU C 217 -30.34 -7.92 -43.34
N TYR C 218 -29.84 -8.82 -42.51
CA TYR C 218 -30.65 -9.45 -41.49
C TYR C 218 -29.93 -9.28 -40.16
N GLY C 219 -30.59 -8.65 -39.20
CA GLY C 219 -29.99 -8.41 -37.89
C GLY C 219 -30.85 -7.54 -37.01
N ASN C 220 -30.33 -7.19 -35.83
N ASN C 220 -30.32 -7.18 -35.84
CA ASN C 220 -31.04 -6.31 -34.92
CA ASN C 220 -31.02 -6.29 -34.93
C ASN C 220 -31.07 -4.87 -35.42
C ASN C 220 -31.06 -4.86 -35.42
N GLU C 221 -32.02 -4.09 -34.91
CA GLU C 221 -32.10 -2.68 -35.25
C GLU C 221 -30.78 -2.02 -34.82
N GLY C 222 -30.15 -1.32 -35.75
CA GLY C 222 -28.80 -0.83 -35.55
C GLY C 222 -27.85 -1.40 -36.59
N LEU C 223 -28.31 -2.41 -37.33
CA LEU C 223 -27.55 -2.91 -38.48
C LEU C 223 -27.57 -1.85 -39.56
N LEU C 224 -28.63 -1.05 -39.55
CA LEU C 224 -28.76 0.09 -40.45
C LEU C 224 -29.16 1.33 -39.67
N PRO C 225 -28.76 2.52 -40.15
CA PRO C 225 -29.31 3.74 -39.56
C PRO C 225 -30.83 3.67 -39.68
N LEU C 226 -31.52 4.13 -38.65
CA LEU C 226 -32.94 3.86 -38.56
C LEU C 226 -33.76 4.81 -39.40
N ASP C 227 -33.23 6.01 -39.64
CA ASP C 227 -33.79 6.91 -40.64
C ASP C 227 -33.71 6.29 -42.04
N THR C 228 -32.57 5.68 -42.36
CA THR C 228 -32.38 5.04 -43.66
C THR C 228 -33.28 3.82 -43.83
N PHE C 229 -33.47 3.06 -42.76
CA PHE C 229 -34.33 1.88 -42.82
C PHE C 229 -35.81 2.29 -43.04
N ALA C 230 -36.21 3.37 -42.38
CA ALA C 230 -37.52 3.97 -42.58
C ALA C 230 -37.72 4.34 -44.06
N ARG C 231 -36.73 4.99 -44.66
CA ARG C 231 -36.77 5.36 -46.07
C ARG C 231 -36.93 4.13 -46.99
N PHE C 232 -36.12 3.11 -46.76
CA PHE C 232 -36.24 1.85 -47.50
C PHE C 232 -37.63 1.23 -47.44
N SER C 233 -38.26 1.28 -46.27
CA SER C 233 -39.57 0.65 -46.09
C SER C 233 -40.63 1.39 -46.90
N GLN C 234 -40.36 2.66 -47.21
CA GLN C 234 -41.25 3.47 -48.03
C GLN C 234 -41.03 3.22 -49.53
N ASN C 235 -39.90 2.61 -49.88
CA ASN C 235 -39.51 2.44 -51.28
C ASN C 235 -39.81 1.04 -51.80
N PRO C 236 -40.73 0.95 -52.79
CA PRO C 236 -41.14 -0.33 -53.38
C PRO C 236 -40.00 -1.09 -54.07
N ALA C 237 -38.90 -0.41 -54.35
CA ALA C 237 -37.69 -1.08 -54.86
C ALA C 237 -37.09 -2.04 -53.82
N TYR C 238 -37.38 -1.81 -52.56
CA TYR C 238 -36.85 -2.64 -51.47
C TYR C 238 -37.96 -3.42 -50.77
N HIS C 239 -37.59 -4.53 -50.12
CA HIS C 239 -38.48 -5.22 -49.17
C HIS C 239 -37.94 -5.04 -47.74
N THR C 240 -38.80 -4.66 -46.81
CA THR C 240 -38.37 -4.51 -45.42
C THR C 240 -39.29 -5.25 -44.44
N GLN C 241 -38.73 -5.64 -43.29
CA GLN C 241 -39.47 -6.35 -42.26
C GLN C 241 -39.05 -5.89 -40.85
N LEU C 242 -39.98 -5.98 -39.92
CA LEU C 242 -39.68 -5.82 -38.51
C LEU C 242 -40.42 -6.91 -37.78
N SER C 243 -39.71 -7.80 -37.09
CA SER C 243 -40.37 -8.82 -36.26
C SER C 243 -41.02 -8.16 -35.04
N GLN C 244 -41.75 -8.95 -34.28
CA GLN C 244 -42.18 -8.49 -32.97
C GLN C 244 -40.95 -8.33 -32.06
N PRO C 245 -41.06 -7.51 -30.99
CA PRO C 245 -39.89 -7.25 -30.14
C PRO C 245 -39.32 -8.57 -29.60
N ILE C 246 -37.99 -8.73 -29.67
CA ILE C 246 -37.33 -9.95 -29.25
C ILE C 246 -36.60 -9.80 -27.91
N GLU C 247 -36.10 -8.60 -27.65
CA GLU C 247 -35.27 -8.37 -26.46
C GLU C 247 -35.33 -6.93 -25.97
N THR C 248 -34.87 -6.71 -24.73
CA THR C 248 -34.76 -5.37 -24.17
C THR C 248 -33.40 -4.77 -24.53
N VAL C 249 -33.36 -3.46 -24.75
CA VAL C 249 -32.11 -2.73 -24.83
C VAL C 249 -32.13 -1.78 -23.63
N MET C 250 -31.05 -1.76 -22.86
CA MET C 250 -30.99 -0.93 -21.66
C MET C 250 -29.57 -0.51 -21.36
N LEU C 251 -29.42 0.41 -20.42
CA LEU C 251 -28.12 0.65 -19.84
C LEU C 251 -27.96 -0.21 -18.58
N ALA C 252 -26.81 -0.87 -18.48
CA ALA C 252 -26.39 -1.48 -17.19
C ALA C 252 -25.65 -0.41 -16.39
N LEU C 253 -26.22 -0.04 -15.23
CA LEU C 253 -25.58 0.94 -14.34
C LEU C 253 -24.65 0.26 -13.29
N ASN C 254 -23.39 0.66 -13.26
CA ASN C 254 -22.41 0.05 -12.36
C ASN C 254 -22.62 0.41 -10.88
N THR C 255 -23.34 -0.44 -10.16
CA THR C 255 -23.66 -0.16 -8.75
C THR C 255 -22.42 -0.25 -7.83
N ALA C 256 -21.31 -0.73 -8.39
CA ALA C 256 -20.05 -0.81 -7.69
C ALA C 256 -19.11 0.40 -7.91
N LYS C 257 -19.42 1.27 -8.85
CA LYS C 257 -18.49 2.36 -9.16
C LYS C 257 -19.16 3.71 -8.97
N ALA C 258 -18.44 4.65 -8.36
CA ALA C 258 -18.98 6.00 -8.21
C ALA C 258 -19.06 6.69 -9.61
N PRO C 259 -20.08 7.54 -9.81
CA PRO C 259 -21.17 7.87 -8.89
C PRO C 259 -22.42 7.03 -9.09
N THR C 260 -22.34 6.05 -9.97
CA THR C 260 -23.50 5.21 -10.22
C THR C 260 -23.79 4.23 -9.08
N ASN C 261 -22.87 4.17 -8.10
CA ASN C 261 -23.08 3.33 -6.93
C ASN C 261 -24.16 3.89 -5.98
N GLU C 262 -24.40 5.20 -6.08
CA GLU C 262 -25.48 5.84 -5.33
C GLU C 262 -26.85 5.51 -5.91
N LEU C 263 -27.76 5.02 -5.07
CA LEU C 263 -29.12 4.71 -5.51
C LEU C 263 -29.82 5.97 -6.05
N ALA C 264 -29.62 7.11 -5.38
CA ALA C 264 -30.28 8.35 -5.80
C ALA C 264 -29.80 8.82 -7.16
N VAL C 265 -28.60 8.41 -7.56
CA VAL C 265 -28.10 8.78 -8.87
C VAL C 265 -28.70 7.86 -9.93
N ARG C 266 -28.82 6.57 -9.61
CA ARG C 266 -29.36 5.59 -10.54
C ARG C 266 -30.84 5.86 -10.78
N GLU C 267 -31.54 6.29 -9.72
CA GLU C 267 -32.94 6.68 -9.81
C GLU C 267 -33.10 7.99 -10.62
N ALA C 268 -32.21 8.94 -10.39
CA ALA C 268 -32.17 10.19 -11.18
C ALA C 268 -31.93 9.91 -12.67
N LEU C 269 -30.97 9.03 -12.99
CA LEU C 269 -30.67 8.70 -14.37
C LEU C 269 -31.88 8.06 -15.06
N ASN C 270 -32.62 7.25 -14.30
CA ASN C 270 -33.83 6.60 -14.77
C ASN C 270 -35.00 7.58 -14.95
N TYR C 271 -34.84 8.79 -14.43
CA TYR C 271 -35.87 9.83 -14.55
C TYR C 271 -35.50 10.84 -15.66
N ALA C 272 -34.23 10.87 -16.02
CA ALA C 272 -33.72 11.95 -16.87
C ALA C 272 -33.93 11.73 -18.36
N VAL C 273 -34.14 10.48 -18.75
CA VAL C 273 -34.27 10.16 -20.16
C VAL C 273 -35.73 10.22 -20.61
N ASN C 274 -35.99 11.11 -21.57
CA ASN C 274 -37.26 11.16 -22.27
C ASN C 274 -37.28 10.03 -23.27
N LYS C 275 -37.92 8.93 -22.90
CA LYS C 275 -37.81 7.69 -23.67
C LYS C 275 -38.76 7.69 -24.86
N LYS C 276 -39.93 8.29 -24.66
CA LYS C 276 -40.91 8.44 -25.73
C LYS C 276 -40.32 9.22 -26.90
N SER C 277 -39.61 10.30 -26.57
CA SER C 277 -38.92 11.11 -27.56
C SER C 277 -37.68 10.40 -28.10
N LEU C 278 -37.04 9.57 -27.27
CA LEU C 278 -35.86 8.81 -27.70
C LEU C 278 -36.27 7.82 -28.79
N ILE C 279 -37.40 7.16 -28.56
CA ILE C 279 -37.92 6.21 -29.52
C ILE C 279 -38.35 6.91 -30.82
N ASP C 280 -39.18 7.95 -30.69
CA ASP C 280 -39.62 8.76 -31.82
C ASP C 280 -38.46 9.33 -32.64
N ASN C 281 -37.37 9.73 -31.97
CA ASN C 281 -36.22 10.32 -32.66
C ASN C 281 -35.19 9.31 -33.20
N ALA C 282 -34.98 8.21 -32.49
CA ALA C 282 -33.91 7.30 -32.86
C ALA C 282 -34.40 5.96 -33.41
N LEU C 283 -35.58 5.54 -33.00
CA LEU C 283 -36.14 4.27 -33.42
C LEU C 283 -37.40 4.46 -34.29
N TYR C 284 -37.77 5.72 -34.52
CA TYR C 284 -38.92 6.07 -35.34
C TYR C 284 -40.26 5.46 -34.91
N GLY C 285 -40.55 5.52 -33.61
CA GLY C 285 -41.82 5.06 -33.08
C GLY C 285 -42.16 3.60 -33.36
N THR C 286 -41.18 2.86 -33.88
CA THR C 286 -41.39 1.46 -34.20
C THR C 286 -41.50 0.60 -32.93
N GLN C 287 -40.78 0.99 -31.88
CA GLN C 287 -40.63 0.20 -30.65
C GLN C 287 -41.32 0.79 -29.43
N GLN C 288 -41.50 -0.03 -28.40
CA GLN C 288 -42.10 0.38 -27.13
C GLN C 288 -41.10 0.99 -26.15
N VAL C 289 -41.60 1.81 -25.23
CA VAL C 289 -40.82 2.23 -24.07
C VAL C 289 -40.67 1.03 -23.12
N ALA C 290 -39.43 0.74 -22.73
CA ALA C 290 -39.18 -0.31 -21.71
C ALA C 290 -39.14 0.30 -20.30
N ASP C 291 -39.89 -0.29 -19.38
CA ASP C 291 -39.84 0.16 -17.98
C ASP C 291 -39.06 -0.81 -17.11
N THR C 292 -38.92 -2.04 -17.60
CA THR C 292 -38.30 -3.08 -16.83
C THR C 292 -37.31 -3.88 -17.65
N LEU C 293 -36.41 -4.56 -16.93
CA LEU C 293 -35.41 -5.44 -17.54
C LEU C 293 -36.06 -6.39 -18.54
N PHE C 294 -37.18 -6.99 -18.15
CA PHE C 294 -37.91 -7.88 -19.03
C PHE C 294 -39.30 -7.32 -19.32
N ALA C 295 -39.71 -7.41 -20.60
CA ALA C 295 -41.07 -7.07 -21.01
C ALA C 295 -42.07 -7.94 -20.26
N PRO C 296 -43.28 -7.44 -20.03
CA PRO C 296 -44.37 -8.22 -19.40
C PRO C 296 -44.65 -9.53 -20.11
N SER C 297 -44.22 -9.66 -21.35
CA SER C 297 -44.55 -10.82 -22.17
C SER C 297 -43.59 -11.99 -21.99
N VAL C 298 -42.37 -11.69 -21.52
CA VAL C 298 -41.43 -12.73 -21.11
C VAL C 298 -42.09 -13.55 -20.01
N PRO C 299 -41.97 -14.88 -20.11
CA PRO C 299 -42.49 -15.81 -19.09
C PRO C 299 -42.04 -15.45 -17.67
N TYR C 300 -42.97 -15.48 -16.70
CA TYR C 300 -42.71 -15.16 -15.30
C TYR C 300 -42.42 -13.67 -15.01
N ALA C 301 -42.49 -12.83 -16.05
CA ALA C 301 -42.10 -11.41 -15.93
C ALA C 301 -43.24 -10.38 -15.84
N ASN C 302 -44.50 -10.83 -15.86
CA ASN C 302 -45.60 -9.89 -15.74
C ASN C 302 -45.90 -9.59 -14.27
N LEU C 303 -45.19 -8.62 -13.70
CA LEU C 303 -45.22 -8.45 -12.25
C LEU C 303 -45.83 -7.14 -11.79
N GLY C 304 -46.12 -6.24 -12.73
CA GLY C 304 -46.79 -5.01 -12.37
C GLY C 304 -45.84 -4.06 -11.70
N LEU C 305 -44.56 -4.20 -12.03
CA LEU C 305 -43.53 -3.34 -11.47
C LEU C 305 -43.84 -1.88 -11.82
N LYS C 306 -43.40 -0.97 -10.96
CA LYS C 306 -43.71 0.46 -11.10
C LYS C 306 -42.90 1.07 -12.23
N PRO C 307 -43.58 1.78 -13.16
CA PRO C 307 -42.85 2.39 -14.28
C PRO C 307 -42.06 3.63 -13.86
N SER C 308 -40.94 3.88 -14.52
CA SER C 308 -40.23 5.14 -14.31
C SER C 308 -40.69 6.16 -15.35
N GLN C 309 -41.04 7.35 -14.86
CA GLN C 309 -41.57 8.42 -15.65
C GLN C 309 -40.43 9.31 -16.11
N TYR C 310 -40.69 10.12 -17.12
CA TYR C 310 -39.76 11.18 -17.48
C TYR C 310 -40.04 12.35 -16.56
N ASP C 311 -39.08 12.70 -15.70
CA ASP C 311 -39.29 13.76 -14.74
C ASP C 311 -37.98 14.42 -14.32
N PRO C 312 -37.46 15.31 -15.17
CA PRO C 312 -36.18 15.98 -14.93
C PRO C 312 -36.15 16.71 -13.58
N GLN C 313 -37.31 17.16 -13.11
CA GLN C 313 -37.38 17.90 -11.85
C GLN C 313 -37.18 16.97 -10.66
N LYS C 314 -37.74 15.78 -10.77
CA LYS C 314 -37.57 14.76 -9.76
C LYS C 314 -36.12 14.26 -9.72
N ALA C 315 -35.53 14.10 -10.90
CA ALA C 315 -34.14 13.70 -11.03
C ALA C 315 -33.22 14.71 -10.36
N LYS C 316 -33.45 15.99 -10.65
CA LYS C 316 -32.65 17.08 -10.13
C LYS C 316 -32.78 17.20 -8.61
N ALA C 317 -33.92 16.75 -8.09
CA ALA C 317 -34.18 16.82 -6.67
C ALA C 317 -33.46 15.68 -5.94
N LEU C 318 -33.44 14.51 -6.56
CA LEU C 318 -32.74 13.34 -6.04
C LEU C 318 -31.26 13.64 -5.89
N LEU C 319 -30.69 14.27 -6.91
CA LEU C 319 -29.25 14.56 -6.95
C LEU C 319 -28.87 15.63 -5.93
N GLU C 320 -29.75 16.61 -5.80
CA GLU C 320 -29.61 17.70 -4.83
C GLU C 320 -29.58 17.14 -3.41
N LYS C 321 -30.47 16.19 -3.13
CA LYS C 321 -30.53 15.60 -1.81
C LYS C 321 -29.33 14.71 -1.56
N ALA C 322 -28.81 14.10 -2.61
CA ALA C 322 -27.61 13.26 -2.53
C ALA C 322 -26.33 14.08 -2.47
N GLY C 323 -26.46 15.41 -2.47
CA GLY C 323 -25.29 16.25 -2.33
C GLY C 323 -24.67 16.73 -3.63
N TRP C 324 -25.34 16.46 -4.75
CA TRP C 324 -24.85 16.96 -6.04
C TRP C 324 -25.51 18.26 -6.38
N THR C 325 -24.77 19.35 -6.29
CA THR C 325 -25.38 20.67 -6.41
C THR C 325 -24.72 21.43 -7.54
N LEU C 326 -25.38 22.47 -8.04
CA LEU C 326 -24.84 23.24 -9.15
C LEU C 326 -23.95 24.35 -8.65
N PRO C 327 -22.66 24.27 -8.97
CA PRO C 327 -21.77 25.34 -8.55
C PRO C 327 -22.01 26.60 -9.40
N ALA C 328 -21.55 27.74 -8.92
CA ALA C 328 -21.78 28.99 -9.63
C ALA C 328 -21.15 28.94 -11.02
N GLY C 329 -21.94 29.31 -12.03
CA GLY C 329 -21.43 29.47 -13.38
C GLY C 329 -21.25 28.19 -14.17
N LYS C 330 -21.65 27.05 -13.58
CA LYS C 330 -21.51 25.75 -14.24
C LYS C 330 -22.83 24.99 -14.31
N ASP C 331 -23.01 24.22 -15.37
CA ASP C 331 -24.24 23.42 -15.53
C ASP C 331 -24.05 21.97 -15.06
N ILE C 332 -22.82 21.57 -14.78
CA ILE C 332 -22.53 20.24 -14.26
C ILE C 332 -22.47 20.26 -12.72
N ARG C 333 -23.27 19.40 -12.08
CA ARG C 333 -23.31 19.31 -10.62
C ARG C 333 -21.99 18.83 -9.99
N GLU C 334 -21.76 19.24 -8.74
CA GLU C 334 -20.58 18.80 -7.96
C GLU C 334 -20.94 18.30 -6.57
N LYS C 335 -20.15 17.35 -6.11
CA LYS C 335 -20.23 16.84 -4.75
C LYS C 335 -18.81 16.76 -4.23
N ASN C 336 -18.58 17.33 -3.03
CA ASN C 336 -17.24 17.43 -2.42
C ASN C 336 -16.16 17.92 -3.39
N GLY C 337 -16.54 18.83 -4.29
CA GLY C 337 -15.63 19.36 -5.30
C GLY C 337 -15.46 18.50 -6.53
N GLN C 338 -16.22 17.41 -6.63
CA GLN C 338 -16.10 16.50 -7.78
C GLN C 338 -17.31 16.61 -8.72
N PRO C 339 -17.05 16.95 -9.99
CA PRO C 339 -18.08 17.06 -11.04
C PRO C 339 -18.84 15.74 -11.26
N LEU C 340 -20.16 15.80 -11.39
CA LEU C 340 -20.93 14.59 -11.69
C LEU C 340 -20.63 14.06 -13.11
N ARG C 341 -19.70 13.12 -13.21
CA ARG C 341 -19.22 12.64 -14.49
C ARG C 341 -19.38 11.12 -14.59
N ILE C 342 -20.06 10.66 -15.63
CA ILE C 342 -20.33 9.23 -15.78
C ILE C 342 -19.93 8.80 -17.17
N GLU C 343 -19.30 7.64 -17.27
CA GLU C 343 -18.85 7.13 -18.57
C GLU C 343 -19.87 6.18 -19.21
N LEU C 344 -20.21 6.44 -20.48
CA LEU C 344 -21.20 5.62 -21.16
C LEU C 344 -20.57 4.87 -22.33
N SER C 345 -20.39 3.58 -22.10
CA SER C 345 -19.75 2.68 -23.05
C SER C 345 -20.76 2.00 -23.99
N PHE C 346 -20.30 1.75 -25.22
CA PHE C 346 -21.11 1.08 -26.24
C PHE C 346 -20.22 0.59 -27.39
N ILE C 347 -20.79 -0.33 -28.18
CA ILE C 347 -20.11 -0.90 -29.34
C ILE C 347 -20.21 0.07 -30.52
N GLY C 348 -19.05 0.49 -31.07
CA GLY C 348 -19.00 1.50 -32.11
C GLY C 348 -19.70 1.20 -33.44
N THR C 349 -19.86 -0.08 -33.75
CA THR C 349 -20.50 -0.49 -34.99
C THR C 349 -22.02 -0.52 -34.89
N ASP C 350 -22.55 -0.31 -33.68
CA ASP C 350 -24.00 -0.31 -33.47
C ASP C 350 -24.62 1.08 -33.63
N ALA C 351 -25.36 1.25 -34.73
CA ALA C 351 -25.97 2.53 -35.05
C ALA C 351 -27.03 2.90 -34.03
N LEU C 352 -27.75 1.90 -33.53
CA LEU C 352 -28.80 2.13 -32.53
C LEU C 352 -28.19 2.60 -31.19
N SER C 353 -27.10 1.96 -30.78
CA SER C 353 -26.43 2.31 -29.54
C SER C 353 -25.83 3.70 -29.61
N LYS C 354 -25.08 3.95 -30.68
CA LYS C 354 -24.48 5.26 -30.89
C LYS C 354 -25.54 6.34 -30.92
N SER C 355 -26.63 6.10 -31.64
CA SER C 355 -27.70 7.06 -31.76
C SER C 355 -28.37 7.31 -30.41
N MET C 356 -28.69 6.23 -29.69
CA MET C 356 -29.27 6.36 -28.36
C MET C 356 -28.33 7.06 -27.36
N ALA C 357 -27.04 6.73 -27.42
CA ALA C 357 -26.01 7.34 -26.57
C ALA C 357 -26.01 8.86 -26.62
N GLU C 358 -26.04 9.41 -27.83
CA GLU C 358 -26.01 10.84 -28.06
C GLU C 358 -27.22 11.50 -27.41
N ILE C 359 -28.37 10.87 -27.55
CA ILE C 359 -29.60 11.43 -27.00
C ILE C 359 -29.56 11.40 -25.47
N ILE C 360 -29.06 10.29 -24.94
CA ILE C 360 -28.98 10.08 -23.50
C ILE C 360 -27.94 11.03 -22.91
N GLN C 361 -26.84 11.26 -23.63
CA GLN C 361 -25.87 12.26 -23.21
C GLN C 361 -26.50 13.65 -23.01
N ALA C 362 -27.32 14.03 -23.98
CA ALA C 362 -27.96 15.33 -23.95
C ALA C 362 -29.03 15.37 -22.86
N ASP C 363 -29.76 14.28 -22.68
CA ASP C 363 -30.76 14.22 -21.61
C ASP C 363 -30.13 14.35 -20.22
N MET C 364 -29.00 13.68 -19.98
CA MET C 364 -28.35 13.74 -18.68
C MET C 364 -27.81 15.13 -18.42
N ARG C 365 -27.39 15.82 -19.47
CA ARG C 365 -26.78 17.13 -19.27
C ARG C 365 -27.84 18.10 -18.75
N GLN C 366 -29.09 17.83 -19.10
CA GLN C 366 -30.20 18.65 -18.67
C GLN C 366 -30.45 18.56 -17.15
N ILE C 367 -29.89 17.55 -16.50
CA ILE C 367 -30.01 17.45 -15.05
C ILE C 367 -28.68 17.59 -14.31
N GLY C 368 -27.62 18.00 -15.01
CA GLY C 368 -26.38 18.33 -14.33
C GLY C 368 -25.34 17.23 -14.34
N ALA C 369 -25.67 16.14 -15.01
CA ALA C 369 -24.76 15.01 -15.19
C ALA C 369 -23.93 15.16 -16.49
N ASP C 370 -22.61 15.10 -16.41
CA ASP C 370 -21.75 15.15 -17.60
C ASP C 370 -21.33 13.74 -18.06
N VAL C 371 -22.06 13.20 -19.04
CA VAL C 371 -21.75 11.89 -19.61
C VAL C 371 -20.69 11.97 -20.72
N SER C 372 -19.75 11.03 -20.69
CA SER C 372 -18.75 10.92 -21.76
C SER C 372 -19.03 9.66 -22.57
N LEU C 373 -18.91 9.75 -23.89
CA LEU C 373 -19.22 8.61 -24.72
C LEU C 373 -17.95 7.86 -25.08
N ILE C 374 -17.98 6.53 -24.92
CA ILE C 374 -16.87 5.70 -25.36
C ILE C 374 -17.36 4.55 -26.26
N GLY C 375 -17.19 4.73 -27.57
CA GLY C 375 -17.45 3.68 -28.53
C GLY C 375 -16.18 2.88 -28.76
N GLU C 376 -16.29 1.55 -28.63
CA GLU C 376 -15.14 0.68 -28.81
C GLU C 376 -15.48 -0.54 -29.65
N GLU C 377 -14.45 -1.28 -30.06
CA GLU C 377 -14.64 -2.52 -30.78
C GLU C 377 -15.33 -3.56 -29.89
N GLU C 378 -15.96 -4.54 -30.52
CA GLU C 378 -16.78 -5.54 -29.83
C GLU C 378 -16.07 -6.24 -28.68
N SER C 379 -14.84 -6.67 -28.94
CA SER C 379 -14.11 -7.44 -27.93
C SER C 379 -13.81 -6.61 -26.68
N SER C 380 -13.49 -5.33 -26.86
CA SER C 380 -13.14 -4.45 -25.73
C SER C 380 -14.31 -4.14 -24.82
N ILE C 381 -15.50 -4.03 -25.41
CA ILE C 381 -16.73 -3.78 -24.67
C ILE C 381 -17.12 -5.00 -23.83
N TYR C 382 -16.89 -6.19 -24.39
CA TYR C 382 -17.18 -7.42 -23.64
C TYR C 382 -16.17 -7.60 -22.50
N ALA C 383 -14.95 -7.13 -22.71
CA ALA C 383 -13.94 -7.14 -21.66
C ALA C 383 -14.38 -6.24 -20.49
N ARG C 384 -14.81 -5.02 -20.82
CA ARG C 384 -15.31 -4.08 -19.82
C ARG C 384 -16.45 -4.69 -19.03
N GLN C 385 -17.31 -5.46 -19.69
CA GLN C 385 -18.47 -6.05 -19.02
C GLN C 385 -18.04 -7.11 -18.01
N ARG C 386 -17.02 -7.86 -18.35
CA ARG C 386 -16.40 -8.84 -17.48
C ARG C 386 -15.65 -8.25 -16.31
N ASP C 387 -14.94 -7.16 -16.56
CA ASP C 387 -14.05 -6.54 -15.58
C ASP C 387 -14.68 -5.43 -14.74
N GLY C 388 -15.94 -5.09 -15.03
CA GLY C 388 -16.59 -3.96 -14.36
C GLY C 388 -15.98 -2.61 -14.70
N ARG C 389 -15.20 -2.54 -15.80
CA ARG C 389 -14.62 -1.26 -16.22
C ARG C 389 -15.63 -0.42 -17.00
N PHE C 390 -16.62 0.12 -16.29
CA PHE C 390 -17.63 0.98 -16.89
C PHE C 390 -18.44 1.69 -15.82
N GLY C 391 -19.01 2.84 -16.20
CA GLY C 391 -19.99 3.52 -15.36
C GLY C 391 -21.37 3.10 -15.83
N MET C 392 -21.67 3.44 -17.09
CA MET C 392 -22.89 3.00 -17.74
C MET C 392 -22.49 2.28 -19.01
N ILE C 393 -23.15 1.16 -19.28
CA ILE C 393 -22.83 0.42 -20.48
C ILE C 393 -24.08 -0.10 -21.21
N PHE C 394 -24.10 0.03 -22.54
CA PHE C 394 -25.22 -0.52 -23.32
C PHE C 394 -25.31 -2.03 -23.18
N HIS C 395 -26.52 -2.49 -22.88
CA HIS C 395 -26.75 -3.90 -22.61
C HIS C 395 -28.08 -4.34 -23.22
N ARG C 396 -28.22 -5.62 -23.54
CA ARG C 396 -29.50 -6.14 -24.03
C ARG C 396 -29.78 -7.54 -23.51
N THR C 397 -31.07 -7.91 -23.41
CA THR C 397 -31.37 -9.30 -23.12
C THR C 397 -31.15 -10.20 -24.35
N TRP C 398 -31.51 -11.47 -24.25
CA TRP C 398 -30.99 -12.44 -25.22
C TRP C 398 -32.08 -13.10 -26.05
N GLY C 399 -33.32 -12.91 -25.63
CA GLY C 399 -34.44 -13.50 -26.34
C GLY C 399 -34.62 -14.98 -26.04
N ALA C 400 -35.58 -15.59 -26.74
CA ALA C 400 -35.85 -17.00 -26.55
C ALA C 400 -34.65 -17.78 -27.07
N PRO C 401 -34.33 -18.89 -26.39
CA PRO C 401 -35.01 -19.32 -25.15
C PRO C 401 -34.31 -18.84 -23.87
N TYR C 402 -33.23 -18.06 -24.03
CA TYR C 402 -32.47 -17.54 -22.89
C TYR C 402 -33.27 -16.76 -21.84
N ASP C 403 -34.25 -15.97 -22.27
CA ASP C 403 -34.98 -15.11 -21.34
C ASP C 403 -36.16 -15.86 -20.74
N PRO C 404 -36.31 -15.80 -19.39
CA PRO C 404 -35.39 -15.14 -18.44
C PRO C 404 -34.34 -16.05 -17.76
N HIS C 405 -34.51 -17.38 -17.84
CA HIS C 405 -33.73 -18.32 -17.01
C HIS C 405 -32.21 -18.34 -17.25
N ALA C 406 -31.78 -18.43 -18.50
CA ALA C 406 -30.36 -18.43 -18.81
C ALA C 406 -29.73 -17.07 -18.52
N PHE C 407 -30.50 -16.01 -18.77
CA PHE C 407 -29.99 -14.67 -18.61
C PHE C 407 -29.70 -14.46 -17.13
N LEU C 408 -30.64 -14.82 -16.27
CA LEU C 408 -30.45 -14.73 -14.83
C LEU C 408 -29.29 -15.63 -14.35
N SER C 409 -29.24 -16.85 -14.86
CA SER C 409 -28.14 -17.76 -14.54
C SER C 409 -26.76 -17.14 -14.77
N SER C 410 -26.65 -16.28 -15.79
CA SER C 410 -25.36 -15.69 -16.17
C SER C 410 -24.94 -14.50 -15.28
N MET C 411 -25.86 -14.05 -14.43
CA MET C 411 -25.61 -12.93 -13.52
C MET C 411 -24.76 -13.38 -12.31
N ARG C 412 -24.65 -14.69 -12.16
CA ARG C 412 -23.95 -15.29 -11.03
C ARG C 412 -22.42 -15.33 -11.23
N VAL C 413 -21.97 -15.19 -12.46
CA VAL C 413 -20.54 -15.14 -12.79
C VAL C 413 -20.29 -14.00 -13.75
N PRO C 414 -19.02 -13.56 -13.87
CA PRO C 414 -18.69 -12.59 -14.93
C PRO C 414 -19.00 -13.12 -16.32
N SER C 415 -20.13 -12.72 -16.89
CA SER C 415 -20.53 -13.15 -18.23
C SER C 415 -20.64 -11.91 -19.11
N HIS C 416 -21.81 -11.29 -19.08
CA HIS C 416 -21.99 -9.95 -19.63
C HIS C 416 -21.90 -8.96 -18.45
N ALA C 417 -22.45 -7.75 -18.58
CA ALA C 417 -22.22 -6.72 -17.57
C ALA C 417 -22.83 -7.03 -16.20
N ASP C 418 -23.81 -7.91 -16.18
CA ASP C 418 -24.69 -8.05 -15.03
C ASP C 418 -24.00 -8.31 -13.70
N PHE C 419 -23.11 -9.31 -13.67
CA PHE C 419 -22.40 -9.67 -12.45
C PHE C 419 -21.68 -8.46 -11.87
N GLN C 420 -20.76 -7.87 -12.64
CA GLN C 420 -20.03 -6.69 -12.21
C GLN C 420 -20.93 -5.51 -11.84
N ALA C 421 -21.97 -5.27 -12.65
CA ALA C 421 -22.90 -4.17 -12.38
C ALA C 421 -23.66 -4.29 -11.05
N GLN C 422 -23.83 -5.50 -10.55
CA GLN C 422 -24.63 -5.70 -9.34
C GLN C 422 -23.81 -5.82 -8.06
N GLN C 423 -22.48 -5.72 -8.19
CA GLN C 423 -21.56 -5.94 -7.06
C GLN C 423 -21.73 -5.01 -5.87
N GLY C 424 -22.38 -3.86 -6.07
CA GLY C 424 -22.57 -2.90 -5.01
C GLY C 424 -23.88 -3.10 -4.28
N LEU C 425 -24.62 -4.14 -4.66
CA LEU C 425 -25.94 -4.40 -4.10
C LEU C 425 -25.88 -5.26 -2.83
N ALA C 426 -26.45 -4.74 -1.75
CA ALA C 426 -26.51 -5.43 -0.47
C ALA C 426 -27.04 -6.86 -0.59
N ASP C 427 -28.11 -7.01 -1.37
CA ASP C 427 -28.74 -8.33 -1.53
C ASP C 427 -28.27 -9.13 -2.75
N LYS C 428 -27.16 -8.72 -3.36
CA LYS C 428 -26.58 -9.51 -4.47
C LYS C 428 -26.36 -11.00 -4.21
N PRO C 429 -25.90 -11.38 -2.98
CA PRO C 429 -25.75 -12.83 -2.77
C PRO C 429 -27.10 -13.51 -2.60
N LEU C 430 -28.04 -12.79 -1.98
CA LEU C 430 -29.40 -13.29 -1.83
C LEU C 430 -29.97 -13.59 -3.21
N ILE C 431 -29.77 -12.63 -4.10
CA ILE C 431 -30.22 -12.70 -5.48
C ILE C 431 -29.56 -13.87 -6.22
N ASP C 432 -28.24 -14.01 -6.09
CA ASP C 432 -27.56 -15.15 -6.71
C ASP C 432 -28.02 -16.50 -6.16
N LYS C 433 -28.46 -16.52 -4.90
CA LYS C 433 -28.85 -17.76 -4.27
C LYS C 433 -30.22 -18.11 -4.79
N GLU C 434 -31.09 -17.11 -4.82
CA GLU C 434 -32.43 -17.27 -5.40
C GLU C 434 -32.42 -17.67 -6.89
N ILE C 435 -31.50 -17.12 -7.67
CA ILE C 435 -31.33 -17.52 -9.07
C ILE C 435 -31.01 -19.01 -9.21
N GLY C 436 -30.10 -19.51 -8.38
CA GLY C 436 -29.82 -20.94 -8.29
C GLY C 436 -31.07 -21.75 -7.95
N GLU C 437 -31.97 -21.18 -7.15
CA GLU C 437 -33.16 -21.89 -6.73
C GLU C 437 -34.24 -21.99 -7.81
N VAL C 438 -34.41 -20.92 -8.62
CA VAL C 438 -35.37 -20.98 -9.72
C VAL C 438 -34.93 -22.04 -10.72
N LEU C 439 -33.62 -22.13 -10.91
CA LEU C 439 -33.08 -23.07 -11.88
C LEU C 439 -33.30 -24.54 -11.48
N ALA C 440 -33.57 -24.76 -10.19
CA ALA C 440 -33.56 -26.11 -9.63
C ALA C 440 -34.95 -26.56 -9.25
N THR C 441 -35.81 -25.61 -8.90
CA THR C 441 -37.14 -25.96 -8.40
C THR C 441 -38.03 -26.51 -9.52
N HIS C 442 -38.95 -27.41 -9.15
CA HIS C 442 -39.89 -27.98 -10.09
C HIS C 442 -41.30 -27.51 -9.74
N ASP C 443 -41.42 -26.90 -8.56
CA ASP C 443 -42.66 -26.28 -8.11
C ASP C 443 -42.97 -25.02 -8.94
N GLU C 444 -44.15 -24.99 -9.54
CA GLU C 444 -44.56 -23.87 -10.38
C GLU C 444 -44.75 -22.58 -9.59
N THR C 445 -45.54 -22.65 -8.53
CA THR C 445 -45.79 -21.50 -7.67
C THR C 445 -44.48 -20.88 -7.19
N GLN C 446 -43.52 -21.74 -6.79
CA GLN C 446 -42.25 -21.31 -6.24
C GLN C 446 -41.38 -20.64 -7.30
N ARG C 447 -41.40 -21.17 -8.51
CA ARG C 447 -40.66 -20.58 -9.61
C ARG C 447 -41.11 -19.15 -9.84
N GLN C 448 -42.42 -18.92 -9.73
CA GLN C 448 -42.98 -17.60 -9.95
C GLN C 448 -42.51 -16.66 -8.86
N ALA C 449 -42.61 -17.12 -7.62
CA ALA C 449 -42.25 -16.30 -6.46
C ALA C 449 -40.79 -15.87 -6.52
N LEU C 450 -39.92 -16.80 -6.89
CA LEU C 450 -38.50 -16.51 -6.99
C LEU C 450 -38.22 -15.49 -8.10
N TYR C 451 -38.81 -15.73 -9.28
CA TYR C 451 -38.71 -14.81 -10.41
C TYR C 451 -39.23 -13.43 -10.02
N ARG C 452 -40.39 -13.40 -9.36
CA ARG C 452 -40.90 -12.15 -8.85
C ARG C 452 -39.87 -11.46 -7.97
N ASP C 453 -39.28 -12.20 -7.01
CA ASP C 453 -38.41 -11.57 -6.01
C ASP C 453 -37.12 -11.04 -6.62
N ILE C 454 -36.52 -11.86 -7.47
CA ILE C 454 -35.26 -11.52 -8.11
C ILE C 454 -35.40 -10.24 -8.92
N LEU C 455 -36.40 -10.23 -9.80
CA LEU C 455 -36.69 -9.08 -10.67
C LEU C 455 -37.20 -7.84 -9.91
N THR C 456 -37.95 -8.01 -8.83
CA THR C 456 -38.40 -6.84 -8.08
C THR C 456 -37.23 -6.12 -7.42
N ARG C 457 -36.29 -6.89 -6.88
CA ARG C 457 -35.10 -6.30 -6.26
C ARG C 457 -34.25 -5.56 -7.30
N LEU C 458 -33.99 -6.22 -8.43
CA LEU C 458 -33.18 -5.60 -9.48
C LEU C 458 -33.80 -4.27 -9.91
N HIS C 459 -35.13 -4.25 -10.00
CA HIS C 459 -35.87 -3.06 -10.40
C HIS C 459 -35.88 -2.00 -9.32
N ASP C 460 -36.28 -2.38 -8.11
CA ASP C 460 -36.30 -1.44 -7.00
C ASP C 460 -34.93 -0.81 -6.72
N GLU C 461 -33.86 -1.54 -7.02
CA GLU C 461 -32.52 -1.01 -6.80
C GLU C 461 -31.93 -0.29 -8.01
N ALA C 462 -32.70 -0.23 -9.11
CA ALA C 462 -32.33 0.59 -10.25
C ALA C 462 -30.98 0.18 -10.83
N VAL C 463 -30.74 -1.12 -10.90
CA VAL C 463 -29.53 -1.64 -11.54
C VAL C 463 -29.46 -1.23 -13.00
N TYR C 464 -30.62 -1.24 -13.65
CA TYR C 464 -30.68 -0.99 -15.08
C TYR C 464 -31.39 0.31 -15.39
N LEU C 465 -31.08 0.85 -16.57
CA LEU C 465 -31.87 1.93 -17.19
C LEU C 465 -32.47 1.36 -18.49
N PRO C 466 -33.66 0.73 -18.35
CA PRO C 466 -34.34 0.14 -19.51
C PRO C 466 -34.78 1.23 -20.49
N ILE C 467 -34.58 0.99 -21.79
CA ILE C 467 -34.86 2.00 -22.79
C ILE C 467 -35.99 1.56 -23.68
N SER C 468 -35.75 0.53 -24.50
CA SER C 468 -36.77 0.03 -25.40
C SER C 468 -36.75 -1.49 -25.56
N TYR C 469 -37.83 -2.02 -26.14
CA TYR C 469 -37.86 -3.40 -26.59
C TYR C 469 -37.65 -3.40 -28.10
N ILE C 470 -36.61 -4.08 -28.57
CA ILE C 470 -36.25 -3.99 -29.96
C ILE C 470 -36.60 -5.25 -30.77
N SER C 471 -36.56 -5.12 -32.09
CA SER C 471 -36.98 -6.19 -32.98
C SER C 471 -35.90 -6.58 -33.96
N MET C 472 -36.05 -7.75 -34.56
CA MET C 472 -35.24 -8.08 -35.73
C MET C 472 -35.68 -7.23 -36.94
N MET C 473 -34.72 -6.80 -37.73
CA MET C 473 -35.02 -6.08 -38.95
C MET C 473 -34.41 -6.77 -40.16
N VAL C 474 -35.13 -6.72 -41.28
CA VAL C 474 -34.66 -7.27 -42.55
C VAL C 474 -34.85 -6.23 -43.65
N VAL C 475 -33.88 -6.16 -44.55
CA VAL C 475 -33.97 -5.36 -45.76
C VAL C 475 -33.45 -6.25 -46.89
N SER C 476 -34.29 -6.53 -47.87
CA SER C 476 -33.91 -7.46 -48.93
C SER C 476 -34.36 -7.02 -50.33
N LYS C 477 -33.82 -7.67 -51.35
CA LYS C 477 -34.35 -7.51 -52.70
C LYS C 477 -35.68 -8.24 -52.74
N PRO C 478 -36.70 -7.62 -53.36
CA PRO C 478 -38.07 -8.13 -53.37
C PRO C 478 -38.16 -9.55 -53.94
N GLU C 479 -37.24 -9.88 -54.83
CA GLU C 479 -37.15 -11.23 -55.41
C GLU C 479 -36.89 -12.34 -54.39
N LEU C 480 -36.26 -11.99 -53.26
CA LEU C 480 -35.89 -12.96 -52.23
C LEU C 480 -37.09 -13.43 -51.40
N GLY C 481 -38.25 -12.81 -51.66
CA GLY C 481 -39.47 -13.19 -51.00
C GLY C 481 -39.60 -12.67 -49.57
N ASN C 482 -40.58 -13.19 -48.85
CA ASN C 482 -40.70 -12.88 -47.43
C ASN C 482 -39.70 -13.74 -46.64
N ILE C 483 -38.86 -13.09 -45.83
CA ILE C 483 -37.85 -13.76 -45.02
C ILE C 483 -38.44 -14.20 -43.68
N PRO C 484 -38.21 -15.46 -43.30
CA PRO C 484 -38.67 -15.92 -41.99
C PRO C 484 -37.68 -15.58 -40.88
N TYR C 485 -38.13 -15.69 -39.64
CA TYR C 485 -37.28 -15.44 -38.49
C TYR C 485 -36.98 -16.76 -37.79
N ALA C 486 -35.70 -16.96 -37.46
CA ALA C 486 -35.29 -18.10 -36.66
C ALA C 486 -35.76 -17.92 -35.21
N PRO C 487 -36.21 -19.02 -34.59
CA PRO C 487 -36.69 -19.05 -33.19
C PRO C 487 -35.64 -18.53 -32.21
N ILE C 488 -34.37 -18.80 -32.49
CA ILE C 488 -33.27 -18.27 -31.69
C ILE C 488 -32.82 -16.94 -32.27
N ALA C 489 -32.92 -15.89 -31.46
CA ALA C 489 -32.63 -14.52 -31.90
C ALA C 489 -31.27 -14.36 -32.62
N THR C 490 -30.27 -15.09 -32.16
CA THR C 490 -28.92 -14.93 -32.73
C THR C 490 -28.71 -15.66 -34.05
N GLU C 491 -29.63 -16.55 -34.42
CA GLU C 491 -29.50 -17.32 -35.66
C GLU C 491 -30.19 -16.64 -36.86
N ILE C 492 -29.66 -16.89 -38.05
CA ILE C 492 -30.23 -16.36 -39.30
C ILE C 492 -30.53 -17.49 -40.28
N PRO C 493 -31.82 -17.68 -40.59
CA PRO C 493 -32.24 -18.87 -41.35
C PRO C 493 -31.89 -18.81 -42.85
N PHE C 494 -30.61 -18.78 -43.18
CA PHE C 494 -30.17 -18.72 -44.58
C PHE C 494 -30.68 -19.90 -45.41
N GLU C 495 -30.76 -21.07 -44.80
CA GLU C 495 -31.26 -22.27 -45.47
C GLU C 495 -32.75 -22.15 -45.85
N GLN C 496 -33.41 -21.12 -45.34
CA GLN C 496 -34.84 -20.93 -45.55
C GLN C 496 -35.15 -19.90 -46.63
N ILE C 497 -34.10 -19.22 -47.11
CA ILE C 497 -34.23 -18.25 -48.20
C ILE C 497 -34.61 -18.92 -49.55
N LYS C 498 -35.75 -18.51 -50.12
CA LYS C 498 -36.27 -19.10 -51.35
C LYS C 498 -36.51 -18.02 -52.40
N PRO C 499 -35.66 -17.95 -53.44
CA PRO C 499 -35.84 -17.01 -54.54
C PRO C 499 -37.05 -17.35 -55.41
#